data_9JBD
# 
_entry.id   9JBD 
# 
_audit_conform.dict_name       mmcif_pdbx.dic 
_audit_conform.dict_version    5.404 
_audit_conform.dict_location   http://mmcif.pdb.org/dictionaries/ascii/mmcif_pdbx.dic 
# 
loop_
_database_2.database_id 
_database_2.database_code 
_database_2.pdbx_database_accession 
_database_2.pdbx_DOI 
PDB   9JBD         pdb_00009jbd 10.2210/pdb9jbd/pdb 
WWPDB D_1300050425 ?            ?                   
# 
_pdbx_audit_revision_history.ordinal             1 
_pdbx_audit_revision_history.data_content_type   'Structure model' 
_pdbx_audit_revision_history.major_revision      1 
_pdbx_audit_revision_history.minor_revision      0 
_pdbx_audit_revision_history.revision_date       2025-08-27 
_pdbx_audit_revision_history.part_number         ? 
# 
_pdbx_audit_revision_details.ordinal             1 
_pdbx_audit_revision_details.revision_ordinal    1 
_pdbx_audit_revision_details.data_content_type   'Structure model' 
_pdbx_audit_revision_details.provider            repository 
_pdbx_audit_revision_details.type                'Initial release' 
_pdbx_audit_revision_details.description         ? 
_pdbx_audit_revision_details.details             ? 
# 
_pdbx_database_status.status_code                     REL 
_pdbx_database_status.status_code_sf                  REL 
_pdbx_database_status.status_code_mr                  ? 
_pdbx_database_status.entry_id                        9JBD 
_pdbx_database_status.recvd_initial_deposition_date   2024-08-26 
_pdbx_database_status.SG_entry                        N 
_pdbx_database_status.deposit_site                    PDBJ 
_pdbx_database_status.process_site                    PDBJ 
_pdbx_database_status.status_code_cs                  ? 
_pdbx_database_status.status_code_nmr_data            ? 
_pdbx_database_status.methods_development_category    ? 
_pdbx_database_status.pdb_format_compatible           Y 
# 
_pdbx_contact_author.id                 2 
_pdbx_contact_author.email              hyojec@cbnu.ac.kr 
_pdbx_contact_author.name_first         'Hyo Je' 
_pdbx_contact_author.name_last          Cho 
_pdbx_contact_author.name_mi            ? 
_pdbx_contact_author.role               'principal investigator/group leader' 
_pdbx_contact_author.identifier_ORCID   0000-0001-6822-5685 
# 
loop_
_audit_author.name 
_audit_author.pdbx_ordinal 
_audit_author.identifier_ORCID 
'Cho, H.J.'  1 0000-0001-6822-5685 
'Yang, S.H.' 2 0009-0007-7461-8179 
# 
_citation.abstract                  ? 
_citation.abstract_id_CAS           ? 
_citation.book_id_ISBN              ? 
_citation.book_publisher            ? 
_citation.book_publisher_city       ? 
_citation.book_title                ? 
_citation.coordinate_linkage        ? 
_citation.country                   US 
_citation.database_id_Medline       ? 
_citation.details                   ? 
_citation.id                        primary 
_citation.journal_abbrev            Biochem.Biophys.Res.Commun. 
_citation.journal_id_ASTM           BBRCA9 
_citation.journal_id_CSD            0146 
_citation.journal_id_ISSN           1090-2104 
_citation.journal_full              ? 
_citation.journal_issue             ? 
_citation.journal_volume            768 
_citation.language                  ? 
_citation.page_first                151945 
_citation.page_last                 151945 
_citation.title                     
;Structural comparison of three MoaE proteins in Mycobacterium tuberculosis: Insights into molybdopterin synthase assembly and specificity.
;
_citation.year                      2025 
_citation.database_id_CSD           ? 
_citation.pdbx_database_id_DOI      10.1016/j.bbrc.2025.151945 
_citation.pdbx_database_id_PubMed   40345009 
_citation.pdbx_database_id_patent   ? 
_citation.unpublished_flag          ? 
# 
loop_
_citation_author.citation_id 
_citation_author.name 
_citation_author.ordinal 
_citation_author.identifier_ORCID 
primary 'Cho, H.J.'  1 ? 
primary 'Yang, S.H.' 2 ? 
primary 'Lee, H.S.'  3 ? 
primary 'Kang, B.S.' 4 ? 
# 
loop_
_entity.id 
_entity.type 
_entity.src_method 
_entity.pdbx_description 
_entity.formula_weight 
_entity.pdbx_number_of_molecules 
_entity.pdbx_ec 
_entity.pdbx_mutation 
_entity.pdbx_fragment 
_entity.details 
1 polymer     man 'Probable MoaD-MoaE fusion protein MoaX' 15903.997 1  ? ? ? 'MoaE like domain in MoaX protein' 
2 non-polymer syn '2-(N-MORPHOLINO)-ETHANESULFONIC ACID'   195.237   1  ? ? ? ?                                  
3 non-polymer syn GLYCEROL                                 92.094    2  ? ? ? ?                                  
4 water       nat water                                    18.015    28 ? ? ? ?                                  
# 
_entity_name_com.entity_id   1 
_entity_name_com.name        'molybdopterin synthase' 
# 
_entity_poly.entity_id                      1 
_entity_poly.type                           'polypeptide(L)' 
_entity_poly.nstd_linkage                   no 
_entity_poly.nstd_monomer                   no 
_entity_poly.pdbx_seq_one_letter_code       
;IPQVAGGSDVYCRLTDEPLSVDEVLNAISGPSQGGAVIFVGTVRNNNNGHEVTKLYYEAYPAMVHRTLMDIIEECERQAD
GVRVAVAHRTGELRIGDAAVVIGASAPHRAAAFDAARMCIERLKQDVPIWKKEFALDGVEWVANRP
;
_entity_poly.pdbx_seq_one_letter_code_can   
;IPQVAGGSDVYCRLTDEPLSVDEVLNAISGPSQGGAVIFVGTVRNNNNGHEVTKLYYEAYPAMVHRTLMDIIEECERQAD
GVRVAVAHRTGELRIGDAAVVIGASAPHRAAAFDAARMCIERLKQDVPIWKKEFALDGVEWVANRP
;
_entity_poly.pdbx_strand_id                 A 
_entity_poly.pdbx_target_identifier         ? 
# 
loop_
_pdbx_entity_nonpoly.entity_id 
_pdbx_entity_nonpoly.name 
_pdbx_entity_nonpoly.comp_id 
2 '2-(N-MORPHOLINO)-ETHANESULFONIC ACID' MES 
3 GLYCEROL                               GOL 
4 water                                  HOH 
# 
loop_
_entity_poly_seq.entity_id 
_entity_poly_seq.num 
_entity_poly_seq.mon_id 
_entity_poly_seq.hetero 
1 1   ILE n 
1 2   PRO n 
1 3   GLN n 
1 4   VAL n 
1 5   ALA n 
1 6   GLY n 
1 7   GLY n 
1 8   SER n 
1 9   ASP n 
1 10  VAL n 
1 11  TYR n 
1 12  CYS n 
1 13  ARG n 
1 14  LEU n 
1 15  THR n 
1 16  ASP n 
1 17  GLU n 
1 18  PRO n 
1 19  LEU n 
1 20  SER n 
1 21  VAL n 
1 22  ASP n 
1 23  GLU n 
1 24  VAL n 
1 25  LEU n 
1 26  ASN n 
1 27  ALA n 
1 28  ILE n 
1 29  SER n 
1 30  GLY n 
1 31  PRO n 
1 32  SER n 
1 33  GLN n 
1 34  GLY n 
1 35  GLY n 
1 36  ALA n 
1 37  VAL n 
1 38  ILE n 
1 39  PHE n 
1 40  VAL n 
1 41  GLY n 
1 42  THR n 
1 43  VAL n 
1 44  ARG n 
1 45  ASN n 
1 46  ASN n 
1 47  ASN n 
1 48  ASN n 
1 49  GLY n 
1 50  HIS n 
1 51  GLU n 
1 52  VAL n 
1 53  THR n 
1 54  LYS n 
1 55  LEU n 
1 56  TYR n 
1 57  TYR n 
1 58  GLU n 
1 59  ALA n 
1 60  TYR n 
1 61  PRO n 
1 62  ALA n 
1 63  MET n 
1 64  VAL n 
1 65  HIS n 
1 66  ARG n 
1 67  THR n 
1 68  LEU n 
1 69  MET n 
1 70  ASP n 
1 71  ILE n 
1 72  ILE n 
1 73  GLU n 
1 74  GLU n 
1 75  CYS n 
1 76  GLU n 
1 77  ARG n 
1 78  GLN n 
1 79  ALA n 
1 80  ASP n 
1 81  GLY n 
1 82  VAL n 
1 83  ARG n 
1 84  VAL n 
1 85  ALA n 
1 86  VAL n 
1 87  ALA n 
1 88  HIS n 
1 89  ARG n 
1 90  THR n 
1 91  GLY n 
1 92  GLU n 
1 93  LEU n 
1 94  ARG n 
1 95  ILE n 
1 96  GLY n 
1 97  ASP n 
1 98  ALA n 
1 99  ALA n 
1 100 VAL n 
1 101 VAL n 
1 102 ILE n 
1 103 GLY n 
1 104 ALA n 
1 105 SER n 
1 106 ALA n 
1 107 PRO n 
1 108 HIS n 
1 109 ARG n 
1 110 ALA n 
1 111 ALA n 
1 112 ALA n 
1 113 PHE n 
1 114 ASP n 
1 115 ALA n 
1 116 ALA n 
1 117 ARG n 
1 118 MET n 
1 119 CYS n 
1 120 ILE n 
1 121 GLU n 
1 122 ARG n 
1 123 LEU n 
1 124 LYS n 
1 125 GLN n 
1 126 ASP n 
1 127 VAL n 
1 128 PRO n 
1 129 ILE n 
1 130 TRP n 
1 131 LYS n 
1 132 LYS n 
1 133 GLU n 
1 134 PHE n 
1 135 ALA n 
1 136 LEU n 
1 137 ASP n 
1 138 GLY n 
1 139 VAL n 
1 140 GLU n 
1 141 TRP n 
1 142 VAL n 
1 143 ALA n 
1 144 ASN n 
1 145 ARG n 
1 146 PRO n 
# 
_entity_src_gen.entity_id                          1 
_entity_src_gen.pdbx_src_id                        1 
_entity_src_gen.pdbx_alt_source_flag               sample 
_entity_src_gen.pdbx_seq_type                      'Biological sequence' 
_entity_src_gen.pdbx_beg_seq_num                   1 
_entity_src_gen.pdbx_end_seq_num                   146 
_entity_src_gen.gene_src_common_name               ? 
_entity_src_gen.gene_src_genus                     ? 
_entity_src_gen.pdbx_gene_src_gene                 'moaX, Rv3323c' 
_entity_src_gen.gene_src_species                   ? 
_entity_src_gen.gene_src_strain                    ? 
_entity_src_gen.gene_src_tissue                    ? 
_entity_src_gen.gene_src_tissue_fraction           ? 
_entity_src_gen.gene_src_details                   ? 
_entity_src_gen.pdbx_gene_src_fragment             ? 
_entity_src_gen.pdbx_gene_src_scientific_name      'Mycobacterium tuberculosis (strain ATCC 25618 / H37Rv)' 
_entity_src_gen.pdbx_gene_src_ncbi_taxonomy_id     83332 
_entity_src_gen.pdbx_gene_src_variant              ? 
_entity_src_gen.pdbx_gene_src_cell_line            ? 
_entity_src_gen.pdbx_gene_src_atcc                 ? 
_entity_src_gen.pdbx_gene_src_organ                ? 
_entity_src_gen.pdbx_gene_src_organelle            ? 
_entity_src_gen.pdbx_gene_src_cell                 ? 
_entity_src_gen.pdbx_gene_src_cellular_location    ? 
_entity_src_gen.host_org_common_name               ? 
_entity_src_gen.pdbx_host_org_scientific_name      'Escherichia coli BL21(DE3)' 
_entity_src_gen.pdbx_host_org_ncbi_taxonomy_id     469008 
_entity_src_gen.host_org_genus                     ? 
_entity_src_gen.pdbx_host_org_gene                 ? 
_entity_src_gen.pdbx_host_org_organ                ? 
_entity_src_gen.host_org_species                   ? 
_entity_src_gen.pdbx_host_org_tissue               ? 
_entity_src_gen.pdbx_host_org_tissue_fraction      ? 
_entity_src_gen.pdbx_host_org_strain               ? 
_entity_src_gen.pdbx_host_org_variant              ? 
_entity_src_gen.pdbx_host_org_cell_line            ? 
_entity_src_gen.pdbx_host_org_atcc                 ? 
_entity_src_gen.pdbx_host_org_culture_collection   ? 
_entity_src_gen.pdbx_host_org_cell                 ? 
_entity_src_gen.pdbx_host_org_organelle            ? 
_entity_src_gen.pdbx_host_org_cellular_location    ? 
_entity_src_gen.pdbx_host_org_vector_type          ? 
_entity_src_gen.pdbx_host_org_vector               ? 
_entity_src_gen.host_org_details                   ? 
_entity_src_gen.expression_system_id               ? 
_entity_src_gen.plasmid_name                       ? 
_entity_src_gen.plasmid_details                    ? 
_entity_src_gen.pdbx_description                   ? 
# 
loop_
_chem_comp.id 
_chem_comp.type 
_chem_comp.mon_nstd_flag 
_chem_comp.name 
_chem_comp.pdbx_synonyms 
_chem_comp.formula 
_chem_comp.formula_weight 
ALA 'L-peptide linking' y ALANINE                                ?                               'C3 H7 N O2'     89.093  
ARG 'L-peptide linking' y ARGININE                               ?                               'C6 H15 N4 O2 1' 175.209 
ASN 'L-peptide linking' y ASPARAGINE                             ?                               'C4 H8 N2 O3'    132.118 
ASP 'L-peptide linking' y 'ASPARTIC ACID'                        ?                               'C4 H7 N O4'     133.103 
CYS 'L-peptide linking' y CYSTEINE                               ?                               'C3 H7 N O2 S'   121.158 
GLN 'L-peptide linking' y GLUTAMINE                              ?                               'C5 H10 N2 O3'   146.144 
GLU 'L-peptide linking' y 'GLUTAMIC ACID'                        ?                               'C5 H9 N O4'     147.129 
GLY 'peptide linking'   y GLYCINE                                ?                               'C2 H5 N O2'     75.067  
GOL non-polymer         . GLYCEROL                               'GLYCERIN; PROPANE-1,2,3-TRIOL' 'C3 H8 O3'       92.094  
HIS 'L-peptide linking' y HISTIDINE                              ?                               'C6 H10 N3 O2 1' 156.162 
HOH non-polymer         . WATER                                  ?                               'H2 O'           18.015  
ILE 'L-peptide linking' y ISOLEUCINE                             ?                               'C6 H13 N O2'    131.173 
LEU 'L-peptide linking' y LEUCINE                                ?                               'C6 H13 N O2'    131.173 
LYS 'L-peptide linking' y LYSINE                                 ?                               'C6 H15 N2 O2 1' 147.195 
MES non-polymer         . '2-(N-MORPHOLINO)-ETHANESULFONIC ACID' ?                               'C6 H13 N O4 S'  195.237 
MET 'L-peptide linking' y METHIONINE                             ?                               'C5 H11 N O2 S'  149.211 
PHE 'L-peptide linking' y PHENYLALANINE                          ?                               'C9 H11 N O2'    165.189 
PRO 'L-peptide linking' y PROLINE                                ?                               'C5 H9 N O2'     115.130 
SER 'L-peptide linking' y SERINE                                 ?                               'C3 H7 N O3'     105.093 
THR 'L-peptide linking' y THREONINE                              ?                               'C4 H9 N O3'     119.119 
TRP 'L-peptide linking' y TRYPTOPHAN                             ?                               'C11 H12 N2 O2'  204.225 
TYR 'L-peptide linking' y TYROSINE                               ?                               'C9 H11 N O3'    181.189 
VAL 'L-peptide linking' y VALINE                                 ?                               'C5 H11 N O2'    117.146 
# 
loop_
_pdbx_poly_seq_scheme.asym_id 
_pdbx_poly_seq_scheme.entity_id 
_pdbx_poly_seq_scheme.seq_id 
_pdbx_poly_seq_scheme.mon_id 
_pdbx_poly_seq_scheme.ndb_seq_num 
_pdbx_poly_seq_scheme.pdb_seq_num 
_pdbx_poly_seq_scheme.auth_seq_num 
_pdbx_poly_seq_scheme.pdb_mon_id 
_pdbx_poly_seq_scheme.auth_mon_id 
_pdbx_poly_seq_scheme.pdb_strand_id 
_pdbx_poly_seq_scheme.pdb_ins_code 
_pdbx_poly_seq_scheme.hetero 
A 1 1   ILE 1   76  ?   ?   ?   A . n 
A 1 2   PRO 2   77  ?   ?   ?   A . n 
A 1 3   GLN 3   78  ?   ?   ?   A . n 
A 1 4   VAL 4   79  ?   ?   ?   A . n 
A 1 5   ALA 5   80  ?   ?   ?   A . n 
A 1 6   GLY 6   81  ?   ?   ?   A . n 
A 1 7   GLY 7   82  ?   ?   ?   A . n 
A 1 8   SER 8   83  83  SER SER A . n 
A 1 9   ASP 9   84  84  ASP ASP A . n 
A 1 10  VAL 10  85  85  VAL VAL A . n 
A 1 11  TYR 11  86  86  TYR TYR A . n 
A 1 12  CYS 12  87  87  CYS CYS A . n 
A 1 13  ARG 13  88  88  ARG ARG A . n 
A 1 14  LEU 14  89  89  LEU LEU A . n 
A 1 15  THR 15  90  90  THR THR A . n 
A 1 16  ASP 16  91  91  ASP ASP A . n 
A 1 17  GLU 17  92  92  GLU GLU A . n 
A 1 18  PRO 18  93  93  PRO PRO A . n 
A 1 19  LEU 19  94  94  LEU LEU A . n 
A 1 20  SER 20  95  95  SER SER A . n 
A 1 21  VAL 21  96  96  VAL VAL A . n 
A 1 22  ASP 22  97  97  ASP ASP A . n 
A 1 23  GLU 23  98  98  GLU GLU A . n 
A 1 24  VAL 24  99  99  VAL VAL A . n 
A 1 25  LEU 25  100 100 LEU LEU A . n 
A 1 26  ASN 26  101 101 ASN ASN A . n 
A 1 27  ALA 27  102 102 ALA ALA A . n 
A 1 28  ILE 28  103 103 ILE ILE A . n 
A 1 29  SER 29  104 104 SER SER A . n 
A 1 30  GLY 30  105 105 GLY GLY A . n 
A 1 31  PRO 31  106 106 PRO PRO A . n 
A 1 32  SER 32  107 107 SER SER A . n 
A 1 33  GLN 33  108 108 GLN GLN A . n 
A 1 34  GLY 34  109 109 GLY GLY A . n 
A 1 35  GLY 35  110 110 GLY GLY A . n 
A 1 36  ALA 36  111 111 ALA ALA A . n 
A 1 37  VAL 37  112 112 VAL VAL A . n 
A 1 38  ILE 38  113 113 ILE ILE A . n 
A 1 39  PHE 39  114 114 PHE PHE A . n 
A 1 40  VAL 40  115 115 VAL VAL A . n 
A 1 41  GLY 41  116 116 GLY GLY A . n 
A 1 42  THR 42  117 117 THR THR A . n 
A 1 43  VAL 43  118 118 VAL VAL A . n 
A 1 44  ARG 44  119 119 ARG ARG A . n 
A 1 45  ASN 45  120 120 ASN ASN A . n 
A 1 46  ASN 46  121 121 ASN ASN A . n 
A 1 47  ASN 47  122 122 ASN ASN A . n 
A 1 48  ASN 48  123 123 ASN ASN A . n 
A 1 49  GLY 49  124 124 GLY GLY A . n 
A 1 50  HIS 50  125 125 HIS HIS A . n 
A 1 51  GLU 51  126 126 GLU GLU A . n 
A 1 52  VAL 52  127 127 VAL VAL A . n 
A 1 53  THR 53  128 128 THR THR A . n 
A 1 54  LYS 54  129 129 LYS LYS A . n 
A 1 55  LEU 55  130 130 LEU LEU A . n 
A 1 56  TYR 56  131 131 TYR TYR A . n 
A 1 57  TYR 57  132 132 TYR TYR A . n 
A 1 58  GLU 58  133 133 GLU GLU A . n 
A 1 59  ALA 59  134 134 ALA ALA A . n 
A 1 60  TYR 60  135 135 TYR TYR A . n 
A 1 61  PRO 61  136 136 PRO PRO A . n 
A 1 62  ALA 62  137 137 ALA ALA A . n 
A 1 63  MET 63  138 138 MET MET A . n 
A 1 64  VAL 64  139 139 VAL VAL A . n 
A 1 65  HIS 65  140 140 HIS HIS A . n 
A 1 66  ARG 66  141 141 ARG ARG A . n 
A 1 67  THR 67  142 142 THR THR A . n 
A 1 68  LEU 68  143 143 LEU LEU A . n 
A 1 69  MET 69  144 144 MET MET A . n 
A 1 70  ASP 70  145 145 ASP ASP A . n 
A 1 71  ILE 71  146 146 ILE ILE A . n 
A 1 72  ILE 72  147 147 ILE ILE A . n 
A 1 73  GLU 73  148 148 GLU GLU A . n 
A 1 74  GLU 74  149 149 GLU GLU A . n 
A 1 75  CYS 75  150 150 CYS CYS A . n 
A 1 76  GLU 76  151 151 GLU GLU A . n 
A 1 77  ARG 77  152 152 ARG ARG A . n 
A 1 78  GLN 78  153 153 GLN GLN A . n 
A 1 79  ALA 79  154 154 ALA ALA A . n 
A 1 80  ASP 80  155 155 ASP ASP A . n 
A 1 81  GLY 81  156 156 GLY GLY A . n 
A 1 82  VAL 82  157 157 VAL VAL A . n 
A 1 83  ARG 83  158 158 ARG ARG A . n 
A 1 84  VAL 84  159 159 VAL VAL A . n 
A 1 85  ALA 85  160 160 ALA ALA A . n 
A 1 86  VAL 86  161 161 VAL VAL A . n 
A 1 87  ALA 87  162 162 ALA ALA A . n 
A 1 88  HIS 88  163 163 HIS HIS A . n 
A 1 89  ARG 89  164 164 ARG ARG A . n 
A 1 90  THR 90  165 165 THR THR A . n 
A 1 91  GLY 91  166 166 GLY GLY A . n 
A 1 92  GLU 92  167 167 GLU GLU A . n 
A 1 93  LEU 93  168 168 LEU LEU A . n 
A 1 94  ARG 94  169 169 ARG ARG A . n 
A 1 95  ILE 95  170 170 ILE ILE A . n 
A 1 96  GLY 96  171 171 GLY GLY A . n 
A 1 97  ASP 97  172 172 ASP ASP A . n 
A 1 98  ALA 98  173 173 ALA ALA A . n 
A 1 99  ALA 99  174 174 ALA ALA A . n 
A 1 100 VAL 100 175 175 VAL VAL A . n 
A 1 101 VAL 101 176 176 VAL VAL A . n 
A 1 102 ILE 102 177 177 ILE ILE A . n 
A 1 103 GLY 103 178 178 GLY GLY A . n 
A 1 104 ALA 104 179 179 ALA ALA A . n 
A 1 105 SER 105 180 180 SER SER A . n 
A 1 106 ALA 106 181 181 ALA ALA A . n 
A 1 107 PRO 107 182 182 PRO PRO A . n 
A 1 108 HIS 108 183 183 HIS HIS A . n 
A 1 109 ARG 109 184 184 ARG ARG A . n 
A 1 110 ALA 110 185 185 ALA ALA A . n 
A 1 111 ALA 111 186 186 ALA ALA A . n 
A 1 112 ALA 112 187 187 ALA ALA A . n 
A 1 113 PHE 113 188 188 PHE PHE A . n 
A 1 114 ASP 114 189 189 ASP ASP A . n 
A 1 115 ALA 115 190 190 ALA ALA A . n 
A 1 116 ALA 116 191 191 ALA ALA A . n 
A 1 117 ARG 117 192 192 ARG ARG A . n 
A 1 118 MET 118 193 193 MET MET A . n 
A 1 119 CYS 119 194 194 CYS CYS A . n 
A 1 120 ILE 120 195 195 ILE ILE A . n 
A 1 121 GLU 121 196 196 GLU GLU A . n 
A 1 122 ARG 122 197 197 ARG ARG A . n 
A 1 123 LEU 123 198 198 LEU LEU A . n 
A 1 124 LYS 124 199 199 LYS LYS A . n 
A 1 125 GLN 125 200 200 GLN GLN A . n 
A 1 126 ASP 126 201 201 ASP ASP A . n 
A 1 127 VAL 127 202 202 VAL VAL A . n 
A 1 128 PRO 128 203 203 PRO PRO A . n 
A 1 129 ILE 129 204 204 ILE ILE A . n 
A 1 130 TRP 130 205 205 TRP TRP A . n 
A 1 131 LYS 131 206 206 LYS LYS A . n 
A 1 132 LYS 132 207 207 LYS LYS A . n 
A 1 133 GLU 133 208 208 GLU GLU A . n 
A 1 134 PHE 134 209 209 PHE PHE A . n 
A 1 135 ALA 135 210 210 ALA ALA A . n 
A 1 136 LEU 136 211 211 LEU LEU A . n 
A 1 137 ASP 137 212 212 ASP ASP A . n 
A 1 138 GLY 138 213 213 GLY GLY A . n 
A 1 139 VAL 139 214 214 VAL VAL A . n 
A 1 140 GLU 140 215 215 GLU GLU A . n 
A 1 141 TRP 141 216 216 TRP TRP A . n 
A 1 142 VAL 142 217 217 VAL VAL A . n 
A 1 143 ALA 143 218 218 ALA ALA A . n 
A 1 144 ASN 144 219 219 ASN ASN A . n 
A 1 145 ARG 145 220 220 ARG ARG A . n 
A 1 146 PRO 146 221 221 PRO PRO A . n 
# 
loop_
_pdbx_nonpoly_scheme.asym_id 
_pdbx_nonpoly_scheme.entity_id 
_pdbx_nonpoly_scheme.mon_id 
_pdbx_nonpoly_scheme.ndb_seq_num 
_pdbx_nonpoly_scheme.pdb_seq_num 
_pdbx_nonpoly_scheme.auth_seq_num 
_pdbx_nonpoly_scheme.pdb_mon_id 
_pdbx_nonpoly_scheme.auth_mon_id 
_pdbx_nonpoly_scheme.pdb_strand_id 
_pdbx_nonpoly_scheme.pdb_ins_code 
B 2 MES 1  301 1  MES MES A . 
C 3 GOL 1  302 1  GOL GOL A . 
D 3 GOL 1  303 2  GOL GOL A . 
E 4 HOH 1  401 27 HOH HOH A . 
E 4 HOH 2  402 26 HOH HOH A . 
E 4 HOH 3  403 17 HOH HOH A . 
E 4 HOH 4  404 3  HOH HOH A . 
E 4 HOH 5  405 15 HOH HOH A . 
E 4 HOH 6  406 5  HOH HOH A . 
E 4 HOH 7  407 4  HOH HOH A . 
E 4 HOH 8  408 10 HOH HOH A . 
E 4 HOH 9  409 11 HOH HOH A . 
E 4 HOH 10 410 20 HOH HOH A . 
E 4 HOH 11 411 16 HOH HOH A . 
E 4 HOH 12 412 7  HOH HOH A . 
E 4 HOH 13 413 2  HOH HOH A . 
E 4 HOH 14 414 12 HOH HOH A . 
E 4 HOH 15 415 22 HOH HOH A . 
E 4 HOH 16 416 6  HOH HOH A . 
E 4 HOH 17 417 19 HOH HOH A . 
E 4 HOH 18 418 9  HOH HOH A . 
E 4 HOH 19 419 18 HOH HOH A . 
E 4 HOH 20 420 25 HOH HOH A . 
E 4 HOH 21 421 28 HOH HOH A . 
E 4 HOH 22 422 1  HOH HOH A . 
E 4 HOH 23 423 21 HOH HOH A . 
E 4 HOH 24 424 13 HOH HOH A . 
E 4 HOH 25 425 24 HOH HOH A . 
E 4 HOH 26 426 14 HOH HOH A . 
E 4 HOH 27 427 23 HOH HOH A . 
E 4 HOH 28 428 8  HOH HOH A . 
# 
loop_
_software.citation_id 
_software.classification 
_software.compiler_name 
_software.compiler_version 
_software.contact_author 
_software.contact_author_email 
_software.date 
_software.description 
_software.dependencies 
_software.hardware 
_software.language 
_software.location 
_software.mods 
_software.name 
_software.os 
_software.os_version 
_software.type 
_software.version 
_software.pdbx_ordinal 
? refinement       ? ? ? ? ? ? ? ? ? ? ? PHENIX   ? ? ? '(???)' 1 
? 'data scaling'   ? ? ? ? ? ? ? ? ? ? ? HKL-2000 ? ? ? .       2 
? 'data reduction' ? ? ? ? ? ? ? ? ? ? ? HKL-2000 ? ? ? .       3 
? phasing          ? ? ? ? ? ? ? ? ? ? ? PHASER   ? ? ? .       4 
# 
_cell.angle_alpha                  90.00 
_cell.angle_alpha_esd              ? 
_cell.angle_beta                   90.00 
_cell.angle_beta_esd               ? 
_cell.angle_gamma                  120.00 
_cell.angle_gamma_esd              ? 
_cell.entry_id                     9JBD 
_cell.details                      ? 
_cell.formula_units_Z              ? 
_cell.length_a                     98.015 
_cell.length_a_esd                 ? 
_cell.length_b                     98.015 
_cell.length_b_esd                 ? 
_cell.length_c                     102.940 
_cell.length_c_esd                 ? 
_cell.volume                       ? 
_cell.volume_esd                   ? 
_cell.Z_PDB                        12 
_cell.reciprocal_angle_alpha       ? 
_cell.reciprocal_angle_beta        ? 
_cell.reciprocal_angle_gamma       ? 
_cell.reciprocal_angle_alpha_esd   ? 
_cell.reciprocal_angle_beta_esd    ? 
_cell.reciprocal_angle_gamma_esd   ? 
_cell.reciprocal_length_a          ? 
_cell.reciprocal_length_b          ? 
_cell.reciprocal_length_c          ? 
_cell.reciprocal_length_a_esd      ? 
_cell.reciprocal_length_b_esd      ? 
_cell.reciprocal_length_c_esd      ? 
_cell.pdbx_unique_axis             ? 
_cell.pdbx_esd_method              ? 
# 
_symmetry.entry_id                         9JBD 
_symmetry.cell_setting                     ? 
_symmetry.Int_Tables_number                179 
_symmetry.space_group_name_Hall            ? 
_symmetry.space_group_name_H-M             'P 65 2 2' 
_symmetry.pdbx_full_space_group_name_H-M   ? 
# 
_exptl.absorpt_coefficient_mu     ? 
_exptl.absorpt_correction_T_max   ? 
_exptl.absorpt_correction_T_min   ? 
_exptl.absorpt_correction_type    ? 
_exptl.absorpt_process_details    ? 
_exptl.entry_id                   9JBD 
_exptl.crystals_number            1 
_exptl.details                    ? 
_exptl.method                     'X-RAY DIFFRACTION' 
_exptl.method_details             ? 
# 
_exptl_crystal.colour                       ? 
_exptl_crystal.density_diffrn               ? 
_exptl_crystal.density_Matthews             4.49 
_exptl_crystal.density_method               ? 
_exptl_crystal.density_percent_sol          72.59 
_exptl_crystal.description                  ? 
_exptl_crystal.F_000                        ? 
_exptl_crystal.id                           1 
_exptl_crystal.preparation                  ? 
_exptl_crystal.size_max                     ? 
_exptl_crystal.size_mid                     ? 
_exptl_crystal.size_min                     ? 
_exptl_crystal.size_rad                     ? 
_exptl_crystal.colour_lustre                ? 
_exptl_crystal.colour_modifier              ? 
_exptl_crystal.colour_primary               ? 
_exptl_crystal.density_meas                 ? 
_exptl_crystal.density_meas_esd             ? 
_exptl_crystal.density_meas_gt              ? 
_exptl_crystal.density_meas_lt              ? 
_exptl_crystal.density_meas_temp            ? 
_exptl_crystal.density_meas_temp_esd        ? 
_exptl_crystal.density_meas_temp_gt         ? 
_exptl_crystal.density_meas_temp_lt         ? 
_exptl_crystal.pdbx_crystal_image_url       ? 
_exptl_crystal.pdbx_crystal_image_format    ? 
_exptl_crystal.pdbx_mosaicity               ? 
_exptl_crystal.pdbx_mosaicity_esd           ? 
_exptl_crystal.pdbx_mosaic_method           ? 
_exptl_crystal.pdbx_mosaic_block_size       ? 
_exptl_crystal.pdbx_mosaic_block_size_esd   ? 
# 
_exptl_crystal_grow.apparatus       ? 
_exptl_crystal_grow.atmosphere      ? 
_exptl_crystal_grow.crystal_id      1 
_exptl_crystal_grow.details         ? 
_exptl_crystal_grow.method          'VAPOR DIFFUSION, SITTING DROP' 
_exptl_crystal_grow.method_ref      ? 
_exptl_crystal_grow.pH              6.5 
_exptl_crystal_grow.pressure        ? 
_exptl_crystal_grow.pressure_esd    ? 
_exptl_crystal_grow.seeding         ? 
_exptl_crystal_grow.seeding_ref     ? 
_exptl_crystal_grow.temp_details    ? 
_exptl_crystal_grow.temp_esd        ? 
_exptl_crystal_grow.time            ? 
_exptl_crystal_grow.pdbx_details    '18% PEG 400, 0.04M Li2SO4, 0.1M MES pH 6.5' 
_exptl_crystal_grow.pdbx_pH_range   ? 
_exptl_crystal_grow.temp            291.5 
# 
_diffrn.ambient_environment              ? 
_diffrn.ambient_temp                     100 
_diffrn.ambient_temp_details             ? 
_diffrn.ambient_temp_esd                 ? 
_diffrn.crystal_id                       1 
_diffrn.crystal_support                  ? 
_diffrn.crystal_treatment                ? 
_diffrn.details                          ? 
_diffrn.id                               1 
_diffrn.ambient_pressure                 ? 
_diffrn.ambient_pressure_esd             ? 
_diffrn.ambient_pressure_gt              ? 
_diffrn.ambient_pressure_lt              ? 
_diffrn.ambient_temp_gt                  ? 
_diffrn.ambient_temp_lt                  ? 
_diffrn.pdbx_serial_crystal_experiment   N 
# 
_diffrn_detector.details                      ? 
_diffrn_detector.detector                     PIXEL 
_diffrn_detector.diffrn_id                    1 
_diffrn_detector.type                         'DECTRIS EIGER2 S 9M' 
_diffrn_detector.area_resol_mean              ? 
_diffrn_detector.dtime                        ? 
_diffrn_detector.pdbx_frames_total            ? 
_diffrn_detector.pdbx_collection_time_total   ? 
_diffrn_detector.pdbx_collection_date         2024-06-18 
_diffrn_detector.pdbx_frequency               ? 
_diffrn_detector.id                           ? 
_diffrn_detector.number_of_axes               ? 
# 
_diffrn_radiation.collimation                      ? 
_diffrn_radiation.diffrn_id                        1 
_diffrn_radiation.filter_edge                      ? 
_diffrn_radiation.inhomogeneity                    ? 
_diffrn_radiation.monochromator                    ? 
_diffrn_radiation.polarisn_norm                    ? 
_diffrn_radiation.polarisn_ratio                   ? 
_diffrn_radiation.probe                            ? 
_diffrn_radiation.type                             ? 
_diffrn_radiation.xray_symbol                      ? 
_diffrn_radiation.wavelength_id                    1 
_diffrn_radiation.pdbx_monochromatic_or_laue_m_l   M 
_diffrn_radiation.pdbx_wavelength_list             ? 
_diffrn_radiation.pdbx_wavelength                  ? 
_diffrn_radiation.pdbx_diffrn_protocol             'SINGLE WAVELENGTH' 
_diffrn_radiation.pdbx_analyzer                    ? 
_diffrn_radiation.pdbx_scattering_type             x-ray 
# 
_diffrn_radiation_wavelength.id           1 
_diffrn_radiation_wavelength.wavelength   0.97933 
_diffrn_radiation_wavelength.wt           1.0 
# 
_diffrn_source.current                     ? 
_diffrn_source.details                     ? 
_diffrn_source.diffrn_id                   1 
_diffrn_source.power                       ? 
_diffrn_source.size                        ? 
_diffrn_source.source                      SYNCHROTRON 
_diffrn_source.target                      ? 
_diffrn_source.type                        'PAL/PLS BEAMLINE 7A (6B, 6C1)' 
_diffrn_source.voltage                     ? 
_diffrn_source.take-off_angle              ? 
_diffrn_source.pdbx_wavelength_list        0.97933 
_diffrn_source.pdbx_wavelength             ? 
_diffrn_source.pdbx_synchrotron_beamline   '7A (6B, 6C1)' 
_diffrn_source.pdbx_synchrotron_site       PAL/PLS 
# 
_reflns.B_iso_Wilson_estimate                          ? 
_reflns.entry_id                                       9JBD 
_reflns.data_reduction_details                         ? 
_reflns.data_reduction_method                          ? 
_reflns.d_resolution_high                              2.40 
_reflns.d_resolution_low                               50.00 
_reflns.details                                        ? 
_reflns.limit_h_max                                    ? 
_reflns.limit_h_min                                    ? 
_reflns.limit_k_max                                    ? 
_reflns.limit_k_min                                    ? 
_reflns.limit_l_max                                    ? 
_reflns.limit_l_min                                    ? 
_reflns.number_all                                     ? 
_reflns.number_obs                                     11920 
_reflns.observed_criterion                             ? 
_reflns.observed_criterion_F_max                       ? 
_reflns.observed_criterion_F_min                       ? 
_reflns.observed_criterion_I_max                       ? 
_reflns.observed_criterion_I_min                       ? 
_reflns.observed_criterion_sigma_F                     ? 
_reflns.observed_criterion_sigma_I                     ? 
_reflns.percent_possible_obs                           99.9 
_reflns.R_free_details                                 ? 
_reflns.Rmerge_F_all                                   ? 
_reflns.Rmerge_F_obs                                   ? 
_reflns.Friedel_coverage                               ? 
_reflns.number_gt                                      ? 
_reflns.threshold_expression                           ? 
_reflns.pdbx_redundancy                                18.8 
_reflns.pdbx_netI_over_av_sigmaI                       ? 
_reflns.pdbx_netI_over_sigmaI                          8.7 
_reflns.pdbx_res_netI_over_av_sigmaI_2                 ? 
_reflns.pdbx_res_netI_over_sigmaI_2                    ? 
_reflns.pdbx_chi_squared                               0.893 
_reflns.pdbx_scaling_rejects                           ? 
_reflns.pdbx_d_res_high_opt                            ? 
_reflns.pdbx_d_res_low_opt                             ? 
_reflns.pdbx_d_res_opt_method                          ? 
_reflns.phase_calculation_details                      ? 
_reflns.pdbx_Rrim_I_all                                0.071 
_reflns.pdbx_Rpim_I_all                                0.016 
_reflns.pdbx_d_opt                                     ? 
_reflns.pdbx_number_measured_all                       223537 
_reflns.pdbx_diffrn_id                                 1 
_reflns.pdbx_ordinal                                   1 
_reflns.pdbx_CC_half                                   0.996 
_reflns.pdbx_CC_star                                   0.999 
_reflns.pdbx_R_split                                   ? 
_reflns.pdbx_Rmerge_I_obs                              0.069 
_reflns.pdbx_Rmerge_I_all                              ? 
_reflns.pdbx_Rsym_value                                ? 
_reflns.pdbx_CC_split_method                           ? 
_reflns.pdbx_aniso_diffraction_limit_axis_1_ortho[1]   ? 
_reflns.pdbx_aniso_diffraction_limit_axis_1_ortho[2]   ? 
_reflns.pdbx_aniso_diffraction_limit_axis_1_ortho[3]   ? 
_reflns.pdbx_aniso_diffraction_limit_axis_2_ortho[1]   ? 
_reflns.pdbx_aniso_diffraction_limit_axis_2_ortho[2]   ? 
_reflns.pdbx_aniso_diffraction_limit_axis_2_ortho[3]   ? 
_reflns.pdbx_aniso_diffraction_limit_axis_3_ortho[1]   ? 
_reflns.pdbx_aniso_diffraction_limit_axis_3_ortho[2]   ? 
_reflns.pdbx_aniso_diffraction_limit_axis_3_ortho[3]   ? 
_reflns.pdbx_aniso_diffraction_limit_1                 ? 
_reflns.pdbx_aniso_diffraction_limit_2                 ? 
_reflns.pdbx_aniso_diffraction_limit_3                 ? 
_reflns.pdbx_aniso_B_tensor_eigenvector_1_ortho[1]     ? 
_reflns.pdbx_aniso_B_tensor_eigenvector_1_ortho[2]     ? 
_reflns.pdbx_aniso_B_tensor_eigenvector_1_ortho[3]     ? 
_reflns.pdbx_aniso_B_tensor_eigenvector_2_ortho[1]     ? 
_reflns.pdbx_aniso_B_tensor_eigenvector_2_ortho[2]     ? 
_reflns.pdbx_aniso_B_tensor_eigenvector_2_ortho[3]     ? 
_reflns.pdbx_aniso_B_tensor_eigenvector_3_ortho[1]     ? 
_reflns.pdbx_aniso_B_tensor_eigenvector_3_ortho[2]     ? 
_reflns.pdbx_aniso_B_tensor_eigenvector_3_ortho[3]     ? 
_reflns.pdbx_aniso_B_tensor_eigenvalue_1               ? 
_reflns.pdbx_aniso_B_tensor_eigenvalue_2               ? 
_reflns.pdbx_aniso_B_tensor_eigenvalue_3               ? 
_reflns.pdbx_orthogonalization_convention              ? 
_reflns.pdbx_percent_possible_ellipsoidal              ? 
_reflns.pdbx_percent_possible_spherical                ? 
_reflns.pdbx_percent_possible_ellipsoidal_anomalous    ? 
_reflns.pdbx_percent_possible_spherical_anomalous      ? 
_reflns.pdbx_redundancy_anomalous                      ? 
_reflns.pdbx_CC_half_anomalous                         ? 
_reflns.pdbx_absDiff_over_sigma_anomalous              ? 
_reflns.pdbx_percent_possible_anomalous                ? 
_reflns.pdbx_observed_signal_threshold                 ? 
_reflns.pdbx_signal_type                               ? 
_reflns.pdbx_signal_details                            ? 
_reflns.pdbx_signal_software_id                        ? 
# 
loop_
_reflns_shell.d_res_high 
_reflns_shell.d_res_low 
_reflns_shell.meanI_over_sigI_all 
_reflns_shell.meanI_over_sigI_obs 
_reflns_shell.number_measured_all 
_reflns_shell.number_measured_obs 
_reflns_shell.number_possible 
_reflns_shell.number_unique_all 
_reflns_shell.number_unique_obs 
_reflns_shell.percent_possible_obs 
_reflns_shell.Rmerge_F_all 
_reflns_shell.Rmerge_F_obs 
_reflns_shell.meanI_over_sigI_gt 
_reflns_shell.meanI_over_uI_all 
_reflns_shell.meanI_over_uI_gt 
_reflns_shell.number_measured_gt 
_reflns_shell.number_unique_gt 
_reflns_shell.percent_possible_gt 
_reflns_shell.Rmerge_F_gt 
_reflns_shell.Rmerge_I_gt 
_reflns_shell.pdbx_redundancy 
_reflns_shell.pdbx_chi_squared 
_reflns_shell.pdbx_netI_over_sigmaI_all 
_reflns_shell.pdbx_netI_over_sigmaI_obs 
_reflns_shell.pdbx_Rrim_I_all 
_reflns_shell.pdbx_Rpim_I_all 
_reflns_shell.pdbx_rejects 
_reflns_shell.pdbx_ordinal 
_reflns_shell.pdbx_diffrn_id 
_reflns_shell.pdbx_CC_half 
_reflns_shell.pdbx_CC_star 
_reflns_shell.pdbx_R_split 
_reflns_shell.percent_possible_all 
_reflns_shell.Rmerge_I_all 
_reflns_shell.Rmerge_I_obs 
_reflns_shell.pdbx_Rsym_value 
_reflns_shell.pdbx_percent_possible_ellipsoidal 
_reflns_shell.pdbx_percent_possible_spherical 
_reflns_shell.pdbx_percent_possible_ellipsoidal_anomalous 
_reflns_shell.pdbx_percent_possible_spherical_anomalous 
_reflns_shell.pdbx_redundancy_anomalous 
_reflns_shell.pdbx_CC_half_anomalous 
_reflns_shell.pdbx_absDiff_over_sigma_anomalous 
_reflns_shell.pdbx_percent_possible_anomalous 
2.40 2.44  ? ? ? ? ? ? 574 ? ? ? ? ? ? ? ? ? ? ? 18.3 0.469 ? ? 0.970 0.224 ? 1  1 0.965 0.991 ? 100.0 ? 0.943 ? ? ? ? ? ? ? ? ? 
2.44 2.49  ? ? ? ? ? ? 574 ? ? ? ? ? ? ? ? ? ? ? 18.1 0.470 ? ? 0.764 0.178 ? 2  1 0.971 0.993 ? 99.7  ? 0.743 ? ? ? ? ? ? ? ? ? 
2.49 2.53  ? ? ? ? ? ? 585 ? ? ? ? ? ? ? ? ? ? ? 18.4 0.478 ? ? 0.661 0.153 ? 3  1 0.979 0.995 ? 99.7  ? 0.642 ? ? ? ? ? ? ? ? ? 
2.53 2.59  ? ? ? ? ? ? 579 ? ? ? ? ? ? ? ? ? ? ? 19.8 0.481 ? ? 0.567 0.126 ? 4  1 0.987 0.997 ? 99.8  ? 0.553 ? ? ? ? ? ? ? ? ? 
2.59 2.64  ? ? ? ? ? ? 575 ? ? ? ? ? ? ? ? ? ? ? 20.2 0.484 ? ? 0.522 0.114 ? 5  1 0.987 0.997 ? 99.8  ? 0.509 ? ? ? ? ? ? ? ? ? 
2.64 2.70  ? ? ? ? ? ? 574 ? ? ? ? ? ? ? ? ? ? ? 19.8 0.511 ? ? 0.382 0.085 ? 6  1 0.995 0.999 ? 100.0 ? 0.372 ? ? ? ? ? ? ? ? ? 
2.70 2.77  ? ? ? ? ? ? 573 ? ? ? ? ? ? ? ? ? ? ? 19.5 0.540 ? ? 0.296 0.067 ? 7  1 0.996 0.999 ? 99.8  ? 0.288 ? ? ? ? ? ? ? ? ? 
2.77 2.85  ? ? ? ? ? ? 597 ? ? ? ? ? ? ? ? ? ? ? 19.0 0.548 ? ? 0.309 0.071 ? 8  1 0.994 0.999 ? 99.8  ? 0.301 ? ? ? ? ? ? ? ? ? 
2.85 2.93  ? ? ? ? ? ? 583 ? ? ? ? ? ? ? ? ? ? ? 17.8 0.614 ? ? 0.200 0.048 ? 9  1 0.998 0.999 ? 99.8  ? 0.194 ? ? ? ? ? ? ? ? ? 
2.93 3.02  ? ? ? ? ? ? 589 ? ? ? ? ? ? ? ? ? ? ? 19.2 0.617 ? ? 0.156 0.035 ? 10 1 0.999 1.000 ? 99.8  ? 0.152 ? ? ? ? ? ? ? ? ? 
3.02 3.13  ? ? ? ? ? ? 579 ? ? ? ? ? ? ? ? ? ? ? 20.2 0.768 ? ? 0.140 0.031 ? 11 1 0.998 1.000 ? 100.0 ? 0.136 ? ? ? ? ? ? ? ? ? 
3.13 3.26  ? ? ? ? ? ? 602 ? ? ? ? ? ? ? ? ? ? ? 19.9 0.713 ? ? 0.111 0.025 ? 12 1 0.999 1.000 ? 100.0 ? 0.109 ? ? ? ? ? ? ? ? ? 
3.26 3.41  ? ? ? ? ? ? 593 ? ? ? ? ? ? ? ? ? ? ? 19.9 0.807 ? ? 0.089 0.020 ? 13 1 0.999 1.000 ? 100.0 ? 0.087 ? ? ? ? ? ? ? ? ? 
3.41 3.58  ? ? ? ? ? ? 584 ? ? ? ? ? ? ? ? ? ? ? 19.5 0.968 ? ? 0.072 0.016 ? 14 1 0.999 1.000 ? 100.0 ? 0.071 ? ? ? ? ? ? ? ? ? 
3.58 3.81  ? ? ? ? ? ? 613 ? ? ? ? ? ? ? ? ? ? ? 19.0 1.124 ? ? 0.061 0.014 ? 15 1 0.999 1.000 ? 100.0 ? 0.060 ? ? ? ? ? ? ? ? ? 
3.81 4.10  ? ? ? ? ? ? 597 ? ? ? ? ? ? ? ? ? ? ? 18.5 1.341 ? ? 0.056 0.013 ? 16 1 0.999 1.000 ? 100.0 ? 0.054 ? ? ? ? ? ? ? ? ? 
4.10 4.52  ? ? ? ? ? ? 606 ? ? ? ? ? ? ? ? ? ? ? 17.0 1.534 ? ? 0.051 0.012 ? 17 1 0.999 1.000 ? 100.0 ? 0.049 ? ? ? ? ? ? ? ? ? 
4.52 5.17  ? ? ? ? ? ? 620 ? ? ? ? ? ? ? ? ? ? ? 18.3 1.708 ? ? 0.047 0.011 ? 18 1 0.999 1.000 ? 100.0 ? 0.046 ? ? ? ? ? ? ? ? ? 
5.17 6.51  ? ? ? ? ? ? 629 ? ? ? ? ? ? ? ? ? ? ? 17.0 1.742 ? ? 0.047 0.011 ? 19 1 0.999 1.000 ? 99.8  ? 0.046 ? ? ? ? ? ? ? ? ? 
6.51 50.00 ? ? ? ? ? ? 694 ? ? ? ? ? ? ? ? ? ? ? 16.4 1.993 ? ? 0.043 0.011 ? 20 1 0.999 1.000 ? 99.3  ? 0.042 ? ? ? ? ? ? ? ? ? 
# 
_refine.aniso_B[1][1]                            ? 
_refine.aniso_B[1][2]                            ? 
_refine.aniso_B[1][3]                            ? 
_refine.aniso_B[2][2]                            ? 
_refine.aniso_B[2][3]                            ? 
_refine.aniso_B[3][3]                            ? 
_refine.B_iso_max                                ? 
_refine.B_iso_mean                               ? 
_refine.B_iso_min                                ? 
_refine.correlation_coeff_Fo_to_Fc               ? 
_refine.correlation_coeff_Fo_to_Fc_free          ? 
_refine.details                                  ? 
_refine.diff_density_max                         ? 
_refine.diff_density_max_esd                     ? 
_refine.diff_density_min                         ? 
_refine.diff_density_min_esd                     ? 
_refine.diff_density_rms                         ? 
_refine.diff_density_rms_esd                     ? 
_refine.entry_id                                 9JBD 
_refine.pdbx_refine_id                           'X-RAY DIFFRACTION' 
_refine.ls_abs_structure_details                 ? 
_refine.ls_abs_structure_Flack                   ? 
_refine.ls_abs_structure_Flack_esd               ? 
_refine.ls_abs_structure_Rogers                  ? 
_refine.ls_abs_structure_Rogers_esd              ? 
_refine.ls_d_res_high                            2.40 
_refine.ls_d_res_low                             35.49 
_refine.ls_extinction_coef                       ? 
_refine.ls_extinction_coef_esd                   ? 
_refine.ls_extinction_expression                 ? 
_refine.ls_extinction_method                     ? 
_refine.ls_goodness_of_fit_all                   ? 
_refine.ls_goodness_of_fit_all_esd               ? 
_refine.ls_goodness_of_fit_obs                   ? 
_refine.ls_goodness_of_fit_obs_esd               ? 
_refine.ls_hydrogen_treatment                    ? 
_refine.ls_matrix_type                           ? 
_refine.ls_number_constraints                    ? 
_refine.ls_number_parameters                     ? 
_refine.ls_number_reflns_all                     ? 
_refine.ls_number_reflns_obs                     11807 
_refine.ls_number_reflns_R_free                  1182 
_refine.ls_number_reflns_R_work                  ? 
_refine.ls_number_restraints                     ? 
_refine.ls_percent_reflns_obs                    99.22 
_refine.ls_percent_reflns_R_free                 10.01 
_refine.ls_R_factor_all                          ? 
_refine.ls_R_factor_obs                          0.2223 
_refine.ls_R_factor_R_free                       0.2648 
_refine.ls_R_factor_R_free_error                 ? 
_refine.ls_R_factor_R_free_error_details         ? 
_refine.ls_R_factor_R_work                       0.2175 
_refine.ls_R_Fsqd_factor_obs                     ? 
_refine.ls_R_I_factor_obs                        ? 
_refine.ls_redundancy_reflns_all                 ? 
_refine.ls_redundancy_reflns_obs                 ? 
_refine.ls_restrained_S_all                      ? 
_refine.ls_restrained_S_obs                      ? 
_refine.ls_shift_over_esd_max                    ? 
_refine.ls_shift_over_esd_mean                   ? 
_refine.ls_structure_factor_coef                 ? 
_refine.ls_weighting_details                     ? 
_refine.ls_weighting_scheme                      ? 
_refine.ls_wR_factor_all                         ? 
_refine.ls_wR_factor_obs                         ? 
_refine.ls_wR_factor_R_free                      ? 
_refine.ls_wR_factor_R_work                      ? 
_refine.occupancy_max                            ? 
_refine.occupancy_min                            ? 
_refine.solvent_model_details                    'FLAT BULK SOLVENT MODEL' 
_refine.solvent_model_param_bsol                 ? 
_refine.solvent_model_param_ksol                 ? 
_refine.pdbx_R_complete                          ? 
_refine.ls_R_factor_gt                           ? 
_refine.ls_goodness_of_fit_gt                    ? 
_refine.ls_goodness_of_fit_ref                   ? 
_refine.ls_shift_over_su_max                     ? 
_refine.ls_shift_over_su_max_lt                  ? 
_refine.ls_shift_over_su_mean                    ? 
_refine.ls_shift_over_su_mean_lt                 ? 
_refine.pdbx_ls_sigma_I                          ? 
_refine.pdbx_ls_sigma_F                          1.36 
_refine.pdbx_ls_sigma_Fsqd                       ? 
_refine.pdbx_data_cutoff_high_absF               ? 
_refine.pdbx_data_cutoff_high_rms_absF           ? 
_refine.pdbx_data_cutoff_low_absF                ? 
_refine.pdbx_isotropic_thermal_model             ? 
_refine.pdbx_ls_cross_valid_method               'FREE R-VALUE' 
_refine.pdbx_method_to_determine_struct          'MOLECULAR REPLACEMENT' 
_refine.pdbx_starting_model                      ? 
_refine.pdbx_stereochemistry_target_values       ML 
_refine.pdbx_R_Free_selection_details            ? 
_refine.pdbx_stereochem_target_val_spec_case     ? 
_refine.pdbx_overall_ESU_R                       ? 
_refine.pdbx_overall_ESU_R_Free                  ? 
_refine.pdbx_solvent_vdw_probe_radii             1.10 
_refine.pdbx_solvent_ion_probe_radii             ? 
_refine.pdbx_solvent_shrinkage_radii             0.90 
_refine.pdbx_real_space_R                        ? 
_refine.pdbx_density_correlation                 ? 
_refine.pdbx_pd_number_of_powder_patterns        ? 
_refine.pdbx_pd_number_of_points                 ? 
_refine.pdbx_pd_meas_number_of_points            ? 
_refine.pdbx_pd_proc_ls_prof_R_factor            ? 
_refine.pdbx_pd_proc_ls_prof_wR_factor           ? 
_refine.pdbx_pd_Marquardt_correlation_coeff      ? 
_refine.pdbx_pd_Fsqrd_R_factor                   ? 
_refine.pdbx_pd_ls_matrix_band_width             ? 
_refine.pdbx_overall_phase_error                 30.09 
_refine.pdbx_overall_SU_R_free_Cruickshank_DPI   ? 
_refine.pdbx_overall_SU_R_free_Blow_DPI          ? 
_refine.pdbx_overall_SU_R_Blow_DPI               ? 
_refine.pdbx_TLS_residual_ADP_flag               ? 
_refine.pdbx_diffrn_id                           1 
_refine.overall_SU_B                             ? 
_refine.overall_SU_ML                            0.29 
_refine.overall_SU_R_Cruickshank_DPI             ? 
_refine.overall_SU_R_free                        ? 
_refine.overall_FOM_free_R_set                   ? 
_refine.overall_FOM_work_R_set                   ? 
_refine.pdbx_average_fsc_overall                 ? 
_refine.pdbx_average_fsc_work                    ? 
_refine.pdbx_average_fsc_free                    ? 
# 
_refine_hist.pdbx_refine_id                   'X-RAY DIFFRACTION' 
_refine_hist.cycle_id                         LAST 
_refine_hist.details                          ? 
_refine_hist.d_res_high                       2.40 
_refine_hist.d_res_low                        35.49 
_refine_hist.number_atoms_solvent             28 
_refine_hist.number_atoms_total               1123 
_refine_hist.number_reflns_all                ? 
_refine_hist.number_reflns_obs                ? 
_refine_hist.number_reflns_R_free             ? 
_refine_hist.number_reflns_R_work             ? 
_refine_hist.R_factor_all                     ? 
_refine_hist.R_factor_obs                     ? 
_refine_hist.R_factor_R_free                  ? 
_refine_hist.R_factor_R_work                  ? 
_refine_hist.pdbx_number_residues_total       ? 
_refine_hist.pdbx_B_iso_mean_ligand           ? 
_refine_hist.pdbx_B_iso_mean_solvent          ? 
_refine_hist.pdbx_number_atoms_protein        1071 
_refine_hist.pdbx_number_atoms_nucleic_acid   0 
_refine_hist.pdbx_number_atoms_ligand         24 
_refine_hist.pdbx_number_atoms_lipid          ? 
_refine_hist.pdbx_number_atoms_carb           ? 
_refine_hist.pdbx_pseudo_atom_details         ? 
# 
loop_
_refine_ls_restr.pdbx_refine_id 
_refine_ls_restr.criterion 
_refine_ls_restr.dev_ideal 
_refine_ls_restr.dev_ideal_target 
_refine_ls_restr.number 
_refine_ls_restr.rejects 
_refine_ls_restr.type 
_refine_ls_restr.weight 
_refine_ls_restr.pdbx_restraint_function 
'X-RAY DIFFRACTION' ? 0.007  ? ?   ? f_bond_d           ? ? 
'X-RAY DIFFRACTION' ? 0.952  ? ?   ? f_angle_d          ? ? 
'X-RAY DIFFRACTION' ? 17.777 ? 419 ? f_dihedral_angle_d ? ? 
'X-RAY DIFFRACTION' ? 0.052  ? 168 ? f_chiral_restr     ? ? 
'X-RAY DIFFRACTION' ? 0.010  ? 199 ? f_plane_restr      ? ? 
# 
loop_
_refine_ls_shell.pdbx_refine_id 
_refine_ls_shell.d_res_high 
_refine_ls_shell.d_res_low 
_refine_ls_shell.number_reflns_all 
_refine_ls_shell.number_reflns_obs 
_refine_ls_shell.number_reflns_R_free 
_refine_ls_shell.number_reflns_R_work 
_refine_ls_shell.percent_reflns_obs 
_refine_ls_shell.percent_reflns_R_free 
_refine_ls_shell.R_factor_all 
_refine_ls_shell.R_factor_obs 
_refine_ls_shell.R_factor_R_free_error 
_refine_ls_shell.R_factor_R_work 
_refine_ls_shell.redundancy_reflns_all 
_refine_ls_shell.redundancy_reflns_obs 
_refine_ls_shell.wR_factor_all 
_refine_ls_shell.wR_factor_obs 
_refine_ls_shell.wR_factor_R_free 
_refine_ls_shell.wR_factor_R_work 
_refine_ls_shell.pdbx_R_complete 
_refine_ls_shell.pdbx_total_number_of_bins_used 
_refine_ls_shell.pdbx_phase_error 
_refine_ls_shell.pdbx_fsc_work 
_refine_ls_shell.pdbx_fsc_free 
_refine_ls_shell.R_factor_R_free 
'X-RAY DIFFRACTION' 2.40 2.51  . . 141 1274 98.00  . . . . 0.2960 . . . . . . . . . . . 0.3536 
'X-RAY DIFFRACTION' 2.51 2.64  . . 144 1282 99.00  . . . . 0.2613 . . . . . . . . . . . 0.2932 
'X-RAY DIFFRACTION' 2.64 2.81  . . 142 1291 99.00  . . . . 0.2488 . . . . . . . . . . . 0.3131 
'X-RAY DIFFRACTION' 2.81 3.03  . . 145 1310 99.00  . . . . 0.2433 . . . . . . . . . . . 0.3148 
'X-RAY DIFFRACTION' 3.03 3.33  . . 147 1314 100.00 . . . . 0.2381 . . . . . . . . . . . 0.2832 
'X-RAY DIFFRACTION' 3.33 3.81  . . 149 1345 100.00 . . . . 0.2210 . . . . . . . . . . . 0.2754 
'X-RAY DIFFRACTION' 3.81 4.80  . . 151 1350 100.00 . . . . 0.2002 . . . . . . . . . . . 0.2158 
'X-RAY DIFFRACTION' 4.80 35.49 . . 163 1459 100.00 . . . . 0.1997 . . . . . . . . . . . 0.2662 
# 
_struct.entry_id                     9JBD 
_struct.title                        'Crystal Structure of the MoaE-like domain within Rv3323c from Mycobacterium tuberculosis' 
_struct.pdbx_model_details           ? 
_struct.pdbx_formula_weight          ? 
_struct.pdbx_formula_weight_method   ? 
_struct.pdbx_model_type_details      ? 
_struct.pdbx_CASP_flag               N 
# 
_struct_keywords.entry_id        9JBD 
_struct_keywords.text            'molybdopterin synthase, MoaX, TRANSFERASE' 
_struct_keywords.pdbx_keywords   TRANSFERASE 
# 
loop_
_struct_asym.id 
_struct_asym.pdbx_blank_PDB_chainid_flag 
_struct_asym.pdbx_modified 
_struct_asym.entity_id 
_struct_asym.details 
A N N 1 ? 
B N N 2 ? 
C N N 3 ? 
D N N 3 ? 
E N N 4 ? 
# 
_struct_ref.id                         1 
_struct_ref.db_name                    UNP 
_struct_ref.db_code                    Q6MWY3_MYCTU 
_struct_ref.pdbx_db_accession          Q6MWY3 
_struct_ref.pdbx_db_isoform            ? 
_struct_ref.entity_id                  1 
_struct_ref.pdbx_seq_one_letter_code   
;IPQVAGGSDVYCRLTDEPLSVDEVLNAISGPSQGGAVIFVGTVRNNNNGHEVTKLYYEAYPAMVHRTLMDIIEECERQAD
GVRVAVAHRTGELRIGDAAVVIGASAPHRAAAFDAARMCIERLKQDVPIWKKEFALDGVEWVANRP
;
_struct_ref.pdbx_align_begin           76 
# 
_struct_ref_seq.align_id                      1 
_struct_ref_seq.ref_id                        1 
_struct_ref_seq.pdbx_PDB_id_code              9JBD 
_struct_ref_seq.pdbx_strand_id                A 
_struct_ref_seq.seq_align_beg                 1 
_struct_ref_seq.pdbx_seq_align_beg_ins_code   ? 
_struct_ref_seq.seq_align_end                 146 
_struct_ref_seq.pdbx_seq_align_end_ins_code   ? 
_struct_ref_seq.pdbx_db_accession             Q6MWY3 
_struct_ref_seq.db_align_beg                  76 
_struct_ref_seq.pdbx_db_align_beg_ins_code    ? 
_struct_ref_seq.db_align_end                  221 
_struct_ref_seq.pdbx_db_align_end_ins_code    ? 
_struct_ref_seq.pdbx_auth_seq_align_beg       76 
_struct_ref_seq.pdbx_auth_seq_align_end       221 
# 
_pdbx_struct_assembly.id                   1 
_pdbx_struct_assembly.details              author_and_software_defined_assembly 
_pdbx_struct_assembly.method_details       PISA 
_pdbx_struct_assembly.oligomeric_details   monomeric 
_pdbx_struct_assembly.oligomeric_count     1 
# 
loop_
_pdbx_struct_assembly_prop.biol_id 
_pdbx_struct_assembly_prop.type 
_pdbx_struct_assembly_prop.value 
_pdbx_struct_assembly_prop.details 
1 'ABSA (A^2)' 300  ? 
1 MORE         -0   ? 
1 'SSA (A^2)'  7640 ? 
# 
_pdbx_struct_assembly_gen.assembly_id       1 
_pdbx_struct_assembly_gen.oper_expression   1 
_pdbx_struct_assembly_gen.asym_id_list      A,B,C,D,E 
# 
_pdbx_struct_assembly_auth_evidence.id                     1 
_pdbx_struct_assembly_auth_evidence.assembly_id            1 
_pdbx_struct_assembly_auth_evidence.experimental_support   'gel filtration' 
_pdbx_struct_assembly_auth_evidence.details                ? 
# 
_pdbx_struct_oper_list.id                   1 
_pdbx_struct_oper_list.type                 'identity operation' 
_pdbx_struct_oper_list.name                 1_555 
_pdbx_struct_oper_list.symmetry_operation   x,y,z 
_pdbx_struct_oper_list.matrix[1][1]         1.0000000000 
_pdbx_struct_oper_list.matrix[1][2]         0.0000000000 
_pdbx_struct_oper_list.matrix[1][3]         0.0000000000 
_pdbx_struct_oper_list.vector[1]            0.0000000000 
_pdbx_struct_oper_list.matrix[2][1]         0.0000000000 
_pdbx_struct_oper_list.matrix[2][2]         1.0000000000 
_pdbx_struct_oper_list.matrix[2][3]         0.0000000000 
_pdbx_struct_oper_list.vector[2]            0.0000000000 
_pdbx_struct_oper_list.matrix[3][1]         0.0000000000 
_pdbx_struct_oper_list.matrix[3][2]         0.0000000000 
_pdbx_struct_oper_list.matrix[3][3]         1.0000000000 
_pdbx_struct_oper_list.vector[3]            0.0000000000 
# 
loop_
_struct_conf.conf_type_id 
_struct_conf.id 
_struct_conf.pdbx_PDB_helix_id 
_struct_conf.beg_label_comp_id 
_struct_conf.beg_label_asym_id 
_struct_conf.beg_label_seq_id 
_struct_conf.pdbx_beg_PDB_ins_code 
_struct_conf.end_label_comp_id 
_struct_conf.end_label_asym_id 
_struct_conf.end_label_seq_id 
_struct_conf.pdbx_end_PDB_ins_code 
_struct_conf.beg_auth_comp_id 
_struct_conf.beg_auth_asym_id 
_struct_conf.beg_auth_seq_id 
_struct_conf.end_auth_comp_id 
_struct_conf.end_auth_asym_id 
_struct_conf.end_auth_seq_id 
_struct_conf.pdbx_PDB_helix_class 
_struct_conf.details 
_struct_conf.pdbx_PDB_helix_length 
HELX_P HELX_P1 AA1 SER A 20  ? SER A 29  ? SER A 95  SER A 104 1 ? 10 
HELX_P HELX_P2 AA2 TYR A 60  ? ARG A 77  ? TYR A 135 ARG A 152 1 ? 18 
HELX_P HELX_P3 AA3 HIS A 108 ? VAL A 127 ? HIS A 183 VAL A 202 1 ? 20 
# 
_struct_conf_type.id          HELX_P 
_struct_conf_type.criteria    ? 
_struct_conf_type.reference   ? 
# 
loop_
_struct_sheet.id 
_struct_sheet.type 
_struct_sheet.number_strands 
_struct_sheet.details 
AA1 ? 4 ? 
AA2 ? 3 ? 
AA3 ? 4 ? 
# 
loop_
_struct_sheet_order.sheet_id 
_struct_sheet_order.range_id_1 
_struct_sheet_order.range_id_2 
_struct_sheet_order.offset 
_struct_sheet_order.sense 
AA1 1 2 ? parallel      
AA1 2 3 ? anti-parallel 
AA1 3 4 ? anti-parallel 
AA2 1 2 ? anti-parallel 
AA2 2 3 ? anti-parallel 
AA3 1 2 ? anti-parallel 
AA3 2 3 ? anti-parallel 
AA3 3 4 ? anti-parallel 
# 
loop_
_struct_sheet_range.sheet_id 
_struct_sheet_range.id 
_struct_sheet_range.beg_label_comp_id 
_struct_sheet_range.beg_label_asym_id 
_struct_sheet_range.beg_label_seq_id 
_struct_sheet_range.pdbx_beg_PDB_ins_code 
_struct_sheet_range.end_label_comp_id 
_struct_sheet_range.end_label_asym_id 
_struct_sheet_range.end_label_seq_id 
_struct_sheet_range.pdbx_end_PDB_ins_code 
_struct_sheet_range.beg_auth_comp_id 
_struct_sheet_range.beg_auth_asym_id 
_struct_sheet_range.beg_auth_seq_id 
_struct_sheet_range.end_auth_comp_id 
_struct_sheet_range.end_auth_asym_id 
_struct_sheet_range.end_auth_seq_id 
AA1 1 CYS A 12  ? THR A 15  ? CYS A 87  THR A 90  
AA1 2 ARG A 83  ? ARG A 89  ? ARG A 158 ARG A 164 
AA1 3 ALA A 98  ? ALA A 106 ? ALA A 173 ALA A 181 
AA1 4 GLY A 35  ? THR A 42  ? GLY A 110 THR A 117 
AA2 1 ASN A 46  ? ASN A 47  ? ASN A 121 ASN A 122 
AA2 2 HIS A 50  ? GLU A 58  ? HIS A 125 GLU A 133 
AA2 3 GLY A 91  ? LEU A 93  ? GLY A 166 LEU A 168 
AA3 1 ASN A 46  ? ASN A 47  ? ASN A 121 ASN A 122 
AA3 2 HIS A 50  ? GLU A 58  ? HIS A 125 GLU A 133 
AA3 3 TRP A 130 ? ALA A 135 ? TRP A 205 ALA A 210 
AA3 4 GLU A 140 ? ALA A 143 ? GLU A 215 ALA A 218 
# 
loop_
_pdbx_struct_sheet_hbond.sheet_id 
_pdbx_struct_sheet_hbond.range_id_1 
_pdbx_struct_sheet_hbond.range_id_2 
_pdbx_struct_sheet_hbond.range_1_label_atom_id 
_pdbx_struct_sheet_hbond.range_1_label_comp_id 
_pdbx_struct_sheet_hbond.range_1_label_asym_id 
_pdbx_struct_sheet_hbond.range_1_label_seq_id 
_pdbx_struct_sheet_hbond.range_1_PDB_ins_code 
_pdbx_struct_sheet_hbond.range_1_auth_atom_id 
_pdbx_struct_sheet_hbond.range_1_auth_comp_id 
_pdbx_struct_sheet_hbond.range_1_auth_asym_id 
_pdbx_struct_sheet_hbond.range_1_auth_seq_id 
_pdbx_struct_sheet_hbond.range_2_label_atom_id 
_pdbx_struct_sheet_hbond.range_2_label_comp_id 
_pdbx_struct_sheet_hbond.range_2_label_asym_id 
_pdbx_struct_sheet_hbond.range_2_label_seq_id 
_pdbx_struct_sheet_hbond.range_2_PDB_ins_code 
_pdbx_struct_sheet_hbond.range_2_auth_atom_id 
_pdbx_struct_sheet_hbond.range_2_auth_comp_id 
_pdbx_struct_sheet_hbond.range_2_auth_asym_id 
_pdbx_struct_sheet_hbond.range_2_auth_seq_id 
AA1 1 2 N ARG A 13  ? N ARG A 88  O HIS A 88  ? O HIS A 163 
AA1 2 3 N ALA A 87  ? N ALA A 162 O VAL A 101 ? O VAL A 176 
AA1 3 4 O ILE A 102 ? O ILE A 177 N PHE A 39  ? N PHE A 114 
AA2 1 2 N ASN A 47  ? N ASN A 122 O HIS A 50  ? O HIS A 125 
AA2 2 3 N LEU A 55  ? N LEU A 130 O LEU A 93  ? O LEU A 168 
AA3 1 2 N ASN A 47  ? N ASN A 122 O HIS A 50  ? O HIS A 125 
AA3 2 3 N LYS A 54  ? N LYS A 129 O PHE A 134 ? O PHE A 209 
AA3 3 4 N LYS A 131 ? N LYS A 206 O ALA A 143 ? O ALA A 218 
# 
_pdbx_entry_details.entry_id                   9JBD 
_pdbx_entry_details.has_ligand_of_interest     N 
_pdbx_entry_details.compound_details           ? 
_pdbx_entry_details.source_details             ? 
_pdbx_entry_details.nonpolymer_details         ? 
_pdbx_entry_details.sequence_details           ? 
_pdbx_entry_details.has_protein_modification   N 
# 
_pdbx_validate_torsion.id              1 
_pdbx_validate_torsion.PDB_model_num   1 
_pdbx_validate_torsion.auth_comp_id    ASN 
_pdbx_validate_torsion.auth_asym_id    A 
_pdbx_validate_torsion.auth_seq_id     219 
_pdbx_validate_torsion.PDB_ins_code    ? 
_pdbx_validate_torsion.label_alt_id    ? 
_pdbx_validate_torsion.phi             -96.19 
_pdbx_validate_torsion.psi             31.43 
# 
loop_
_pdbx_unobs_or_zero_occ_residues.id 
_pdbx_unobs_or_zero_occ_residues.PDB_model_num 
_pdbx_unobs_or_zero_occ_residues.polymer_flag 
_pdbx_unobs_or_zero_occ_residues.occupancy_flag 
_pdbx_unobs_or_zero_occ_residues.auth_asym_id 
_pdbx_unobs_or_zero_occ_residues.auth_comp_id 
_pdbx_unobs_or_zero_occ_residues.auth_seq_id 
_pdbx_unobs_or_zero_occ_residues.PDB_ins_code 
_pdbx_unobs_or_zero_occ_residues.label_asym_id 
_pdbx_unobs_or_zero_occ_residues.label_comp_id 
_pdbx_unobs_or_zero_occ_residues.label_seq_id 
1 1 Y 1 A ILE 76 ? A ILE 1 
2 1 Y 1 A PRO 77 ? A PRO 2 
3 1 Y 1 A GLN 78 ? A GLN 3 
4 1 Y 1 A VAL 79 ? A VAL 4 
5 1 Y 1 A ALA 80 ? A ALA 5 
6 1 Y 1 A GLY 81 ? A GLY 6 
7 1 Y 1 A GLY 82 ? A GLY 7 
# 
loop_
_chem_comp_atom.comp_id 
_chem_comp_atom.atom_id 
_chem_comp_atom.type_symbol 
_chem_comp_atom.pdbx_aromatic_flag 
_chem_comp_atom.pdbx_stereo_config 
_chem_comp_atom.pdbx_ordinal 
ALA N    N N N 1   
ALA CA   C N S 2   
ALA C    C N N 3   
ALA O    O N N 4   
ALA CB   C N N 5   
ALA OXT  O N N 6   
ALA H    H N N 7   
ALA H2   H N N 8   
ALA HA   H N N 9   
ALA HB1  H N N 10  
ALA HB2  H N N 11  
ALA HB3  H N N 12  
ALA HXT  H N N 13  
ARG N    N N N 14  
ARG CA   C N S 15  
ARG C    C N N 16  
ARG O    O N N 17  
ARG CB   C N N 18  
ARG CG   C N N 19  
ARG CD   C N N 20  
ARG NE   N N N 21  
ARG CZ   C N N 22  
ARG NH1  N N N 23  
ARG NH2  N N N 24  
ARG OXT  O N N 25  
ARG H    H N N 26  
ARG H2   H N N 27  
ARG HA   H N N 28  
ARG HB2  H N N 29  
ARG HB3  H N N 30  
ARG HG2  H N N 31  
ARG HG3  H N N 32  
ARG HD2  H N N 33  
ARG HD3  H N N 34  
ARG HE   H N N 35  
ARG HH11 H N N 36  
ARG HH12 H N N 37  
ARG HH21 H N N 38  
ARG HH22 H N N 39  
ARG HXT  H N N 40  
ASN N    N N N 41  
ASN CA   C N S 42  
ASN C    C N N 43  
ASN O    O N N 44  
ASN CB   C N N 45  
ASN CG   C N N 46  
ASN OD1  O N N 47  
ASN ND2  N N N 48  
ASN OXT  O N N 49  
ASN H    H N N 50  
ASN H2   H N N 51  
ASN HA   H N N 52  
ASN HB2  H N N 53  
ASN HB3  H N N 54  
ASN HD21 H N N 55  
ASN HD22 H N N 56  
ASN HXT  H N N 57  
ASP N    N N N 58  
ASP CA   C N S 59  
ASP C    C N N 60  
ASP O    O N N 61  
ASP CB   C N N 62  
ASP CG   C N N 63  
ASP OD1  O N N 64  
ASP OD2  O N N 65  
ASP OXT  O N N 66  
ASP H    H N N 67  
ASP H2   H N N 68  
ASP HA   H N N 69  
ASP HB2  H N N 70  
ASP HB3  H N N 71  
ASP HD2  H N N 72  
ASP HXT  H N N 73  
CYS N    N N N 74  
CYS CA   C N R 75  
CYS C    C N N 76  
CYS O    O N N 77  
CYS CB   C N N 78  
CYS SG   S N N 79  
CYS OXT  O N N 80  
CYS H    H N N 81  
CYS H2   H N N 82  
CYS HA   H N N 83  
CYS HB2  H N N 84  
CYS HB3  H N N 85  
CYS HG   H N N 86  
CYS HXT  H N N 87  
GLN N    N N N 88  
GLN CA   C N S 89  
GLN C    C N N 90  
GLN O    O N N 91  
GLN CB   C N N 92  
GLN CG   C N N 93  
GLN CD   C N N 94  
GLN OE1  O N N 95  
GLN NE2  N N N 96  
GLN OXT  O N N 97  
GLN H    H N N 98  
GLN H2   H N N 99  
GLN HA   H N N 100 
GLN HB2  H N N 101 
GLN HB3  H N N 102 
GLN HG2  H N N 103 
GLN HG3  H N N 104 
GLN HE21 H N N 105 
GLN HE22 H N N 106 
GLN HXT  H N N 107 
GLU N    N N N 108 
GLU CA   C N S 109 
GLU C    C N N 110 
GLU O    O N N 111 
GLU CB   C N N 112 
GLU CG   C N N 113 
GLU CD   C N N 114 
GLU OE1  O N N 115 
GLU OE2  O N N 116 
GLU OXT  O N N 117 
GLU H    H N N 118 
GLU H2   H N N 119 
GLU HA   H N N 120 
GLU HB2  H N N 121 
GLU HB3  H N N 122 
GLU HG2  H N N 123 
GLU HG3  H N N 124 
GLU HE2  H N N 125 
GLU HXT  H N N 126 
GLY N    N N N 127 
GLY CA   C N N 128 
GLY C    C N N 129 
GLY O    O N N 130 
GLY OXT  O N N 131 
GLY H    H N N 132 
GLY H2   H N N 133 
GLY HA2  H N N 134 
GLY HA3  H N N 135 
GLY HXT  H N N 136 
GOL C1   C N N 137 
GOL O1   O N N 138 
GOL C2   C N N 139 
GOL O2   O N N 140 
GOL C3   C N N 141 
GOL O3   O N N 142 
GOL H11  H N N 143 
GOL H12  H N N 144 
GOL HO1  H N N 145 
GOL H2   H N N 146 
GOL HO2  H N N 147 
GOL H31  H N N 148 
GOL H32  H N N 149 
GOL HO3  H N N 150 
HIS N    N N N 151 
HIS CA   C N S 152 
HIS C    C N N 153 
HIS O    O N N 154 
HIS CB   C N N 155 
HIS CG   C Y N 156 
HIS ND1  N Y N 157 
HIS CD2  C Y N 158 
HIS CE1  C Y N 159 
HIS NE2  N Y N 160 
HIS OXT  O N N 161 
HIS H    H N N 162 
HIS H2   H N N 163 
HIS HA   H N N 164 
HIS HB2  H N N 165 
HIS HB3  H N N 166 
HIS HD1  H N N 167 
HIS HD2  H N N 168 
HIS HE1  H N N 169 
HIS HE2  H N N 170 
HIS HXT  H N N 171 
HOH O    O N N 172 
HOH H1   H N N 173 
HOH H2   H N N 174 
ILE N    N N N 175 
ILE CA   C N S 176 
ILE C    C N N 177 
ILE O    O N N 178 
ILE CB   C N S 179 
ILE CG1  C N N 180 
ILE CG2  C N N 181 
ILE CD1  C N N 182 
ILE OXT  O N N 183 
ILE H    H N N 184 
ILE H2   H N N 185 
ILE HA   H N N 186 
ILE HB   H N N 187 
ILE HG12 H N N 188 
ILE HG13 H N N 189 
ILE HG21 H N N 190 
ILE HG22 H N N 191 
ILE HG23 H N N 192 
ILE HD11 H N N 193 
ILE HD12 H N N 194 
ILE HD13 H N N 195 
ILE HXT  H N N 196 
LEU N    N N N 197 
LEU CA   C N S 198 
LEU C    C N N 199 
LEU O    O N N 200 
LEU CB   C N N 201 
LEU CG   C N N 202 
LEU CD1  C N N 203 
LEU CD2  C N N 204 
LEU OXT  O N N 205 
LEU H    H N N 206 
LEU H2   H N N 207 
LEU HA   H N N 208 
LEU HB2  H N N 209 
LEU HB3  H N N 210 
LEU HG   H N N 211 
LEU HD11 H N N 212 
LEU HD12 H N N 213 
LEU HD13 H N N 214 
LEU HD21 H N N 215 
LEU HD22 H N N 216 
LEU HD23 H N N 217 
LEU HXT  H N N 218 
LYS N    N N N 219 
LYS CA   C N S 220 
LYS C    C N N 221 
LYS O    O N N 222 
LYS CB   C N N 223 
LYS CG   C N N 224 
LYS CD   C N N 225 
LYS CE   C N N 226 
LYS NZ   N N N 227 
LYS OXT  O N N 228 
LYS H    H N N 229 
LYS H2   H N N 230 
LYS HA   H N N 231 
LYS HB2  H N N 232 
LYS HB3  H N N 233 
LYS HG2  H N N 234 
LYS HG3  H N N 235 
LYS HD2  H N N 236 
LYS HD3  H N N 237 
LYS HE2  H N N 238 
LYS HE3  H N N 239 
LYS HZ1  H N N 240 
LYS HZ2  H N N 241 
LYS HZ3  H N N 242 
LYS HXT  H N N 243 
MES O1   O N N 244 
MES C2   C N N 245 
MES C3   C N N 246 
MES N4   N N N 247 
MES C5   C N N 248 
MES C6   C N N 249 
MES C7   C N N 250 
MES C8   C N N 251 
MES S    S N N 252 
MES O1S  O N N 253 
MES O2S  O N N 254 
MES O3S  O N N 255 
MES H21  H N N 256 
MES H22  H N N 257 
MES H31  H N N 258 
MES H32  H N N 259 
MES HN4  H N N 260 
MES H51  H N N 261 
MES H52  H N N 262 
MES H61  H N N 263 
MES H62  H N N 264 
MES H71  H N N 265 
MES H72  H N N 266 
MES H81  H N N 267 
MES H82  H N N 268 
MET N    N N N 269 
MET CA   C N S 270 
MET C    C N N 271 
MET O    O N N 272 
MET CB   C N N 273 
MET CG   C N N 274 
MET SD   S N N 275 
MET CE   C N N 276 
MET OXT  O N N 277 
MET H    H N N 278 
MET H2   H N N 279 
MET HA   H N N 280 
MET HB2  H N N 281 
MET HB3  H N N 282 
MET HG2  H N N 283 
MET HG3  H N N 284 
MET HE1  H N N 285 
MET HE2  H N N 286 
MET HE3  H N N 287 
MET HXT  H N N 288 
PHE N    N N N 289 
PHE CA   C N S 290 
PHE C    C N N 291 
PHE O    O N N 292 
PHE CB   C N N 293 
PHE CG   C Y N 294 
PHE CD1  C Y N 295 
PHE CD2  C Y N 296 
PHE CE1  C Y N 297 
PHE CE2  C Y N 298 
PHE CZ   C Y N 299 
PHE OXT  O N N 300 
PHE H    H N N 301 
PHE H2   H N N 302 
PHE HA   H N N 303 
PHE HB2  H N N 304 
PHE HB3  H N N 305 
PHE HD1  H N N 306 
PHE HD2  H N N 307 
PHE HE1  H N N 308 
PHE HE2  H N N 309 
PHE HZ   H N N 310 
PHE HXT  H N N 311 
PRO N    N N N 312 
PRO CA   C N S 313 
PRO C    C N N 314 
PRO O    O N N 315 
PRO CB   C N N 316 
PRO CG   C N N 317 
PRO CD   C N N 318 
PRO OXT  O N N 319 
PRO H    H N N 320 
PRO HA   H N N 321 
PRO HB2  H N N 322 
PRO HB3  H N N 323 
PRO HG2  H N N 324 
PRO HG3  H N N 325 
PRO HD2  H N N 326 
PRO HD3  H N N 327 
PRO HXT  H N N 328 
SER N    N N N 329 
SER CA   C N S 330 
SER C    C N N 331 
SER O    O N N 332 
SER CB   C N N 333 
SER OG   O N N 334 
SER OXT  O N N 335 
SER H    H N N 336 
SER H2   H N N 337 
SER HA   H N N 338 
SER HB2  H N N 339 
SER HB3  H N N 340 
SER HG   H N N 341 
SER HXT  H N N 342 
THR N    N N N 343 
THR CA   C N S 344 
THR C    C N N 345 
THR O    O N N 346 
THR CB   C N R 347 
THR OG1  O N N 348 
THR CG2  C N N 349 
THR OXT  O N N 350 
THR H    H N N 351 
THR H2   H N N 352 
THR HA   H N N 353 
THR HB   H N N 354 
THR HG1  H N N 355 
THR HG21 H N N 356 
THR HG22 H N N 357 
THR HG23 H N N 358 
THR HXT  H N N 359 
TRP N    N N N 360 
TRP CA   C N S 361 
TRP C    C N N 362 
TRP O    O N N 363 
TRP CB   C N N 364 
TRP CG   C Y N 365 
TRP CD1  C Y N 366 
TRP CD2  C Y N 367 
TRP NE1  N Y N 368 
TRP CE2  C Y N 369 
TRP CE3  C Y N 370 
TRP CZ2  C Y N 371 
TRP CZ3  C Y N 372 
TRP CH2  C Y N 373 
TRP OXT  O N N 374 
TRP H    H N N 375 
TRP H2   H N N 376 
TRP HA   H N N 377 
TRP HB2  H N N 378 
TRP HB3  H N N 379 
TRP HD1  H N N 380 
TRP HE1  H N N 381 
TRP HE3  H N N 382 
TRP HZ2  H N N 383 
TRP HZ3  H N N 384 
TRP HH2  H N N 385 
TRP HXT  H N N 386 
TYR N    N N N 387 
TYR CA   C N S 388 
TYR C    C N N 389 
TYR O    O N N 390 
TYR CB   C N N 391 
TYR CG   C Y N 392 
TYR CD1  C Y N 393 
TYR CD2  C Y N 394 
TYR CE1  C Y N 395 
TYR CE2  C Y N 396 
TYR CZ   C Y N 397 
TYR OH   O N N 398 
TYR OXT  O N N 399 
TYR H    H N N 400 
TYR H2   H N N 401 
TYR HA   H N N 402 
TYR HB2  H N N 403 
TYR HB3  H N N 404 
TYR HD1  H N N 405 
TYR HD2  H N N 406 
TYR HE1  H N N 407 
TYR HE2  H N N 408 
TYR HH   H N N 409 
TYR HXT  H N N 410 
VAL N    N N N 411 
VAL CA   C N S 412 
VAL C    C N N 413 
VAL O    O N N 414 
VAL CB   C N N 415 
VAL CG1  C N N 416 
VAL CG2  C N N 417 
VAL OXT  O N N 418 
VAL H    H N N 419 
VAL H2   H N N 420 
VAL HA   H N N 421 
VAL HB   H N N 422 
VAL HG11 H N N 423 
VAL HG12 H N N 424 
VAL HG13 H N N 425 
VAL HG21 H N N 426 
VAL HG22 H N N 427 
VAL HG23 H N N 428 
VAL HXT  H N N 429 
# 
loop_
_chem_comp_bond.comp_id 
_chem_comp_bond.atom_id_1 
_chem_comp_bond.atom_id_2 
_chem_comp_bond.value_order 
_chem_comp_bond.pdbx_aromatic_flag 
_chem_comp_bond.pdbx_stereo_config 
_chem_comp_bond.pdbx_ordinal 
ALA N   CA   sing N N 1   
ALA N   H    sing N N 2   
ALA N   H2   sing N N 3   
ALA CA  C    sing N N 4   
ALA CA  CB   sing N N 5   
ALA CA  HA   sing N N 6   
ALA C   O    doub N N 7   
ALA C   OXT  sing N N 8   
ALA CB  HB1  sing N N 9   
ALA CB  HB2  sing N N 10  
ALA CB  HB3  sing N N 11  
ALA OXT HXT  sing N N 12  
ARG N   CA   sing N N 13  
ARG N   H    sing N N 14  
ARG N   H2   sing N N 15  
ARG CA  C    sing N N 16  
ARG CA  CB   sing N N 17  
ARG CA  HA   sing N N 18  
ARG C   O    doub N N 19  
ARG C   OXT  sing N N 20  
ARG CB  CG   sing N N 21  
ARG CB  HB2  sing N N 22  
ARG CB  HB3  sing N N 23  
ARG CG  CD   sing N N 24  
ARG CG  HG2  sing N N 25  
ARG CG  HG3  sing N N 26  
ARG CD  NE   sing N N 27  
ARG CD  HD2  sing N N 28  
ARG CD  HD3  sing N N 29  
ARG NE  CZ   sing N N 30  
ARG NE  HE   sing N N 31  
ARG CZ  NH1  sing N N 32  
ARG CZ  NH2  doub N N 33  
ARG NH1 HH11 sing N N 34  
ARG NH1 HH12 sing N N 35  
ARG NH2 HH21 sing N N 36  
ARG NH2 HH22 sing N N 37  
ARG OXT HXT  sing N N 38  
ASN N   CA   sing N N 39  
ASN N   H    sing N N 40  
ASN N   H2   sing N N 41  
ASN CA  C    sing N N 42  
ASN CA  CB   sing N N 43  
ASN CA  HA   sing N N 44  
ASN C   O    doub N N 45  
ASN C   OXT  sing N N 46  
ASN CB  CG   sing N N 47  
ASN CB  HB2  sing N N 48  
ASN CB  HB3  sing N N 49  
ASN CG  OD1  doub N N 50  
ASN CG  ND2  sing N N 51  
ASN ND2 HD21 sing N N 52  
ASN ND2 HD22 sing N N 53  
ASN OXT HXT  sing N N 54  
ASP N   CA   sing N N 55  
ASP N   H    sing N N 56  
ASP N   H2   sing N N 57  
ASP CA  C    sing N N 58  
ASP CA  CB   sing N N 59  
ASP CA  HA   sing N N 60  
ASP C   O    doub N N 61  
ASP C   OXT  sing N N 62  
ASP CB  CG   sing N N 63  
ASP CB  HB2  sing N N 64  
ASP CB  HB3  sing N N 65  
ASP CG  OD1  doub N N 66  
ASP CG  OD2  sing N N 67  
ASP OD2 HD2  sing N N 68  
ASP OXT HXT  sing N N 69  
CYS N   CA   sing N N 70  
CYS N   H    sing N N 71  
CYS N   H2   sing N N 72  
CYS CA  C    sing N N 73  
CYS CA  CB   sing N N 74  
CYS CA  HA   sing N N 75  
CYS C   O    doub N N 76  
CYS C   OXT  sing N N 77  
CYS CB  SG   sing N N 78  
CYS CB  HB2  sing N N 79  
CYS CB  HB3  sing N N 80  
CYS SG  HG   sing N N 81  
CYS OXT HXT  sing N N 82  
GLN N   CA   sing N N 83  
GLN N   H    sing N N 84  
GLN N   H2   sing N N 85  
GLN CA  C    sing N N 86  
GLN CA  CB   sing N N 87  
GLN CA  HA   sing N N 88  
GLN C   O    doub N N 89  
GLN C   OXT  sing N N 90  
GLN CB  CG   sing N N 91  
GLN CB  HB2  sing N N 92  
GLN CB  HB3  sing N N 93  
GLN CG  CD   sing N N 94  
GLN CG  HG2  sing N N 95  
GLN CG  HG3  sing N N 96  
GLN CD  OE1  doub N N 97  
GLN CD  NE2  sing N N 98  
GLN NE2 HE21 sing N N 99  
GLN NE2 HE22 sing N N 100 
GLN OXT HXT  sing N N 101 
GLU N   CA   sing N N 102 
GLU N   H    sing N N 103 
GLU N   H2   sing N N 104 
GLU CA  C    sing N N 105 
GLU CA  CB   sing N N 106 
GLU CA  HA   sing N N 107 
GLU C   O    doub N N 108 
GLU C   OXT  sing N N 109 
GLU CB  CG   sing N N 110 
GLU CB  HB2  sing N N 111 
GLU CB  HB3  sing N N 112 
GLU CG  CD   sing N N 113 
GLU CG  HG2  sing N N 114 
GLU CG  HG3  sing N N 115 
GLU CD  OE1  doub N N 116 
GLU CD  OE2  sing N N 117 
GLU OE2 HE2  sing N N 118 
GLU OXT HXT  sing N N 119 
GLY N   CA   sing N N 120 
GLY N   H    sing N N 121 
GLY N   H2   sing N N 122 
GLY CA  C    sing N N 123 
GLY CA  HA2  sing N N 124 
GLY CA  HA3  sing N N 125 
GLY C   O    doub N N 126 
GLY C   OXT  sing N N 127 
GLY OXT HXT  sing N N 128 
GOL C1  O1   sing N N 129 
GOL C1  C2   sing N N 130 
GOL C1  H11  sing N N 131 
GOL C1  H12  sing N N 132 
GOL O1  HO1  sing N N 133 
GOL C2  O2   sing N N 134 
GOL C2  C3   sing N N 135 
GOL C2  H2   sing N N 136 
GOL O2  HO2  sing N N 137 
GOL C3  O3   sing N N 138 
GOL C3  H31  sing N N 139 
GOL C3  H32  sing N N 140 
GOL O3  HO3  sing N N 141 
HIS N   CA   sing N N 142 
HIS N   H    sing N N 143 
HIS N   H2   sing N N 144 
HIS CA  C    sing N N 145 
HIS CA  CB   sing N N 146 
HIS CA  HA   sing N N 147 
HIS C   O    doub N N 148 
HIS C   OXT  sing N N 149 
HIS CB  CG   sing N N 150 
HIS CB  HB2  sing N N 151 
HIS CB  HB3  sing N N 152 
HIS CG  ND1  sing Y N 153 
HIS CG  CD2  doub Y N 154 
HIS ND1 CE1  doub Y N 155 
HIS ND1 HD1  sing N N 156 
HIS CD2 NE2  sing Y N 157 
HIS CD2 HD2  sing N N 158 
HIS CE1 NE2  sing Y N 159 
HIS CE1 HE1  sing N N 160 
HIS NE2 HE2  sing N N 161 
HIS OXT HXT  sing N N 162 
HOH O   H1   sing N N 163 
HOH O   H2   sing N N 164 
ILE N   CA   sing N N 165 
ILE N   H    sing N N 166 
ILE N   H2   sing N N 167 
ILE CA  C    sing N N 168 
ILE CA  CB   sing N N 169 
ILE CA  HA   sing N N 170 
ILE C   O    doub N N 171 
ILE C   OXT  sing N N 172 
ILE CB  CG1  sing N N 173 
ILE CB  CG2  sing N N 174 
ILE CB  HB   sing N N 175 
ILE CG1 CD1  sing N N 176 
ILE CG1 HG12 sing N N 177 
ILE CG1 HG13 sing N N 178 
ILE CG2 HG21 sing N N 179 
ILE CG2 HG22 sing N N 180 
ILE CG2 HG23 sing N N 181 
ILE CD1 HD11 sing N N 182 
ILE CD1 HD12 sing N N 183 
ILE CD1 HD13 sing N N 184 
ILE OXT HXT  sing N N 185 
LEU N   CA   sing N N 186 
LEU N   H    sing N N 187 
LEU N   H2   sing N N 188 
LEU CA  C    sing N N 189 
LEU CA  CB   sing N N 190 
LEU CA  HA   sing N N 191 
LEU C   O    doub N N 192 
LEU C   OXT  sing N N 193 
LEU CB  CG   sing N N 194 
LEU CB  HB2  sing N N 195 
LEU CB  HB3  sing N N 196 
LEU CG  CD1  sing N N 197 
LEU CG  CD2  sing N N 198 
LEU CG  HG   sing N N 199 
LEU CD1 HD11 sing N N 200 
LEU CD1 HD12 sing N N 201 
LEU CD1 HD13 sing N N 202 
LEU CD2 HD21 sing N N 203 
LEU CD2 HD22 sing N N 204 
LEU CD2 HD23 sing N N 205 
LEU OXT HXT  sing N N 206 
LYS N   CA   sing N N 207 
LYS N   H    sing N N 208 
LYS N   H2   sing N N 209 
LYS CA  C    sing N N 210 
LYS CA  CB   sing N N 211 
LYS CA  HA   sing N N 212 
LYS C   O    doub N N 213 
LYS C   OXT  sing N N 214 
LYS CB  CG   sing N N 215 
LYS CB  HB2  sing N N 216 
LYS CB  HB3  sing N N 217 
LYS CG  CD   sing N N 218 
LYS CG  HG2  sing N N 219 
LYS CG  HG3  sing N N 220 
LYS CD  CE   sing N N 221 
LYS CD  HD2  sing N N 222 
LYS CD  HD3  sing N N 223 
LYS CE  NZ   sing N N 224 
LYS CE  HE2  sing N N 225 
LYS CE  HE3  sing N N 226 
LYS NZ  HZ1  sing N N 227 
LYS NZ  HZ2  sing N N 228 
LYS NZ  HZ3  sing N N 229 
LYS OXT HXT  sing N N 230 
MES O1  C2   sing N N 231 
MES O1  C6   sing N N 232 
MES C2  C3   sing N N 233 
MES C2  H21  sing N N 234 
MES C2  H22  sing N N 235 
MES C3  N4   sing N N 236 
MES C3  H31  sing N N 237 
MES C3  H32  sing N N 238 
MES N4  C5   sing N N 239 
MES N4  C7   sing N N 240 
MES N4  HN4  sing N N 241 
MES C5  C6   sing N N 242 
MES C5  H51  sing N N 243 
MES C5  H52  sing N N 244 
MES C6  H61  sing N N 245 
MES C6  H62  sing N N 246 
MES C7  C8   sing N N 247 
MES C7  H71  sing N N 248 
MES C7  H72  sing N N 249 
MES C8  S    sing N N 250 
MES C8  H81  sing N N 251 
MES C8  H82  sing N N 252 
MES S   O1S  doub N N 253 
MES S   O2S  doub N N 254 
MES S   O3S  sing N N 255 
MET N   CA   sing N N 256 
MET N   H    sing N N 257 
MET N   H2   sing N N 258 
MET CA  C    sing N N 259 
MET CA  CB   sing N N 260 
MET CA  HA   sing N N 261 
MET C   O    doub N N 262 
MET C   OXT  sing N N 263 
MET CB  CG   sing N N 264 
MET CB  HB2  sing N N 265 
MET CB  HB3  sing N N 266 
MET CG  SD   sing N N 267 
MET CG  HG2  sing N N 268 
MET CG  HG3  sing N N 269 
MET SD  CE   sing N N 270 
MET CE  HE1  sing N N 271 
MET CE  HE2  sing N N 272 
MET CE  HE3  sing N N 273 
MET OXT HXT  sing N N 274 
PHE N   CA   sing N N 275 
PHE N   H    sing N N 276 
PHE N   H2   sing N N 277 
PHE CA  C    sing N N 278 
PHE CA  CB   sing N N 279 
PHE CA  HA   sing N N 280 
PHE C   O    doub N N 281 
PHE C   OXT  sing N N 282 
PHE CB  CG   sing N N 283 
PHE CB  HB2  sing N N 284 
PHE CB  HB3  sing N N 285 
PHE CG  CD1  doub Y N 286 
PHE CG  CD2  sing Y N 287 
PHE CD1 CE1  sing Y N 288 
PHE CD1 HD1  sing N N 289 
PHE CD2 CE2  doub Y N 290 
PHE CD2 HD2  sing N N 291 
PHE CE1 CZ   doub Y N 292 
PHE CE1 HE1  sing N N 293 
PHE CE2 CZ   sing Y N 294 
PHE CE2 HE2  sing N N 295 
PHE CZ  HZ   sing N N 296 
PHE OXT HXT  sing N N 297 
PRO N   CA   sing N N 298 
PRO N   CD   sing N N 299 
PRO N   H    sing N N 300 
PRO CA  C    sing N N 301 
PRO CA  CB   sing N N 302 
PRO CA  HA   sing N N 303 
PRO C   O    doub N N 304 
PRO C   OXT  sing N N 305 
PRO CB  CG   sing N N 306 
PRO CB  HB2  sing N N 307 
PRO CB  HB3  sing N N 308 
PRO CG  CD   sing N N 309 
PRO CG  HG2  sing N N 310 
PRO CG  HG3  sing N N 311 
PRO CD  HD2  sing N N 312 
PRO CD  HD3  sing N N 313 
PRO OXT HXT  sing N N 314 
SER N   CA   sing N N 315 
SER N   H    sing N N 316 
SER N   H2   sing N N 317 
SER CA  C    sing N N 318 
SER CA  CB   sing N N 319 
SER CA  HA   sing N N 320 
SER C   O    doub N N 321 
SER C   OXT  sing N N 322 
SER CB  OG   sing N N 323 
SER CB  HB2  sing N N 324 
SER CB  HB3  sing N N 325 
SER OG  HG   sing N N 326 
SER OXT HXT  sing N N 327 
THR N   CA   sing N N 328 
THR N   H    sing N N 329 
THR N   H2   sing N N 330 
THR CA  C    sing N N 331 
THR CA  CB   sing N N 332 
THR CA  HA   sing N N 333 
THR C   O    doub N N 334 
THR C   OXT  sing N N 335 
THR CB  OG1  sing N N 336 
THR CB  CG2  sing N N 337 
THR CB  HB   sing N N 338 
THR OG1 HG1  sing N N 339 
THR CG2 HG21 sing N N 340 
THR CG2 HG22 sing N N 341 
THR CG2 HG23 sing N N 342 
THR OXT HXT  sing N N 343 
TRP N   CA   sing N N 344 
TRP N   H    sing N N 345 
TRP N   H2   sing N N 346 
TRP CA  C    sing N N 347 
TRP CA  CB   sing N N 348 
TRP CA  HA   sing N N 349 
TRP C   O    doub N N 350 
TRP C   OXT  sing N N 351 
TRP CB  CG   sing N N 352 
TRP CB  HB2  sing N N 353 
TRP CB  HB3  sing N N 354 
TRP CG  CD1  doub Y N 355 
TRP CG  CD2  sing Y N 356 
TRP CD1 NE1  sing Y N 357 
TRP CD1 HD1  sing N N 358 
TRP CD2 CE2  doub Y N 359 
TRP CD2 CE3  sing Y N 360 
TRP NE1 CE2  sing Y N 361 
TRP NE1 HE1  sing N N 362 
TRP CE2 CZ2  sing Y N 363 
TRP CE3 CZ3  doub Y N 364 
TRP CE3 HE3  sing N N 365 
TRP CZ2 CH2  doub Y N 366 
TRP CZ2 HZ2  sing N N 367 
TRP CZ3 CH2  sing Y N 368 
TRP CZ3 HZ3  sing N N 369 
TRP CH2 HH2  sing N N 370 
TRP OXT HXT  sing N N 371 
TYR N   CA   sing N N 372 
TYR N   H    sing N N 373 
TYR N   H2   sing N N 374 
TYR CA  C    sing N N 375 
TYR CA  CB   sing N N 376 
TYR CA  HA   sing N N 377 
TYR C   O    doub N N 378 
TYR C   OXT  sing N N 379 
TYR CB  CG   sing N N 380 
TYR CB  HB2  sing N N 381 
TYR CB  HB3  sing N N 382 
TYR CG  CD1  doub Y N 383 
TYR CG  CD2  sing Y N 384 
TYR CD1 CE1  sing Y N 385 
TYR CD1 HD1  sing N N 386 
TYR CD2 CE2  doub Y N 387 
TYR CD2 HD2  sing N N 388 
TYR CE1 CZ   doub Y N 389 
TYR CE1 HE1  sing N N 390 
TYR CE2 CZ   sing Y N 391 
TYR CE2 HE2  sing N N 392 
TYR CZ  OH   sing N N 393 
TYR OH  HH   sing N N 394 
TYR OXT HXT  sing N N 395 
VAL N   CA   sing N N 396 
VAL N   H    sing N N 397 
VAL N   H2   sing N N 398 
VAL CA  C    sing N N 399 
VAL CA  CB   sing N N 400 
VAL CA  HA   sing N N 401 
VAL C   O    doub N N 402 
VAL C   OXT  sing N N 403 
VAL CB  CG1  sing N N 404 
VAL CB  CG2  sing N N 405 
VAL CB  HB   sing N N 406 
VAL CG1 HG11 sing N N 407 
VAL CG1 HG12 sing N N 408 
VAL CG1 HG13 sing N N 409 
VAL CG2 HG21 sing N N 410 
VAL CG2 HG22 sing N N 411 
VAL CG2 HG23 sing N N 412 
VAL OXT HXT  sing N N 413 
# 
loop_
_pdbx_audit_support.funding_organization 
_pdbx_audit_support.country 
_pdbx_audit_support.grant_number 
_pdbx_audit_support.ordinal 
'National Research Foundation (NRF, Korea)' 'Korea, Republic Of' 2021RIS-001      1 
'National Research Foundation (NRF, Korea)' 'Korea, Republic Of' 2022R1F1A1074091 2 
# 
_pdbx_initial_refinement_model.id               1 
_pdbx_initial_refinement_model.entity_id_list   ? 
_pdbx_initial_refinement_model.type             'experimental model' 
_pdbx_initial_refinement_model.source_name      PDB 
_pdbx_initial_refinement_model.accession_code   2WP4 
_pdbx_initial_refinement_model.details          ? 
# 
_atom_sites.entry_id                    9JBD 
_atom_sites.Cartn_transf_matrix[1][1]   ? 
_atom_sites.Cartn_transf_matrix[1][2]   ? 
_atom_sites.Cartn_transf_matrix[1][3]   ? 
_atom_sites.Cartn_transf_matrix[2][1]   ? 
_atom_sites.Cartn_transf_matrix[2][2]   ? 
_atom_sites.Cartn_transf_matrix[2][3]   ? 
_atom_sites.Cartn_transf_matrix[3][1]   ? 
_atom_sites.Cartn_transf_matrix[3][2]   ? 
_atom_sites.Cartn_transf_matrix[3][3]   ? 
_atom_sites.Cartn_transf_vector[1]      ? 
_atom_sites.Cartn_transf_vector[2]      ? 
_atom_sites.Cartn_transf_vector[3]      ? 
_atom_sites.Cartn_transform_axes        ? 
_atom_sites.fract_transf_matrix[1][1]   -0.00289561 
_atom_sites.fract_transf_matrix[1][2]   -0.00344452 
_atom_sites.fract_transf_matrix[1][3]   0.01088779 
_atom_sites.fract_transf_matrix[2][1]   0.00202295 
_atom_sites.fract_transf_matrix[2][2]   -0.01109664 
_atom_sites.fract_transf_matrix[2][3]   0.00340062 
_atom_sites.fract_transf_matrix[3][1]   0.00881720 
_atom_sites.fract_transf_matrix[3][2]   0.00257574 
_atom_sites.fract_transf_matrix[3][3]   0.00315981 
_atom_sites.fract_transf_vector[1]      0.449641 
_atom_sites.fract_transf_vector[2]      0.341193 
_atom_sites.fract_transf_vector[3]      -0.065023 
_atom_sites.solution_primary            ? 
_atom_sites.solution_secondary          ? 
_atom_sites.solution_hydrogens          ? 
_atom_sites.special_details             ? 
# 
loop_
_atom_type.symbol 
C 
N 
O 
S 
# 
loop_
_atom_site.group_PDB 
_atom_site.id 
_atom_site.type_symbol 
_atom_site.label_atom_id 
_atom_site.label_alt_id 
_atom_site.label_comp_id 
_atom_site.label_asym_id 
_atom_site.label_entity_id 
_atom_site.label_seq_id 
_atom_site.pdbx_PDB_ins_code 
_atom_site.Cartn_x 
_atom_site.Cartn_y 
_atom_site.Cartn_z 
_atom_site.occupancy 
_atom_site.B_iso_or_equiv 
_atom_site.pdbx_formal_charge 
_atom_site.auth_seq_id 
_atom_site.auth_comp_id 
_atom_site.auth_asym_id 
_atom_site.auth_atom_id 
_atom_site.pdbx_PDB_model_num 
ATOM   1    N N   . SER A 1 8   ? -17.877 -3.838  -9.786  1.00 71.79  ? 83  SER A N   1 
ATOM   2    C CA  . SER A 1 8   ? -16.761 -3.027  -10.258 1.00 79.87  ? 83  SER A CA  1 
ATOM   3    C C   . SER A 1 8   ? -15.441 -3.689  -9.824  1.00 79.78  ? 83  SER A C   1 
ATOM   4    O O   . SER A 1 8   ? -15.261 -4.006  -8.643  1.00 80.60  ? 83  SER A O   1 
ATOM   5    C CB  . SER A 1 8   ? -16.881 -1.597  -9.725  1.00 87.00  ? 83  SER A CB  1 
ATOM   6    O OG  . SER A 1 8   ? -16.006 -0.714  -10.411 1.00 92.81  ? 83  SER A OG  1 
ATOM   7    N N   . ASP A 1 9   ? -14.538 -3.896  -10.786 1.00 74.50  ? 84  ASP A N   1 
ATOM   8    C CA  . ASP A 1 9   ? -13.397 -4.790  -10.610 1.00 75.29  ? 84  ASP A CA  1 
ATOM   9    C C   . ASP A 1 9   ? -12.401 -4.239  -9.587  1.00 76.12  ? 84  ASP A C   1 
ATOM   10   O O   . ASP A 1 9   ? -12.263 -3.026  -9.400  1.00 76.29  ? 84  ASP A O   1 
ATOM   11   C CB  . ASP A 1 9   ? -12.689 -5.019  -11.955 1.00 69.74  ? 84  ASP A CB  1 
ATOM   12   C CG  . ASP A 1 9   ? -11.714 -6.207  -11.929 1.00 71.17  ? 84  ASP A CG  1 
ATOM   13   O OD1 . ASP A 1 9   ? -11.672 -6.945  -10.914 1.00 70.63  ? 84  ASP A OD1 1 
ATOM   14   O OD2 . ASP A 1 9   ? -10.982 -6.401  -12.928 1.00 66.10  ? 84  ASP A OD2 1 
ATOM   15   N N   . VAL A 1 10  ? -11.688 -5.156  -8.929  1.00 70.07  ? 85  VAL A N   1 
ATOM   16   C CA  . VAL A 1 10  ? -10.724 -4.772  -7.908  1.00 73.36  ? 85  VAL A CA  1 
ATOM   17   C C   . VAL A 1 10  ? -9.534  -4.086  -8.568  1.00 72.70  ? 85  VAL A C   1 
ATOM   18   O O   . VAL A 1 10  ? -9.137  -4.430  -9.690  1.00 70.99  ? 85  VAL A O   1 
ATOM   19   C CB  . VAL A 1 10  ? -10.296 -6.006  -7.094  1.00 72.18  ? 85  VAL A CB  1 
ATOM   20   C CG1 . VAL A 1 10  ? -10.152 -7.193  -7.998  1.00 75.79  ? 85  VAL A CG1 1 
ATOM   21   C CG2 . VAL A 1 10  ? -8.976  -5.762  -6.393  1.00 69.91  ? 85  VAL A CG2 1 
ATOM   22   N N   . TYR A 1 11  ? -8.994  -3.070  -7.897  1.00 62.74  ? 86  TYR A N   1 
ATOM   23   C CA  . TYR A 1 11  ? -7.775  -2.399  -8.321  1.00 57.06  ? 86  TYR A CA  1 
ATOM   24   C C   . TYR A 1 11  ? -6.668  -2.817  -7.363  1.00 61.39  ? 86  TYR A C   1 
ATOM   25   O O   . TYR A 1 11  ? -6.716  -2.515  -6.166  1.00 56.48  ? 86  TYR A O   1 
ATOM   26   C CB  . TYR A 1 11  ? -7.940  -0.877  -8.345  1.00 58.95  ? 86  TYR A CB  1 
ATOM   27   C CG  . TYR A 1 11  ? -6.703  -0.147  -8.809  1.00 60.28  ? 86  TYR A CG  1 
ATOM   28   C CD1 . TYR A 1 11  ? -5.655  0.127   -7.919  1.00 63.73  ? 86  TYR A CD1 1 
ATOM   29   C CD2 . TYR A 1 11  ? -6.567  0.264   -10.130 1.00 60.11  ? 86  TYR A CD2 1 
ATOM   30   C CE1 . TYR A 1 11  ? -4.506  0.790   -8.334  1.00 63.33  ? 86  TYR A CE1 1 
ATOM   31   C CE2 . TYR A 1 11  ? -5.416  0.926   -10.558 1.00 62.70  ? 86  TYR A CE2 1 
ATOM   32   C CZ  . TYR A 1 11  ? -4.393  1.183   -9.655  1.00 67.95  ? 86  TYR A CZ  1 
ATOM   33   O OH  . TYR A 1 11  ? -3.256  1.840   -10.064 1.00 66.66  ? 86  TYR A OH  1 
ATOM   34   N N   . CYS A 1 12  ? -5.672  -3.505  -7.896  1.00 63.10  ? 87  CYS A N   1 
ATOM   35   C CA  . CYS A 1 12  ? -4.606  -4.068  -7.084  1.00 65.02  ? 87  CYS A CA  1 
ATOM   36   C C   . CYS A 1 12  ? -3.386  -4.182  -7.996  1.00 61.93  ? 87  CYS A C   1 
ATOM   37   O O   . CYS A 1 12  ? -3.316  -5.090  -8.832  1.00 57.93  ? 87  CYS A O   1 
ATOM   38   C CB  . CYS A 1 12  ? -5.035  -5.408  -6.503  1.00 61.92  ? 87  CYS A CB  1 
ATOM   39   S SG  . CYS A 1 12  ? -3.807  -6.216  -5.438  1.00 68.60  ? 87  CYS A SG  1 
ATOM   40   N N   . ARG A 1 13  ? -2.445  -3.248  -7.842  1.00 63.13  ? 88  ARG A N   1 
ATOM   41   C CA  . ARG A 1 13  ? -1.353  -3.050  -8.791  1.00 61.21  ? 88  ARG A CA  1 
ATOM   42   C C   . ARG A 1 13  ? -0.002  -3.245  -8.118  1.00 68.09  ? 88  ARG A C   1 
ATOM   43   O O   . ARG A 1 13  ? 0.279   -2.647  -7.072  1.00 62.49  ? 88  ARG A O   1 
ATOM   44   C CB  . ARG A 1 13  ? -1.406  -1.649  -9.417  1.00 64.69  ? 88  ARG A CB  1 
ATOM   45   C CG  . ARG A 1 13  ? -2.288  -1.517  -10.658 1.00 75.65  ? 88  ARG A CG  1 
ATOM   46   C CD  . ARG A 1 13  ? -1.495  -1.762  -11.945 1.00 82.38  ? 88  ARG A CD  1 
ATOM   47   N NE  . ARG A 1 13  ? -0.403  -0.803  -12.099 1.00 86.31  ? 88  ARG A NE  1 
ATOM   48   C CZ  . ARG A 1 13  ? -0.452  0.268   -12.883 1.00 87.04  ? 88  ARG A CZ  1 
ATOM   49   N NH1 . ARG A 1 13  ? -1.521  0.535   -13.624 1.00 86.02  ? 88  ARG A NH1 1 
ATOM   50   N NH2 . ARG A 1 13  ? 0.597   1.090   -12.927 1.00 85.13  ? 88  ARG A NH2 1 
ATOM   51   N N   . LEU A 1 14  ? 0.827   -4.086  -8.729  1.00 72.98  ? 89  LEU A N   1 
ATOM   52   C CA  . LEU A 1 14  ? 2.261   -4.130  -8.507  1.00 62.87  ? 89  LEU A CA  1 
ATOM   53   C C   . LEU A 1 14  ? 2.949   -3.540  -9.729  1.00 71.63  ? 89  LEU A C   1 
ATOM   54   O O   . LEU A 1 14  ? 2.603   -3.873  -10.865 1.00 73.31  ? 89  LEU A O   1 
ATOM   55   C CB  . LEU A 1 14  ? 2.753   -5.557  -8.305  1.00 58.89  ? 89  LEU A CB  1 
ATOM   56   C CG  . LEU A 1 14  ? 2.189   -6.267  -7.099  1.00 70.66  ? 89  LEU A CG  1 
ATOM   57   C CD1 . LEU A 1 14  ? 3.040   -7.489  -6.835  1.00 76.87  ? 89  LEU A CD1 1 
ATOM   58   C CD2 . LEU A 1 14  ? 2.192   -5.318  -5.906  1.00 74.74  ? 89  LEU A CD2 1 
ATOM   59   N N   . THR A 1 15  ? 3.939   -2.686  -9.507  1.00 64.91  ? 90  THR A N   1 
ATOM   60   C CA  . THR A 1 15  ? 4.573   -2.049  -10.647 1.00 68.31  ? 90  THR A CA  1 
ATOM   61   C C   . THR A 1 15  ? 5.924   -1.469  -10.240 1.00 68.95  ? 90  THR A C   1 
ATOM   62   O O   . THR A 1 15  ? 6.112   -1.008  -9.112  1.00 65.43  ? 90  THR A O   1 
ATOM   63   C CB  . THR A 1 15  ? 3.663   -0.957  -11.219 1.00 67.26  ? 90  THR A CB  1 
ATOM   64   O OG1 . THR A 1 15  ? 4.291   -0.338  -12.351 1.00 74.96  ? 90  THR A OG1 1 
ATOM   65   C CG2 . THR A 1 15  ? 3.356   0.092   -10.159 1.00 64.46  ? 90  THR A CG2 1 
ATOM   66   N N   . ASP A 1 16  ? 6.867   -1.517  -11.178 1.00 71.90  ? 91  ASP A N   1 
ATOM   67   C CA  . ASP A 1 16  ? 8.119   -0.780  -11.042 1.00 69.26  ? 91  ASP A CA  1 
ATOM   68   C C   . ASP A 1 16  ? 7.929   0.716   -11.218 1.00 70.55  ? 91  ASP A C   1 
ATOM   69   O O   . ASP A 1 16  ? 8.778   1.486   -10.765 1.00 74.84  ? 91  ASP A O   1 
ATOM   70   C CB  . ASP A 1 16  ? 9.157   -1.266  -12.063 1.00 73.21  ? 91  ASP A CB  1 
ATOM   71   C CG  . ASP A 1 16  ? 9.521   -2.735  -11.888 1.00 81.22  ? 91  ASP A CG  1 
ATOM   72   O OD1 . ASP A 1 16  ? 9.638   -3.184  -10.725 1.00 80.88  ? 91  ASP A OD1 1 
ATOM   73   O OD2 . ASP A 1 16  ? 9.681   -3.440  -12.915 1.00 84.97  ? 91  ASP A OD2 1 
ATOM   74   N N   . GLU A 1 17  ? 6.847   1.141   -11.870 1.00 72.00  ? 92  GLU A N   1 
ATOM   75   C CA  . GLU A 1 17  ? 6.646   2.547   -12.172 1.00 69.54  ? 92  GLU A CA  1 
ATOM   76   C C   . GLU A 1 17  ? 6.252   3.315   -10.915 1.00 68.11  ? 92  GLU A C   1 
ATOM   77   O O   . GLU A 1 17  ? 5.754   2.733   -9.951  1.00 68.11  ? 92  GLU A O   1 
ATOM   78   C CB  . GLU A 1 17  ? 5.556   2.717   -13.228 1.00 71.24  ? 92  GLU A CB  1 
ATOM   79   C CG  . GLU A 1 17  ? 5.651   1.746   -14.394 1.00 75.12  ? 92  GLU A CG  1 
ATOM   80   C CD  . GLU A 1 17  ? 7.027   1.753   -15.028 1.00 90.76  ? 92  GLU A CD  1 
ATOM   81   O OE1 . GLU A 1 17  ? 7.532   2.861   -15.339 1.00 94.36  ? 92  GLU A OE1 1 
ATOM   82   O OE2 . GLU A 1 17  ? 7.614   0.656   -15.185 1.00 93.97  ? 92  GLU A OE2 1 
ATOM   83   N N   . PRO A 1 18  ? 6.453   4.630   -10.905 1.00 67.99  ? 93  PRO A N   1 
ATOM   84   C CA  . PRO A 1 18  ? 5.934   5.436   -9.795  1.00 66.06  ? 93  PRO A CA  1 
ATOM   85   C C   . PRO A 1 18  ? 4.430   5.248   -9.633  1.00 69.68  ? 93  PRO A C   1 
ATOM   86   O O   . PRO A 1 18  ? 3.686   5.153   -10.609 1.00 66.96  ? 93  PRO A O   1 
ATOM   87   C CB  . PRO A 1 18  ? 6.292   6.869   -10.200 1.00 67.23  ? 93  PRO A CB  1 
ATOM   88   C CG  . PRO A 1 18  ? 7.534   6.708   -11.041 1.00 67.08  ? 93  PRO A CG  1 
ATOM   89   C CD  . PRO A 1 18  ? 7.316   5.419   -11.804 1.00 68.13  ? 93  PRO A CD  1 
ATOM   90   N N   . LEU A 1 19  ? 3.992   5.178   -8.379  1.00 66.35  ? 94  LEU A N   1 
ATOM   91   C CA  . LEU A 1 19  ? 2.588   4.953   -8.081  1.00 58.79  ? 94  LEU A CA  1 
ATOM   92   C C   . LEU A 1 19  ? 1.759   6.188   -8.404  1.00 62.59  ? 94  LEU A C   1 
ATOM   93   O O   . LEU A 1 19  ? 2.257   7.312   -8.443  1.00 65.10  ? 94  LEU A O   1 
ATOM   94   C CB  . LEU A 1 19  ? 2.414   4.565   -6.613  1.00 60.21  ? 94  LEU A CB  1 
ATOM   95   C CG  . LEU A 1 19  ? 3.237   3.326   -6.245  1.00 62.00  ? 94  LEU A CG  1 
ATOM   96   C CD1 . LEU A 1 19  ? 2.963   2.849   -4.822  1.00 59.66  ? 94  LEU A CD1 1 
ATOM   97   C CD2 . LEU A 1 19  ? 2.981   2.207   -7.235  1.00 63.31  ? 94  LEU A CD2 1 
ATOM   98   N N   . SER A 1 20  ? 0.478   5.965   -8.671  1.00 69.02  ? 95  SER A N   1 
ATOM   99   C CA  . SER A 1 20  ? -0.434  7.038   -9.034  1.00 66.11  ? 95  SER A CA  1 
ATOM   100  C C   . SER A 1 20  ? -1.531  7.121   -7.987  1.00 64.94  ? 95  SER A C   1 
ATOM   101  O O   . SER A 1 20  ? -2.412  6.256   -7.932  1.00 69.47  ? 95  SER A O   1 
ATOM   102  C CB  . SER A 1 20  ? -1.021  6.815   -10.421 1.00 71.80  ? 95  SER A CB  1 
ATOM   103  O OG  . SER A 1 20  ? -1.981  7.818   -10.691 1.00 74.71  ? 95  SER A OG  1 
ATOM   104  N N   . VAL A 1 21  ? -1.462  8.149   -7.145  1.00 68.35  ? 96  VAL A N   1 
ATOM   105  C CA  . VAL A 1 21  ? -2.552  8.427   -6.223  1.00 64.37  ? 96  VAL A CA  1 
ATOM   106  C C   . VAL A 1 21  ? -3.830  8.699   -7.002  1.00 67.20  ? 96  VAL A C   1 
ATOM   107  O O   . VAL A 1 21  ? -4.924  8.286   -6.599  1.00 65.16  ? 96  VAL A O   1 
ATOM   108  C CB  . VAL A 1 21  ? -2.169  9.600   -5.301  1.00 63.43  ? 96  VAL A CB  1 
ATOM   109  C CG1 . VAL A 1 21  ? -3.364  10.098  -4.519  1.00 60.40  ? 96  VAL A CG1 1 
ATOM   110  C CG2 . VAL A 1 21  ? -1.042  9.182   -4.365  1.00 59.18  ? 96  VAL A CG2 1 
ATOM   111  N N   . ASP A 1 22  ? -3.702  9.346   -8.163  1.00 70.92  ? 97  ASP A N   1 
ATOM   112  C CA  . ASP A 1 22  ? -4.873  9.627   -8.989  1.00 68.64  ? 97  ASP A CA  1 
ATOM   113  C C   . ASP A 1 22  ? -5.564  8.338   -9.451  1.00 61.84  ? 97  ASP A C   1 
ATOM   114  O O   . ASP A 1 22  ? -6.797  8.243   -9.390  1.00 61.47  ? 97  ASP A O   1 
ATOM   115  C CB  . ASP A 1 22  ? -4.460  10.520  -10.160 1.00 66.00  ? 97  ASP A CB  1 
ATOM   116  C CG  . ASP A 1 22  ? -3.860  11.846  -9.691  1.00 77.02  ? 97  ASP A CG  1 
ATOM   117  O OD1 . ASP A 1 22  ? -4.596  12.669  -9.108  1.00 77.26  ? 97  ASP A OD1 1 
ATOM   118  O OD2 . ASP A 1 22  ? -2.633  12.050  -9.857  1.00 94.27  ? 97  ASP A OD2 1 
ATOM   119  N N   . GLU A 1 23  ? -4.798  7.317   -9.864  1.00 61.40  ? 98  GLU A N   1 
ATOM   120  C CA  . GLU A 1 23  ? -5.429  6.048   -10.248 1.00 63.96  ? 98  GLU A CA  1 
ATOM   121  C C   . GLU A 1 23  ? -6.155  5.409   -9.077  1.00 64.41  ? 98  GLU A C   1 
ATOM   122  O O   . GLU A 1 23  ? -7.276  4.914   -9.233  1.00 64.44  ? 98  GLU A O   1 
ATOM   123  C CB  . GLU A 1 23  ? -4.405  5.057   -10.791 1.00 69.29  ? 98  GLU A CB  1 
ATOM   124  C CG  . GLU A 1 23  ? -3.894  5.330   -12.183 1.00 77.56  ? 98  GLU A CG  1 
ATOM   125  C CD  . GLU A 1 23  ? -3.005  4.199   -12.698 1.00 83.50  ? 98  GLU A CD  1 
ATOM   126  O OE1 . GLU A 1 23  ? -2.963  3.118   -12.058 1.00 75.44  ? 98  GLU A OE1 1 
ATOM   127  O OE2 . GLU A 1 23  ? -2.345  4.393   -13.744 1.00 88.26  ? 98  GLU A OE2 1 
ATOM   128  N N   . VAL A 1 24  ? -5.519  5.388   -7.900  1.00 64.48  ? 99  VAL A N   1 
ATOM   129  C CA  . VAL A 1 24  ? -6.135  4.774   -6.730  1.00 59.43  ? 99  VAL A CA  1 
ATOM   130  C C   . VAL A 1 24  ? -7.441  5.478   -6.377  1.00 59.26  ? 99  VAL A C   1 
ATOM   131  O O   . VAL A 1 24  ? -8.460  4.827   -6.112  1.00 54.97  ? 99  VAL A O   1 
ATOM   132  C CB  . VAL A 1 24  ? -5.146  4.776   -5.552  1.00 58.15  ? 99  VAL A CB  1 
ATOM   133  C CG1 . VAL A 1 24  ? -5.839  4.346   -4.262  1.00 50.09  ? 99  VAL A CG1 1 
ATOM   134  C CG2 . VAL A 1 24  ? -3.957  3.868   -5.863  1.00 59.91  ? 99  VAL A CG2 1 
ATOM   135  N N   . LEU A 1 25  ? -7.440  6.813   -6.372  1.00 57.57  ? 100 LEU A N   1 
ATOM   136  C CA  . LEU A 1 25  ? -8.659  7.541   -6.033  1.00 60.95  ? 100 LEU A CA  1 
ATOM   137  C C   . LEU A 1 25  ? -9.742  7.322   -7.088  1.00 62.68  ? 100 LEU A C   1 
ATOM   138  O O   . LEU A 1 25  ? -10.908 7.088   -6.754  1.00 61.87  ? 100 LEU A O   1 
ATOM   139  C CB  . LEU A 1 25  ? -8.343  9.027   -5.867  1.00 57.44  ? 100 LEU A CB  1 
ATOM   140  C CG  . LEU A 1 25  ? -9.498  9.939   -5.459  1.00 63.25  ? 100 LEU A CG  1 
ATOM   141  C CD1 . LEU A 1 25  ? -9.961  9.634   -4.031  1.00 64.40  ? 100 LEU A CD1 1 
ATOM   142  C CD2 . LEU A 1 25  ? -9.117  11.413  -5.619  1.00 62.84  ? 100 LEU A CD2 1 
ATOM   143  N N   . ASN A 1 26  ? -9.364  7.381   -8.363  1.00 66.56  ? 101 ASN A N   1 
ATOM   144  C CA  . ASN A 1 26  ? -10.310 7.125   -9.440  1.00 66.34  ? 101 ASN A CA  1 
ATOM   145  C C   . ASN A 1 26  ? -10.925 5.734   -9.323  1.00 66.04  ? 101 ASN A C   1 
ATOM   146  O O   . ASN A 1 26  ? -12.118 5.559   -9.595  1.00 62.43  ? 101 ASN A O   1 
ATOM   147  C CB  . ASN A 1 26  ? -9.591  7.317   -10.777 1.00 67.87  ? 101 ASN A CB  1 
ATOM   148  C CG  . ASN A 1 26  ? -10.400 6.835   -11.955 1.00 80.55  ? 101 ASN A CG  1 
ATOM   149  O OD1 . ASN A 1 26  ? -11.609 7.066   -12.043 1.00 81.84  ? 101 ASN A OD1 1 
ATOM   150  N ND2 . ASN A 1 26  ? -9.731  6.152   -12.879 1.00 90.97  ? 101 ASN A ND2 1 
ATOM   151  N N   . ALA A 1 27  ? -10.144 4.745   -8.876  1.00 65.71  ? 102 ALA A N   1 
ATOM   152  C CA  . ALA A 1 27  ? -10.650 3.376   -8.802  1.00 59.67  ? 102 ALA A CA  1 
ATOM   153  C C   . ALA A 1 27  ? -11.664 3.170   -7.680  1.00 60.24  ? 102 ALA A C   1 
ATOM   154  O O   . ALA A 1 27  ? -12.336 2.135   -7.661  1.00 64.73  ? 102 ALA A O   1 
ATOM   155  C CB  . ALA A 1 27  ? -9.484  2.400   -8.638  1.00 56.21  ? 102 ALA A CB  1 
ATOM   156  N N   . ILE A 1 28  ? -11.785 4.103   -6.738  1.00 61.26  ? 103 ILE A N   1 
ATOM   157  C CA  . ILE A 1 28  ? -12.734 3.964   -5.638  1.00 61.20  ? 103 ILE A CA  1 
ATOM   158  C C   . ILE A 1 28  ? -13.817 5.024   -5.677  1.00 57.04  ? 103 ILE A C   1 
ATOM   159  O O   . ILE A 1 28  ? -14.703 5.025   -4.805  1.00 53.53  ? 103 ILE A O   1 
ATOM   160  C CB  . ILE A 1 28  ? -12.022 3.974   -4.265  1.00 60.55  ? 103 ILE A CB  1 
ATOM   161  C CG1 . ILE A 1 28  ? -11.304 5.301   -4.009  1.00 58.92  ? 103 ILE A CG1 1 
ATOM   162  C CG2 . ILE A 1 28  ? -11.038 2.808   -4.132  1.00 57.17  ? 103 ILE A CG2 1 
ATOM   163  C CD1 . ILE A 1 28  ? -10.565 5.333   -2.655  1.00 57.48  ? 103 ILE A CD1 1 
ATOM   164  N N   . SER A 1 29  ? -13.775 5.934   -6.649  1.00 57.05  ? 104 SER A N   1 
ATOM   165  C CA  . SER A 1 29  ? -14.762 6.996   -6.726  1.00 59.67  ? 104 SER A CA  1 
ATOM   166  C C   . SER A 1 29  ? -16.086 6.459   -7.263  1.00 64.87  ? 104 SER A C   1 
ATOM   167  O O   . SER A 1 29  ? -16.171 5.358   -7.820  1.00 62.14  ? 104 SER A O   1 
ATOM   168  C CB  . SER A 1 29  ? -14.256 8.131   -7.609  1.00 61.63  ? 104 SER A CB  1 
ATOM   169  O OG  . SER A 1 29  ? -14.077 7.665   -8.941  1.00 73.99  ? 104 SER A OG  1 
ATOM   170  N N   . GLY A 1 30  ? -17.128 7.264   -7.082  1.00 62.21  ? 105 GLY A N   1 
ATOM   171  C CA  . GLY A 1 30  ? -18.478 6.878   -7.394  1.00 59.71  ? 105 GLY A CA  1 
ATOM   172  C C   . GLY A 1 30  ? -19.457 7.930   -6.909  1.00 60.49  ? 105 GLY A C   1 
ATOM   173  O O   . GLY A 1 30  ? -19.159 8.720   -6.007  1.00 61.96  ? 105 GLY A O   1 
ATOM   174  N N   . PRO A 1 31  ? -20.643 7.978   -7.515  1.00 65.81  ? 106 PRO A N   1 
ATOM   175  C CA  . PRO A 1 31  ? -21.637 8.977   -7.086  1.00 63.50  ? 106 PRO A CA  1 
ATOM   176  C C   . PRO A 1 31  ? -22.201 8.702   -5.698  1.00 61.43  ? 106 PRO A C   1 
ATOM   177  O O   . PRO A 1 31  ? -22.673 9.636   -5.037  1.00 64.87  ? 106 PRO A O   1 
ATOM   178  C CB  . PRO A 1 31  ? -22.729 8.882   -8.164  1.00 71.69  ? 106 PRO A CB  1 
ATOM   179  C CG  . PRO A 1 31  ? -22.077 8.170   -9.324  1.00 67.86  ? 106 PRO A CG  1 
ATOM   180  C CD  . PRO A 1 31  ? -21.055 7.254   -8.732  1.00 61.38  ? 106 PRO A CD  1 
ATOM   181  N N   . SER A 1 32  ? -22.153 7.458   -5.231  1.00 55.16  ? 107 SER A N   1 
ATOM   182  C CA  . SER A 1 32  ? -22.574 7.126   -3.877  1.00 58.76  ? 107 SER A CA  1 
ATOM   183  C C   . SER A 1 32  ? -21.470 7.293   -2.820  1.00 58.54  ? 107 SER A C   1 
ATOM   184  O O   . SER A 1 32  ? -21.790 7.283   -1.624  1.00 55.34  ? 107 SER A O   1 
ATOM   185  C CB  . SER A 1 32  ? -23.079 5.687   -3.852  1.00 54.93  ? 107 SER A CB  1 
ATOM   186  O OG  . SER A 1 32  ? -22.062 4.823   -4.342  1.00 66.80  ? 107 SER A OG  1 
ATOM   187  N N   . GLN A 1 33  ? -20.199 7.442   -3.212  1.00 55.61  ? 108 GLN A N   1 
ATOM   188  C CA  . GLN A 1 33  ? -19.090 7.521   -2.249  1.00 61.51  ? 108 GLN A CA  1 
ATOM   189  C C   . GLN A 1 33  ? -18.816 8.976   -1.894  1.00 57.33  ? 108 GLN A C   1 
ATOM   190  O O   . GLN A 1 33  ? -18.218 9.708   -2.689  1.00 55.95  ? 108 GLN A O   1 
ATOM   191  C CB  . GLN A 1 33  ? -17.809 6.894   -2.796  1.00 52.84  ? 108 GLN A CB  1 
ATOM   192  C CG  . GLN A 1 33  ? -17.955 5.535   -3.452  1.00 62.38  ? 108 GLN A CG  1 
ATOM   193  C CD  . GLN A 1 33  ? -18.666 4.535   -2.569  1.00 61.76  ? 108 GLN A CD  1 
ATOM   194  O OE1 . GLN A 1 33  ? -19.901 4.518   -2.517  1.00 67.00  ? 108 GLN A OE1 1 
ATOM   195  N NE2 . GLN A 1 33  ? -17.902 3.679   -1.890  1.00 53.29  ? 108 GLN A NE2 1 
ATOM   196  N N   . GLY A 1 34  ? -19.198 9.383   -0.682  1.00 54.87  ? 109 GLY A N   1 
ATOM   197  C CA  . GLY A 1 34  ? -18.977 10.747  -0.225  1.00 59.66  ? 109 GLY A CA  1 
ATOM   198  C C   . GLY A 1 34  ? -17.645 11.033  0.458   1.00 57.45  ? 109 GLY A C   1 
ATOM   199  O O   . GLY A 1 34  ? -17.216 12.187  0.523   1.00 57.20  ? 109 GLY A O   1 
ATOM   200  N N   . GLY A 1 35  ? -16.994 10.000  0.994   1.00 55.91  ? 110 GLY A N   1 
ATOM   201  C CA  . GLY A 1 35  ? -15.691 10.139  1.618   1.00 56.44  ? 110 GLY A CA  1 
ATOM   202  C C   . GLY A 1 35  ? -14.673 9.147   1.088   1.00 57.46  ? 110 GLY A C   1 
ATOM   203  O O   . GLY A 1 35  ? -15.030 8.009   0.757   1.00 57.53  ? 110 GLY A O   1 
ATOM   204  N N   . ALA A 1 36  ? -13.409 9.564   1.007   1.00 53.18  ? 111 ALA A N   1 
ATOM   205  C CA  . ALA A 1 36  ? -12.320 8.706   0.573   1.00 50.53  ? 111 ALA A CA  1 
ATOM   206  C C   . ALA A 1 36  ? -11.062 9.049   1.363   1.00 54.79  ? 111 ALA A C   1 
ATOM   207  O O   . ALA A 1 36  ? -10.778 10.220  1.623   1.00 53.11  ? 111 ALA A O   1 
ATOM   208  C CB  . ALA A 1 36  ? -12.047 8.862   -0.915  1.00 46.68  ? 111 ALA A CB  1 
ATOM   209  N N   . VAL A 1 37  ? -10.307 8.021   1.736   1.00 53.23  ? 112 VAL A N   1 
ATOM   210  C CA  . VAL A 1 37  ? -9.098  8.170   2.532   1.00 51.13  ? 112 VAL A CA  1 
ATOM   211  C C   . VAL A 1 37  ? -7.994  7.439   1.785   1.00 57.39  ? 112 VAL A C   1 
ATOM   212  O O   . VAL A 1 37  ? -8.149  6.253   1.468   1.00 57.37  ? 112 VAL A O   1 
ATOM   213  C CB  . VAL A 1 37  ? -9.264  7.618   3.959   1.00 51.02  ? 112 VAL A CB  1 
ATOM   214  C CG1 . VAL A 1 37  ? -7.954  7.718   4.731   1.00 50.14  ? 112 VAL A CG1 1 
ATOM   215  C CG2 . VAL A 1 37  ? -10.365 8.374   4.694   1.00 52.21  ? 112 VAL A CG2 1 
ATOM   216  N N   . ILE A 1 38  ? -6.907  8.149   1.460   1.00 52.57  ? 113 ILE A N   1 
ATOM   217  C CA  . ILE A 1 38  ? -5.736  7.572   0.804   1.00 51.38  ? 113 ILE A CA  1 
ATOM   218  C C   . ILE A 1 38  ? -4.586  7.627   1.793   1.00 57.59  ? 113 ILE A C   1 
ATOM   219  O O   . ILE A 1 38  ? -4.336  8.674   2.409   1.00 57.25  ? 113 ILE A O   1 
ATOM   220  C CB  . ILE A 1 38  ? -5.360  8.309   -0.500  1.00 54.70  ? 113 ILE A CB  1 
ATOM   221  C CG1 . ILE A 1 38  ? -6.194  7.843   -1.709  1.00 60.74  ? 113 ILE A CG1 1 
ATOM   222  C CG2 . ILE A 1 38  ? -3.917  8.020   -0.877  1.00 49.42  ? 113 ILE A CG2 1 
ATOM   223  C CD1 . ILE A 1 38  ? -7.686  7.869   -1.544  1.00 59.11  ? 113 ILE A CD1 1 
ATOM   224  N N   . PHE A 1 39  ? -3.904  6.503   1.962   1.00 56.65  ? 114 PHE A N   1 
ATOM   225  C CA  . PHE A 1 39  ? -2.648  6.458   2.674   1.00 54.03  ? 114 PHE A CA  1 
ATOM   226  C C   . PHE A 1 39  ? -1.519  6.298   1.668   1.00 59.91  ? 114 PHE A C   1 
ATOM   227  O O   . PHE A 1 39  ? -1.599  5.454   0.760   1.00 56.04  ? 114 PHE A O   1 
ATOM   228  C CB  . PHE A 1 39  ? -2.585  5.312   3.682   1.00 54.95  ? 114 PHE A CB  1 
ATOM   229  C CG  . PHE A 1 39  ? -1.210  5.134   4.251   1.00 57.10  ? 114 PHE A CG  1 
ATOM   230  C CD1 . PHE A 1 39  ? -0.760  5.956   5.271   1.00 54.90  ? 114 PHE A CD1 1 
ATOM   231  C CD2 . PHE A 1 39  ? -0.337  4.194   3.723   1.00 60.02  ? 114 PHE A CD2 1 
ATOM   232  C CE1 . PHE A 1 39  ? 0.520   5.814   5.783   1.00 56.49  ? 114 PHE A CE1 1 
ATOM   233  C CE2 . PHE A 1 39  ? 0.958   4.055   4.238   1.00 53.14  ? 114 PHE A CE2 1 
ATOM   234  C CZ  . PHE A 1 39  ? 1.377   4.861   5.263   1.00 55.56  ? 114 PHE A CZ  1 
ATOM   235  N N   . VAL A 1 40  ? -0.451  7.068   1.874   1.00 56.63  ? 115 VAL A N   1 
ATOM   236  C CA  . VAL A 1 40  ? 0.736   7.057   1.029   1.00 50.82  ? 115 VAL A CA  1 
ATOM   237  C C   . VAL A 1 40  ? 1.921   6.828   1.945   1.00 55.29  ? 115 VAL A C   1 
ATOM   238  O O   . VAL A 1 40  ? 2.166   7.620   2.859   1.00 54.29  ? 115 VAL A O   1 
ATOM   239  C CB  . VAL A 1 40  ? 0.898   8.375   0.255   1.00 52.84  ? 115 VAL A CB  1 
ATOM   240  C CG1 . VAL A 1 40  ? 2.146   8.347   -0.606  1.00 54.02  ? 115 VAL A CG1 1 
ATOM   241  C CG2 . VAL A 1 40  ? -0.319  8.646   -0.582  1.00 48.91  ? 115 VAL A CG2 1 
ATOM   242  N N   . GLY A 1 41  ? 2.641   5.723   1.722   1.00 53.81  ? 116 GLY A N   1 
ATOM   243  C CA  . GLY A 1 41  ? 3.871   5.452   2.440   1.00 54.47  ? 116 GLY A CA  1 
ATOM   244  C C   . GLY A 1 41  ? 5.060   5.764   1.580   1.00 59.66  ? 116 GLY A C   1 
ATOM   245  O O   . GLY A 1 41  ? 5.155   5.323   0.421   1.00 57.75  ? 116 GLY A O   1 
ATOM   246  N N   . THR A 1 42  ? 6.007   6.528   2.140   1.00 52.98  ? 117 THR A N   1 
ATOM   247  C CA  . THR A 1 42  ? 7.158   7.021   1.406   1.00 56.57  ? 117 THR A CA  1 
ATOM   248  C C   . THR A 1 42  ? 8.453   6.632   2.112   1.00 62.87  ? 117 THR A C   1 
ATOM   249  O O   . THR A 1 42  ? 8.491   6.440   3.334   1.00 58.01  ? 117 THR A O   1 
ATOM   250  C CB  . THR A 1 42  ? 7.109   8.550   1.242   1.00 57.22  ? 117 THR A CB  1 
ATOM   251  O OG1 . THR A 1 42  ? 6.938   9.157   2.526   1.00 58.87  ? 117 THR A OG1 1 
ATOM   252  C CG2 . THR A 1 42  ? 5.965   8.981   0.312   1.00 57.74  ? 117 THR A CG2 1 
ATOM   253  N N   . VAL A 1 43  ? 9.521   6.526   1.326   1.00 62.92  ? 118 VAL A N   1 
ATOM   254  C CA  . VAL A 1 43  ? 10.815  6.128   1.864   1.00 65.04  ? 118 VAL A CA  1 
ATOM   255  C C   . VAL A 1 43  ? 11.382  7.301   2.662   1.00 66.28  ? 118 VAL A C   1 
ATOM   256  O O   . VAL A 1 43  ? 11.625  8.380   2.117   1.00 65.53  ? 118 VAL A O   1 
ATOM   257  C CB  . VAL A 1 43  ? 11.767  5.682   0.752   1.00 69.04  ? 118 VAL A CB  1 
ATOM   258  C CG1 . VAL A 1 43  ? 13.140  5.405   1.321   1.00 67.35  ? 118 VAL A CG1 1 
ATOM   259  C CG2 . VAL A 1 43  ? 11.203  4.440   0.078   1.00 66.05  ? 118 VAL A CG2 1 
ATOM   260  N N   . ARG A 1 44  ? 11.547  7.104   3.965   1.00 63.23  ? 119 ARG A N   1 
ATOM   261  C CA  . ARG A 1 44  ? 12.140  8.119   4.814   1.00 66.08  ? 119 ARG A CA  1 
ATOM   262  C C   . ARG A 1 44  ? 13.657  8.135   4.624   1.00 71.32  ? 119 ARG A C   1 
ATOM   263  O O   . ARG A 1 44  ? 14.260  7.135   4.212   1.00 65.50  ? 119 ARG A O   1 
ATOM   264  C CB  . ARG A 1 44  ? 11.767  7.846   6.271   1.00 67.70  ? 119 ARG A CB  1 
ATOM   265  C CG  . ARG A 1 44  ? 10.690  8.759   6.821   1.00 60.63  ? 119 ARG A CG  1 
ATOM   266  C CD  . ARG A 1 44  ? 10.028  8.189   8.066   1.00 63.75  ? 119 ARG A CD  1 
ATOM   267  N NE  . ARG A 1 44  ? 10.932  7.484   8.968   1.00 73.31  ? 119 ARG A NE  1 
ATOM   268  C CZ  . ARG A 1 44  ? 10.937  6.168   9.158   1.00 82.86  ? 119 ARG A CZ  1 
ATOM   269  N NH1 . ARG A 1 44  ? 10.103  5.367   8.497   1.00 81.49  ? 119 ARG A NH1 1 
ATOM   270  N NH2 . ARG A 1 44  ? 11.792  5.644   10.039  1.00 79.76  ? 119 ARG A NH2 1 
ATOM   271  N N   . ASN A 1 45  ? 14.278  9.292   4.899   1.00 64.83  ? 120 ASN A N   1 
ATOM   272  C CA  . ASN A 1 45  ? 15.721  9.397   4.713   1.00 75.07  ? 120 ASN A CA  1 
ATOM   273  C C   . ASN A 1 45  ? 16.514  8.843   5.890   1.00 74.68  ? 120 ASN A C   1 
ATOM   274  O O   . ASN A 1 45  ? 17.747  8.812   5.821   1.00 75.31  ? 120 ASN A O   1 
ATOM   275  C CB  . ASN A 1 45  ? 16.130  10.854  4.442   1.00 71.01  ? 120 ASN A CB  1 
ATOM   276  C CG  . ASN A 1 45  ? 15.879  11.770  5.622   1.00 69.81  ? 120 ASN A CG  1 
ATOM   277  O OD1 . ASN A 1 45  ? 15.217  11.405  6.589   1.00 70.37  ? 120 ASN A OD1 1 
ATOM   278  N ND2 . ASN A 1 45  ? 16.406  12.976  5.541   1.00 73.50  ? 120 ASN A ND2 1 
ATOM   279  N N   . ASN A 1 46  ? 15.848  8.405   6.958   1.00 74.79  ? 121 ASN A N   1 
ATOM   280  C CA  . ASN A 1 46  ? 16.529  7.850   8.117   1.00 77.48  ? 121 ASN A CA  1 
ATOM   281  C C   . ASN A 1 46  ? 15.759  6.637   8.632   1.00 78.29  ? 121 ASN A C   1 
ATOM   282  O O   . ASN A 1 46  ? 14.534  6.686   8.787   1.00 79.94  ? 121 ASN A O   1 
ATOM   283  C CB  . ASN A 1 46  ? 16.687  8.894   9.236   1.00 74.53  ? 121 ASN A CB  1 
ATOM   284  C CG  . ASN A 1 46  ? 15.386  9.152   9.986   1.00 86.92  ? 121 ASN A CG  1 
ATOM   285  O OD1 . ASN A 1 46  ? 14.580  10.003  9.590   1.00 87.66  ? 121 ASN A OD1 1 
ATOM   286  N ND2 . ASN A 1 46  ? 15.168  8.402   11.073  1.00 88.57  ? 121 ASN A ND2 1 
ATOM   287  N N   . ASN A 1 47  ? 16.515  5.573   8.915   1.00 77.07  ? 122 ASN A N   1 
ATOM   288  C CA  . ASN A 1 47  ? 15.924  4.337   9.490   1.00 82.20  ? 122 ASN A CA  1 
ATOM   289  C C   . ASN A 1 47  ? 16.783  3.882   10.670  1.00 82.32  ? 122 ASN A C   1 
ATOM   290  O O   . ASN A 1 47  ? 17.953  3.510   10.439  1.00 77.77  ? 122 ASN A O   1 
ATOM   291  C CB  . ASN A 1 47  ? 15.798  3.209   8.473   1.00 79.94  ? 122 ASN A CB  1 
ATOM   292  C CG  . ASN A 1 47  ? 15.283  1.937   9.099   1.00 79.79  ? 122 ASN A CG  1 
ATOM   293  O OD1 . ASN A 1 47  ? 14.221  1.938   9.729   1.00 84.15  ? 122 ASN A OD1 1 
ATOM   294  N ND2 . ASN A 1 47  ? 16.021  0.847   8.951   1.00 70.97  ? 122 ASN A ND2 1 
ATOM   295  N N   . ASN A 1 48  ? 16.237  3.943   11.882  1.00 79.55  ? 123 ASN A N   1 
ATOM   296  C CA  . ASN A 1 48  ? 16.923  3.450   13.073  1.00 83.27  ? 123 ASN A CA  1 
ATOM   297  C C   . ASN A 1 48  ? 18.216  4.231   13.329  1.00 86.27  ? 123 ASN A C   1 
ATOM   298  O O   . ASN A 1 48  ? 19.217  3.680   13.801  1.00 85.07  ? 123 ASN A O   1 
ATOM   299  C CB  . ASN A 1 48  ? 17.194  1.941   12.949  1.00 87.15  ? 123 ASN A CB  1 
ATOM   300  C CG  . ASN A 1 48  ? 17.638  1.301   14.259  1.00 93.07  ? 123 ASN A CG  1 
ATOM   301  O OD1 . ASN A 1 48  ? 17.344  1.807   15.346  1.00 87.80  ? 123 ASN A OD1 1 
ATOM   302  N ND2 . ASN A 1 48  ? 18.353  0.181   14.154  1.00 88.94  ? 123 ASN A ND2 1 
ATOM   303  N N   . GLY A 1 49  ? 18.212  5.523   13.004  1.00 80.28  ? 124 GLY A N   1 
ATOM   304  C CA  . GLY A 1 49  ? 19.395  6.332   13.194  1.00 73.12  ? 124 GLY A CA  1 
ATOM   305  C C   . GLY A 1 49  ? 20.486  6.129   12.171  1.00 82.85  ? 124 GLY A C   1 
ATOM   306  O O   . GLY A 1 49  ? 21.642  6.483   12.438  1.00 87.00  ? 124 GLY A O   1 
ATOM   307  N N   . HIS A 1 50  ? 20.173  5.553   11.010  1.00 78.69  ? 125 HIS A N   1 
ATOM   308  C CA  . HIS A 1 50  ? 21.106  5.529   9.893   1.00 73.09  ? 125 HIS A CA  1 
ATOM   309  C C   . HIS A 1 50  ? 20.497  6.309   8.734   1.00 70.89  ? 125 HIS A C   1 
ATOM   310  O O   . HIS A 1 50  ? 19.282  6.459   8.638   1.00 79.48  ? 125 HIS A O   1 
ATOM   311  C CB  . HIS A 1 50  ? 21.457  4.098   9.447   1.00 72.08  ? 125 HIS A CB  1 
ATOM   312  C CG  . HIS A 1 50  ? 22.098  3.261   10.515  1.00 77.99  ? 125 HIS A CG  1 
ATOM   313  N ND1 . HIS A 1 50  ? 23.461  3.049   10.584  1.00 81.33  ? 125 HIS A ND1 1 
ATOM   314  C CD2 . HIS A 1 50  ? 21.560  2.572   11.551  1.00 75.50  ? 125 HIS A CD2 1 
ATOM   315  C CE1 . HIS A 1 50  ? 23.734  2.274   11.620  1.00 76.75  ? 125 HIS A CE1 1 
ATOM   316  N NE2 . HIS A 1 50  ? 22.598  1.972   12.226  1.00 78.07  ? 125 HIS A NE2 1 
ATOM   317  N N   . GLU A 1 51  ? 21.355  6.831   7.871   1.00 74.58  ? 126 GLU A N   1 
ATOM   318  C CA  . GLU A 1 51  ? 20.935  7.570   6.687   1.00 74.44  ? 126 GLU A CA  1 
ATOM   319  C C   . GLU A 1 51  ? 20.701  6.558   5.574   1.00 78.89  ? 126 GLU A C   1 
ATOM   320  O O   . GLU A 1 51  ? 21.648  5.910   5.104   1.00 70.35  ? 126 GLU A O   1 
ATOM   321  C CB  . GLU A 1 51  ? 21.989  8.593   6.277   1.00 77.05  ? 126 GLU A CB  1 
ATOM   322  C CG  . GLU A 1 51  ? 21.441  9.815   5.574   1.00 87.58  ? 126 GLU A CG  1 
ATOM   323  C CD  . GLU A 1 51  ? 22.184  11.081  6.000   1.00 100.83 ? 126 GLU A CD  1 
ATOM   324  O OE1 . GLU A 1 51  ? 23.374  11.229  5.642   1.00 97.81  ? 126 GLU A OE1 1 
ATOM   325  O OE2 . GLU A 1 51  ? 21.585  11.917  6.721   1.00 103.58 ? 126 GLU A OE2 1 
ATOM   326  N N   . VAL A 1 52  ? 19.438  6.428   5.154   1.00 72.32  ? 127 VAL A N   1 
ATOM   327  C CA  . VAL A 1 52  ? 19.072  5.491   4.102   1.00 69.13  ? 127 VAL A CA  1 
ATOM   328  C C   . VAL A 1 52  ? 19.563  6.014   2.761   1.00 68.49  ? 127 VAL A C   1 
ATOM   329  O O   . VAL A 1 52  ? 19.497  7.217   2.482   1.00 74.23  ? 127 VAL A O   1 
ATOM   330  C CB  . VAL A 1 52  ? 17.545  5.294   4.103   1.00 77.43  ? 127 VAL A CB  1 
ATOM   331  C CG1 . VAL A 1 52  ? 17.112  4.315   3.013   1.00 66.46  ? 127 VAL A CG1 1 
ATOM   332  C CG2 . VAL A 1 52  ? 17.063  4.859   5.489   1.00 67.02  ? 127 VAL A CG2 1 
ATOM   333  N N   . THR A 1 53  ? 20.068  5.115   1.918   1.00 72.49  ? 128 THR A N   1 
ATOM   334  C CA  . THR A 1 53  ? 20.388  5.457   0.532   1.00 77.86  ? 128 THR A CA  1 
ATOM   335  C C   . THR A 1 53  ? 19.438  4.848   -0.496  1.00 80.16  ? 128 THR A C   1 
ATOM   336  O O   . THR A 1 53  ? 19.045  5.543   -1.439  1.00 84.40  ? 128 THR A O   1 
ATOM   337  C CB  . THR A 1 53  ? 21.830  5.054   0.175   1.00 81.44  ? 128 THR A CB  1 
ATOM   338  O OG1 . THR A 1 53  ? 21.991  5.086   -1.254  1.00 91.79  ? 128 THR A OG1 1 
ATOM   339  C CG2 . THR A 1 53  ? 22.190  3.665   0.696   1.00 76.40  ? 128 THR A CG2 1 
ATOM   340  N N   . LYS A 1 54  ? 19.029  3.586   -0.353  1.00 76.03  ? 129 LYS A N   1 
ATOM   341  C CA  . LYS A 1 54  ? 18.161  2.970   -1.352  1.00 75.93  ? 129 LYS A CA  1 
ATOM   342  C C   . LYS A 1 54  ? 17.410  1.781   -0.752  1.00 76.20  ? 129 LYS A C   1 
ATOM   343  O O   . LYS A 1 54  ? 17.840  1.184   0.242   1.00 76.13  ? 129 LYS A O   1 
ATOM   344  C CB  . LYS A 1 54  ? 18.966  2.530   -2.585  1.00 76.47  ? 129 LYS A CB  1 
ATOM   345  C CG  . LYS A 1 54  ? 20.182  1.672   -2.258  1.00 80.27  ? 129 LYS A CG  1 
ATOM   346  C CD  . LYS A 1 54  ? 20.662  0.894   -3.479  1.00 86.06  ? 129 LYS A CD  1 
ATOM   347  C CE  . LYS A 1 54  ? 21.268  1.798   -4.555  1.00 88.61  ? 129 LYS A CE  1 
ATOM   348  N NZ  . LYS A 1 54  ? 22.686  2.184   -4.276  1.00 92.39  ? 129 LYS A NZ  1 
ATOM   349  N N   . LEU A 1 55  ? 16.269  1.454   -1.377  1.00 78.74  ? 130 LEU A N   1 
ATOM   350  C CA  . LEU A 1 55  ? 15.461  0.268   -1.086  1.00 71.64  ? 130 LEU A CA  1 
ATOM   351  C C   . LEU A 1 55  ? 15.223  -0.525  -2.362  1.00 68.35  ? 130 LEU A C   1 
ATOM   352  O O   . LEU A 1 55  ? 15.143  0.046   -3.452  1.00 73.37  ? 130 LEU A O   1 
ATOM   353  C CB  . LEU A 1 55  ? 14.082  0.619   -0.510  1.00 73.15  ? 130 LEU A CB  1 
ATOM   354  C CG  . LEU A 1 55  ? 13.876  0.995   0.947   1.00 75.75  ? 130 LEU A CG  1 
ATOM   355  C CD1 . LEU A 1 55  ? 14.647  2.253   1.296   1.00 82.40  ? 130 LEU A CD1 1 
ATOM   356  C CD2 . LEU A 1 55  ? 12.392  1.170   1.208   1.00 70.24  ? 130 LEU A CD2 1 
ATOM   357  N N   . TYR A 1 56  ? 15.086  -1.841  -2.220  1.00 68.97  ? 131 TYR A N   1 
ATOM   358  C CA  . TYR A 1 56  ? 14.521  -2.690  -3.263  1.00 73.06  ? 131 TYR A CA  1 
ATOM   359  C C   . TYR A 1 56  ? 13.340  -3.455  -2.671  1.00 72.53  ? 131 TYR A C   1 
ATOM   360  O O   . TYR A 1 56  ? 13.362  -3.839  -1.493  1.00 68.31  ? 131 TYR A O   1 
ATOM   361  C CB  . TYR A 1 56  ? 15.541  -3.697  -3.855  1.00 69.89  ? 131 TYR A CB  1 
ATOM   362  C CG  . TYR A 1 56  ? 16.755  -3.114  -4.589  1.00 89.81  ? 131 TYR A CG  1 
ATOM   363  C CD1 . TYR A 1 56  ? 16.612  -2.416  -5.791  1.00 87.17  ? 131 TYR A CD1 1 
ATOM   364  C CD2 . TYR A 1 56  ? 18.064  -3.305  -4.099  1.00 89.83  ? 131 TYR A CD2 1 
ATOM   365  C CE1 . TYR A 1 56  ? 17.739  -1.899  -6.467  1.00 86.54  ? 131 TYR A CE1 1 
ATOM   366  C CE2 . TYR A 1 56  ? 19.184  -2.789  -4.770  1.00 86.43  ? 131 TYR A CE2 1 
ATOM   367  C CZ  . TYR A 1 56  ? 19.010  -2.087  -5.950  1.00 89.72  ? 131 TYR A CZ  1 
ATOM   368  O OH  . TYR A 1 56  ? 20.096  -1.573  -6.625  1.00 95.76  ? 131 TYR A OH  1 
ATOM   369  N N   . TYR A 1 57  ? 12.307  -3.657  -3.485  1.00 71.67  ? 132 TYR A N   1 
ATOM   370  C CA  . TYR A 1 57  ? 11.165  -4.497  -3.149  1.00 65.92  ? 132 TYR A CA  1 
ATOM   371  C C   . TYR A 1 57  ? 11.084  -5.637  -4.155  1.00 67.30  ? 132 TYR A C   1 
ATOM   372  O O   . TYR A 1 57  ? 11.237  -5.415  -5.362  1.00 68.63  ? 132 TYR A O   1 
ATOM   373  C CB  . TYR A 1 57  ? 9.869   -3.687  -3.156  1.00 62.62  ? 132 TYR A CB  1 
ATOM   374  C CG  . TYR A 1 57  ? 9.629   -2.816  -1.937  1.00 63.13  ? 132 TYR A CG  1 
ATOM   375  C CD1 . TYR A 1 57  ? 9.622   -3.357  -0.655  1.00 62.92  ? 132 TYR A CD1 1 
ATOM   376  C CD2 . TYR A 1 57  ? 9.363   -1.452  -2.072  1.00 61.42  ? 132 TYR A CD2 1 
ATOM   377  C CE1 . TYR A 1 57  ? 9.367   -2.565  0.455   1.00 57.75  ? 132 TYR A CE1 1 
ATOM   378  C CE2 . TYR A 1 57  ? 9.122   -0.650  -0.960  1.00 60.44  ? 132 TYR A CE2 1 
ATOM   379  C CZ  . TYR A 1 57  ? 9.118   -1.221  0.297   1.00 59.51  ? 132 TYR A CZ  1 
ATOM   380  O OH  . TYR A 1 57  ? 8.866   -0.444  1.406   1.00 68.22  ? 132 TYR A OH  1 
ATOM   381  N N   . GLU A 1 58  ? 10.876  -6.858  -3.655  1.00 70.09  ? 133 GLU A N   1 
ATOM   382  C CA  . GLU A 1 58  ? 10.701  -8.038  -4.491  1.00 74.20  ? 133 GLU A CA  1 
ATOM   383  C C   . GLU A 1 58  ? 9.418   -8.762  -4.085  1.00 76.20  ? 133 GLU A C   1 
ATOM   384  O O   . GLU A 1 58  ? 9.041   -8.769  -2.908  1.00 73.97  ? 133 GLU A O   1 
ATOM   385  C CB  . GLU A 1 58  ? 11.902  -8.995  -4.386  1.00 80.91  ? 133 GLU A CB  1 
ATOM   386  C CG  . GLU A 1 58  ? 13.057  -8.681  -5.328  1.00 89.70  ? 133 GLU A CG  1 
ATOM   387  C CD  . GLU A 1 58  ? 13.681  -9.941  -5.926  1.00 104.69 ? 133 GLU A CD  1 
ATOM   388  O OE1 . GLU A 1 58  ? 13.659  -10.999 -5.253  1.00 102.84 ? 133 GLU A OE1 1 
ATOM   389  O OE2 . GLU A 1 58  ? 14.179  -9.875  -7.077  1.00 104.43 ? 133 GLU A OE2 1 
ATOM   390  N N   . ALA A 1 59  ? 8.745   -9.367  -5.068  1.00 72.47  ? 134 ALA A N   1 
ATOM   391  C CA  . ALA A 1 59  ? 7.482   -10.041 -4.789  1.00 75.57  ? 134 ALA A CA  1 
ATOM   392  C C   . ALA A 1 59  ? 7.121   -10.978 -5.930  1.00 73.71  ? 134 ALA A C   1 
ATOM   393  O O   . ALA A 1 59  ? 7.343   -10.657 -7.097  1.00 74.20  ? 134 ALA A O   1 
ATOM   394  C CB  . ALA A 1 59  ? 6.346   -9.029  -4.581  1.00 73.66  ? 134 ALA A CB  1 
ATOM   395  N N   . TYR A 1 60  ? 6.546   -12.132 -5.587  1.00 80.12  ? 135 TYR A N   1 
ATOM   396  C CA  . TYR A 1 60  ? 5.882   -12.955 -6.587  1.00 71.32  ? 135 TYR A CA  1 
ATOM   397  C C   . TYR A 1 60  ? 4.462   -12.426 -6.739  1.00 72.72  ? 135 TYR A C   1 
ATOM   398  O O   . TYR A 1 60  ? 3.676   -12.498 -5.779  1.00 74.18  ? 135 TYR A O   1 
ATOM   399  C CB  . TYR A 1 60  ? 5.880   -14.426 -6.188  1.00 73.93  ? 135 TYR A CB  1 
ATOM   400  C CG  . TYR A 1 60  ? 5.077   -15.276 -7.159  1.00 81.87  ? 135 TYR A CG  1 
ATOM   401  C CD1 . TYR A 1 60  ? 5.235   -15.121 -8.536  1.00 79.57  ? 135 TYR A CD1 1 
ATOM   402  C CD2 . TYR A 1 60  ? 4.153   -16.213 -6.707  1.00 78.67  ? 135 TYR A CD2 1 
ATOM   403  C CE1 . TYR A 1 60  ? 4.503   -15.868 -9.429  1.00 76.48  ? 135 TYR A CE1 1 
ATOM   404  C CE2 . TYR A 1 60  ? 3.412   -16.970 -7.599  1.00 84.51  ? 135 TYR A CE2 1 
ATOM   405  C CZ  . TYR A 1 60  ? 3.596   -16.792 -8.962  1.00 79.53  ? 135 TYR A CZ  1 
ATOM   406  O OH  . TYR A 1 60  ? 2.874   -17.540 -9.864  1.00 75.58  ? 135 TYR A OH  1 
ATOM   407  N N   . PRO A 1 61  ? 4.090   -11.870 -7.899  1.00 71.10  ? 136 PRO A N   1 
ATOM   408  C CA  . PRO A 1 61  ? 2.826   -11.115 -7.979  1.00 74.00  ? 136 PRO A CA  1 
ATOM   409  C C   . PRO A 1 61  ? 1.574   -11.907 -7.622  1.00 73.99  ? 136 PRO A C   1 
ATOM   410  O O   . PRO A 1 61  ? 0.706   -11.371 -6.920  1.00 70.63  ? 136 PRO A O   1 
ATOM   411  C CB  . PRO A 1 61  ? 2.813   -10.651 -9.438  1.00 73.08  ? 136 PRO A CB  1 
ATOM   412  C CG  . PRO A 1 61  ? 4.281   -10.473 -9.753  1.00 66.63  ? 136 PRO A CG  1 
ATOM   413  C CD  . PRO A 1 61  ? 4.938   -11.655 -9.087  1.00 66.49  ? 136 PRO A CD  1 
ATOM   414  N N   . ALA A 1 62  ? 1.428   -13.154 -8.084  1.00 75.81  ? 137 ALA A N   1 
ATOM   415  C CA  . ALA A 1 62  ? 0.187   -13.883 -7.817  1.00 71.42  ? 137 ALA A CA  1 
ATOM   416  C C   . ALA A 1 62  ? 0.018   -14.155 -6.327  1.00 72.06  ? 137 ALA A C   1 
ATOM   417  O O   . ALA A 1 62  ? -1.096  -14.074 -5.795  1.00 66.82  ? 137 ALA A O   1 
ATOM   418  C CB  . ALA A 1 62  ? 0.157   -15.185 -8.613  1.00 68.26  ? 137 ALA A CB  1 
ATOM   419  N N   . MET A 1 63  ? 1.117   -14.459 -5.635  1.00 71.14  ? 138 MET A N   1 
ATOM   420  C CA  . MET A 1 63  ? 1.050   -14.724 -4.200  1.00 76.68  ? 138 MET A CA  1 
ATOM   421  C C   . MET A 1 63  ? 0.823   -13.442 -3.398  1.00 73.58  ? 138 MET A C   1 
ATOM   422  O O   . MET A 1 63  ? 0.178   -13.472 -2.340  1.00 72.20  ? 138 MET A O   1 
ATOM   423  C CB  . MET A 1 63  ? 2.333   -15.440 -3.779  1.00 76.93  ? 138 MET A CB  1 
ATOM   424  C CG  . MET A 1 63  ? 2.637   -15.504 -2.304  1.00 74.03  ? 138 MET A CG  1 
ATOM   425  S SD  . MET A 1 63  ? 4.373   -16.032 -2.123  1.00 106.33 ? 138 MET A SD  1 
ATOM   426  C CE  . MET A 1 63  ? 4.393   -17.448 -3.239  1.00 95.76  ? 138 MET A CE  1 
ATOM   427  N N   . VAL A 1 64  ? 1.327   -12.308 -3.884  1.00 71.46  ? 139 VAL A N   1 
ATOM   428  C CA  . VAL A 1 64  ? 1.058   -11.036 -3.221  1.00 66.17  ? 139 VAL A CA  1 
ATOM   429  C C   . VAL A 1 64  ? -0.371  -10.585 -3.480  1.00 63.01  ? 139 VAL A C   1 
ATOM   430  O O   . VAL A 1 64  ? -1.061  -10.124 -2.564  1.00 64.82  ? 139 VAL A O   1 
ATOM   431  C CB  . VAL A 1 64  ? 2.088   -9.987  -3.681  1.00 68.55  ? 139 VAL A CB  1 
ATOM   432  C CG1 . VAL A 1 64  ? 1.644   -8.570  -3.304  1.00 59.00  ? 139 VAL A CG1 1 
ATOM   433  C CG2 . VAL A 1 64  ? 3.440   -10.308 -3.088  1.00 66.55  ? 139 VAL A CG2 1 
ATOM   434  N N   . HIS A 1 65  ? -0.839  -10.715 -4.725  1.00 65.97  ? 140 HIS A N   1 
ATOM   435  C CA  A HIS A 1 65  ? -2.227  -10.389 -5.051  0.41 66.47  ? 140 HIS A CA  1 
ATOM   436  C CA  B HIS A 1 65  ? -2.225  -10.369 -5.031  0.59 66.37  ? 140 HIS A CA  1 
ATOM   437  C C   . HIS A 1 65  ? -3.200  -11.204 -4.212  1.00 63.16  ? 140 HIS A C   1 
ATOM   438  O O   . HIS A 1 65  ? -4.240  -10.696 -3.784  1.00 64.83  ? 140 HIS A O   1 
ATOM   439  C CB  A HIS A 1 65  ? -2.485  -10.635 -6.536  0.41 67.32  ? 140 HIS A CB  1 
ATOM   440  C CB  B HIS A 1 65  ? -2.501  -10.536 -6.524  0.59 67.18  ? 140 HIS A CB  1 
ATOM   441  C CG  A HIS A 1 65  ? -3.167  -9.498  -7.231  0.41 69.21  ? 140 HIS A CG  1 
ATOM   442  C CG  B HIS A 1 65  ? -2.162  -9.327  -7.340  0.59 69.99  ? 140 HIS A CG  1 
ATOM   443  N ND1 A HIS A 1 65  ? -4.537  -9.416  -7.363  0.41 69.72  ? 140 HIS A ND1 1 
ATOM   444  N ND1 B HIS A 1 65  ? -0.866  -8.904  -7.541  0.59 69.16  ? 140 HIS A ND1 1 
ATOM   445  C CD2 A HIS A 1 65  ? -2.663  -8.401  -7.842  0.41 70.02  ? 140 HIS A CD2 1 
ATOM   446  C CD2 B HIS A 1 65  ? -2.950  -8.449  -8.005  0.59 70.25  ? 140 HIS A CD2 1 
ATOM   447  C CE1 A HIS A 1 65  ? -4.847  -8.308  -8.012  0.41 67.05  ? 140 HIS A CE1 1 
ATOM   448  C CE1 B HIS A 1 65  ? -0.871  -7.812  -8.288  0.59 67.23  ? 140 HIS A CE1 1 
ATOM   449  N NE2 A HIS A 1 65  ? -3.728  -7.679  -8.321  0.41 70.62  ? 140 HIS A NE2 1 
ATOM   450  N NE2 B HIS A 1 65  ? -2.123  -7.517  -8.585  0.59 68.31  ? 140 HIS A NE2 1 
ATOM   451  N N   . ARG A 1 66  ? -2.883  -12.476 -3.973  1.00 62.71  ? 141 ARG A N   1 
ATOM   452  C CA  . ARG A 1 66  ? -3.782  -13.318 -3.188  1.00 65.62  ? 141 ARG A CA  1 
ATOM   453  C C   . ARG A 1 66  ? -3.976  -12.750 -1.788  1.00 66.27  ? 141 ARG A C   1 
ATOM   454  O O   . ARG A 1 66  ? -5.111  -12.598 -1.319  1.00 66.12  ? 141 ARG A O   1 
ATOM   455  C CB  . ARG A 1 66  ? -3.241  -14.745 -3.126  1.00 68.64  ? 141 ARG A CB  1 
ATOM   456  C CG  . ARG A 1 66  ? -4.144  -15.735 -2.412  1.00 69.60  ? 141 ARG A CG  1 
ATOM   457  C CD  . ARG A 1 66  ? -3.711  -17.171 -2.725  1.00 74.07  ? 141 ARG A CD  1 
ATOM   458  N NE  . ARG A 1 66  ? -2.294  -17.383 -2.457  1.00 79.06  ? 141 ARG A NE  1 
ATOM   459  C CZ  . ARG A 1 66  ? -1.491  -18.162 -3.172  1.00 82.47  ? 141 ARG A CZ  1 
ATOM   460  N NH1 . ARG A 1 66  ? -1.945  -18.864 -4.201  1.00 79.64  ? 141 ARG A NH1 1 
ATOM   461  N NH2 . ARG A 1 66  ? -0.195  -18.217 -2.862  1.00 83.95  ? 141 ARG A NH2 1 
ATOM   462  N N   . THR A 1 67  ? -2.868  -12.410 -1.114  1.00 64.49  ? 142 THR A N   1 
ATOM   463  C CA  . THR A 1 67  ? -2.927  -11.865 0.239   1.00 58.40  ? 142 THR A CA  1 
ATOM   464  C C   . THR A 1 67  ? -3.653  -10.523 0.277   1.00 60.88  ? 142 THR A C   1 
ATOM   465  O O   . THR A 1 67  ? -4.402  -10.239 1.222   1.00 60.06  ? 142 THR A O   1 
ATOM   466  C CB  . THR A 1 67  ? -1.508  -11.724 0.796   1.00 63.88  ? 142 THR A CB  1 
ATOM   467  O OG1 . THR A 1 67  ? -0.847  -12.994 0.731   1.00 61.56  ? 142 THR A OG1 1 
ATOM   468  C CG2 . THR A 1 67  ? -1.539  -11.257 2.237   1.00 61.69  ? 142 THR A CG2 1 
ATOM   469  N N   . LEU A 1 68  ? -3.439  -9.676  -0.726  1.00 54.91  ? 143 LEU A N   1 
ATOM   470  C CA  . LEU A 1 68  ? -4.130  -8.395  -0.730  1.00 55.84  ? 143 LEU A CA  1 
ATOM   471  C C   . LEU A 1 68  ? -5.639  -8.573  -0.893  1.00 62.40  ? 143 LEU A C   1 
ATOM   472  O O   . LEU A 1 68  ? -6.420  -7.798  -0.319  1.00 62.20  ? 143 LEU A O   1 
ATOM   473  C CB  . LEU A 1 68  ? -3.548  -7.502  -1.830  1.00 59.21  ? 143 LEU A CB  1 
ATOM   474  C CG  . LEU A 1 68  ? -2.116  -7.018  -1.546  1.00 61.12  ? 143 LEU A CG  1 
ATOM   475  C CD1 . LEU A 1 68  ? -1.508  -6.326  -2.743  1.00 60.83  ? 143 LEU A CD1 1 
ATOM   476  C CD2 . LEU A 1 68  ? -2.106  -6.092  -0.343  1.00 55.55  ? 143 LEU A CD2 1 
ATOM   477  N N   . MET A 1 69  ? -6.069  -9.593  -1.646  1.00 60.49  ? 144 MET A N   1 
ATOM   478  C CA  . MET A 1 69  ? -7.501  -9.862  -1.783  1.00 59.59  ? 144 MET A CA  1 
ATOM   479  C C   . MET A 1 69  ? -8.135  -10.185 -0.436  1.00 57.61  ? 144 MET A C   1 
ATOM   480  O O   . MET A 1 69  ? -9.251  -9.739  -0.145  1.00 60.62  ? 144 MET A O   1 
ATOM   481  C CB  . MET A 1 69  ? -7.735  -11.009 -2.767  1.00 61.04  ? 144 MET A CB  1 
ATOM   482  C CG  . MET A 1 69  ? -7.376  -10.689 -4.215  1.00 61.94  ? 144 MET A CG  1 
ATOM   483  S SD  . MET A 1 69  ? -8.062  -9.137  -4.834  1.00 67.74  ? 144 MET A SD  1 
ATOM   484  C CE  . MET A 1 69  ? -6.595  -8.113  -4.801  1.00 65.13  ? 144 MET A CE  1 
ATOM   485  N N   . ASP A 1 70  ? -7.441  -10.964 0.399   1.00 59.00  ? 145 ASP A N   1 
ATOM   486  C CA  . ASP A 1 70  ? -7.937  -11.230 1.748   1.00 63.09  ? 145 ASP A CA  1 
ATOM   487  C C   . ASP A 1 70  ? -8.168  -9.934  2.504   1.00 62.58  ? 145 ASP A C   1 
ATOM   488  O O   . ASP A 1 70  ? -9.238  -9.711  3.086   1.00 67.83  ? 145 ASP A O   1 
ATOM   489  C CB  . ASP A 1 70  ? -6.951  -12.117 2.511   1.00 61.24  ? 145 ASP A CB  1 
ATOM   490  C CG  . ASP A 1 70  ? -7.061  -13.573 2.111   1.00 73.00  ? 145 ASP A CG  1 
ATOM   491  O OD1 . ASP A 1 70  ? -8.172  -13.979 1.701   1.00 72.22  ? 145 ASP A OD1 1 
ATOM   492  O OD2 . ASP A 1 70  ? -6.052  -14.306 2.206   1.00 80.50  ? 145 ASP A OD2 1 
ATOM   493  N N   . ILE A 1 71  ? -7.173  -9.052  2.475   1.00 63.86  ? 146 ILE A N   1 
ATOM   494  C CA  . ILE A 1 71  ? -7.282  -7.771  3.160   1.00 65.33  ? 146 ILE A CA  1 
ATOM   495  C C   . ILE A 1 71  ? -8.421  -6.949  2.579   1.00 56.22  ? 146 ILE A C   1 
ATOM   496  O O   . ILE A 1 71  ? -9.274  -6.431  3.309   1.00 58.88  ? 146 ILE A O   1 
ATOM   497  C CB  . ILE A 1 71  ? -5.945  -7.020  3.075   1.00 58.04  ? 146 ILE A CB  1 
ATOM   498  C CG1 . ILE A 1 71  ? -4.892  -7.794  3.862   1.00 59.67  ? 146 ILE A CG1 1 
ATOM   499  C CG2 . ILE A 1 71  ? -6.127  -5.574  3.516   1.00 56.11  ? 146 ILE A CG2 1 
ATOM   500  C CD1 . ILE A 1 71  ? -3.490  -7.335  3.620   1.00 53.65  ? 146 ILE A CD1 1 
ATOM   501  N N   . ILE A 1 72  ? -8.444  -6.808  1.251   1.00 55.59  ? 147 ILE A N   1 
ATOM   502  C CA  . ILE A 1 72  ? -9.498  -6.031  0.605   1.00 56.61  ? 147 ILE A CA  1 
ATOM   503  C C   . ILE A 1 72  ? -10.875 -6.570  0.983   1.00 63.08  ? 147 ILE A C   1 
ATOM   504  O O   . ILE A 1 72  ? -11.785 -5.798  1.315   1.00 62.96  ? 147 ILE A O   1 
ATOM   505  C CB  . ILE A 1 72  ? -9.284  -6.010  -0.919  1.00 61.83  ? 147 ILE A CB  1 
ATOM   506  C CG1 . ILE A 1 72  ? -8.060  -5.142  -1.264  1.00 57.28  ? 147 ILE A CG1 1 
ATOM   507  C CG2 . ILE A 1 72  ? -10.573 -5.566  -1.653  1.00 53.88  ? 147 ILE A CG2 1 
ATOM   508  C CD1 . ILE A 1 72  ? -7.708  -5.088  -2.757  1.00 59.94  ? 147 ILE A CD1 1 
ATOM   509  N N   . GLU A 1 73  ? -11.050 -7.899  0.965   1.00 59.22  ? 148 GLU A N   1 
ATOM   510  C CA  . GLU A 1 73  ? -12.339 -8.466  1.361   1.00 68.39  ? 148 GLU A CA  1 
ATOM   511  C C   . GLU A 1 73  ? -12.645 -8.171  2.824   1.00 65.08  ? 148 GLU A C   1 
ATOM   512  O O   . GLU A 1 73  ? -13.773 -7.792  3.167   1.00 59.82  ? 148 GLU A O   1 
ATOM   513  C CB  . GLU A 1 73  ? -12.374 -9.976  1.108   1.00 73.92  ? 148 GLU A CB  1 
ATOM   514  C CG  . GLU A 1 73  ? -13.571 -10.678 1.765   1.00 78.27  ? 148 GLU A CG  1 
ATOM   515  C CD  . GLU A 1 73  ? -14.003 -11.933 1.016   1.00 90.28  ? 148 GLU A CD  1 
ATOM   516  O OE1 . GLU A 1 73  ? -13.203 -12.409 0.175   1.00 93.81  ? 148 GLU A OE1 1 
ATOM   517  O OE2 . GLU A 1 73  ? -15.131 -12.436 1.258   1.00 87.70  ? 148 GLU A OE2 1 
ATOM   518  N N   . GLU A 1 74  ? -11.644 -8.312  3.699   1.00 64.19  ? 149 GLU A N   1 
ATOM   519  C CA  . GLU A 1 74  ? -11.855 -8.003  5.111   1.00 66.03  ? 149 GLU A CA  1 
ATOM   520  C C   . GLU A 1 74  ? -12.222 -6.533  5.309   1.00 65.62  ? 149 GLU A C   1 
ATOM   521  O O   . GLU A 1 74  ? -13.103 -6.213  6.114   1.00 72.84  ? 149 GLU A O   1 
ATOM   522  C CB  . GLU A 1 74  ? -10.617 -8.369  5.940   1.00 63.91  ? 149 GLU A CB  1 
ATOM   523  C CG  . GLU A 1 74  ? -10.867 -8.261  7.456   1.00 68.88  ? 149 GLU A CG  1 
ATOM   524  C CD  . GLU A 1 74  ? -9.606  -8.285  8.313   1.00 75.36  ? 149 GLU A CD  1 
ATOM   525  O OE1 . GLU A 1 74  ? -8.500  -8.558  7.793   1.00 71.87  ? 149 GLU A OE1 1 
ATOM   526  O OE2 . GLU A 1 74  ? -9.717  -8.022  9.534   1.00 81.82  ? 149 GLU A OE2 1 
ATOM   527  N N   . CYS A 1 75  ? -11.578 -5.621  4.576   1.00 62.25  ? 150 CYS A N   1 
ATOM   528  C CA  . CYS A 1 75  ? -11.903 -4.205  4.758   1.00 64.93  ? 150 CYS A CA  1 
ATOM   529  C C   . CYS A 1 75  ? -13.296 -3.887  4.238   1.00 62.47  ? 150 CYS A C   1 
ATOM   530  O O   . CYS A 1 75  ? -14.055 -3.152  4.883   1.00 62.99  ? 150 CYS A O   1 
ATOM   531  C CB  . CYS A 1 75  ? -10.868 -3.315  4.068   1.00 58.56  ? 150 CYS A CB  1 
ATOM   532  S SG  . CYS A 1 75  ? -9.223  -3.468  4.757   1.00 62.54  ? 150 CYS A SG  1 
ATOM   533  N N   . GLU A 1 76  ? -13.645 -4.432  3.071   1.00 64.72  ? 151 GLU A N   1 
ATOM   534  C CA  . GLU A 1 76  ? -14.930 -4.126  2.461   1.00 65.79  ? 151 GLU A CA  1 
ATOM   535  C C   . GLU A 1 76  ? -16.107 -4.709  3.232   1.00 63.11  ? 151 GLU A C   1 
ATOM   536  O O   . GLU A 1 76  ? -17.208 -4.155  3.153   1.00 69.69  ? 151 GLU A O   1 
ATOM   537  C CB  . GLU A 1 76  ? -14.938 -4.598  1.005   1.00 63.83  ? 151 GLU A CB  1 
ATOM   538  C CG  . GLU A 1 76  ? -14.018 -3.739  0.111   1.00 67.48  ? 151 GLU A CG  1 
ATOM   539  C CD  . GLU A 1 76  ? -14.043 -4.149  -1.349  1.00 69.77  ? 151 GLU A CD  1 
ATOM   540  O OE1 . GLU A 1 76  ? -14.598 -5.232  -1.655  1.00 69.95  ? 151 GLU A OE1 1 
ATOM   541  O OE2 . GLU A 1 76  ? -13.504 -3.390  -2.191  1.00 68.87  ? 151 GLU A OE2 1 
ATOM   542  N N   . ARG A 1 77  ? -15.916 -5.784  3.993   1.00 65.05  ? 152 ARG A N   1 
ATOM   543  C CA  . ARG A 1 77  ? -17.043 -6.340  4.731   1.00 71.20  ? 152 ARG A CA  1 
ATOM   544  C C   . ARG A 1 77  ? -17.220 -5.665  6.087   1.00 71.52  ? 152 ARG A C   1 
ATOM   545  O O   . ARG A 1 77  ? -18.102 -6.053  6.855   1.00 75.15  ? 152 ARG A O   1 
ATOM   546  C CB  . ARG A 1 77  ? -16.915 -7.880  4.847   1.00 65.49  ? 152 ARG A CB  1 
ATOM   547  C CG  . ARG A 1 77  ? -16.429 -8.472  6.162   1.00 73.64  ? 152 ARG A CG  1 
ATOM   548  C CD  . ARG A 1 77  ? -15.685 -9.817  5.958   1.00 82.08  ? 152 ARG A CD  1 
ATOM   549  N NE  . ARG A 1 77  ? -14.895 -10.189 7.136   1.00 85.47  ? 152 ARG A NE  1 
ATOM   550  C CZ  . ARG A 1 77  ? -13.765 -10.891 7.108   1.00 83.87  ? 152 ARG A CZ  1 
ATOM   551  N NH1 . ARG A 1 77  ? -13.251 -11.331 5.966   1.00 78.29  ? 152 ARG A NH1 1 
ATOM   552  N NH2 . ARG A 1 77  ? -13.120 -11.139 8.252   1.00 80.29  ? 152 ARG A NH2 1 
ATOM   553  N N   . GLN A 1 78  ? -16.447 -4.613  6.366   1.00 73.02  ? 153 GLN A N   1 
ATOM   554  C CA  . GLN A 1 78  ? -16.596 -3.895  7.628   1.00 73.26  ? 153 GLN A CA  1 
ATOM   555  C C   . GLN A 1 78  ? -17.844 -3.015  7.647   1.00 73.40  ? 153 GLN A C   1 
ATOM   556  O O   . GLN A 1 78  ? -18.382 -2.735  8.726   1.00 73.72  ? 153 GLN A O   1 
ATOM   557  C CB  . GLN A 1 78  ? -15.351 -3.047  7.894   1.00 69.98  ? 153 GLN A CB  1 
ATOM   558  C CG  . GLN A 1 78  ? -14.906 -3.022  9.346   1.00 84.21  ? 153 GLN A CG  1 
ATOM   559  C CD  . GLN A 1 78  ? -14.551 -4.405  9.898   1.00 90.96  ? 153 GLN A CD  1 
ATOM   560  O OE1 . GLN A 1 78  ? -14.237 -5.340  9.147   1.00 88.29  ? 153 GLN A OE1 1 
ATOM   561  N NE2 . GLN A 1 78  ? -14.603 -4.538  11.225  1.00 92.15  ? 153 GLN A NE2 1 
ATOM   562  N N   . ALA A 1 79  ? -18.325 -2.578  6.483   1.00 69.58  ? 154 ALA A N   1 
ATOM   563  C CA  . ALA A 1 79  ? -19.416 -1.609  6.431   1.00 62.42  ? 154 ALA A CA  1 
ATOM   564  C C   . ALA A 1 79  ? -19.935 -1.523  5.005   1.00 61.09  ? 154 ALA A C   1 
ATOM   565  O O   . ALA A 1 79  ? -19.234 -1.867  4.049   1.00 64.09  ? 154 ALA A O   1 
ATOM   566  C CB  . ALA A 1 79  ? -18.968 -0.225  6.924   1.00 63.45  ? 154 ALA A CB  1 
ATOM   567  N N   . ASP A 1 80  ? -21.180 -1.061  4.879   1.00 65.64  ? 155 ASP A N   1 
ATOM   568  C CA  . ASP A 1 80  ? -21.840 -0.990  3.585   1.00 63.39  ? 155 ASP A CA  1 
ATOM   569  C C   . ASP A 1 80  ? -21.136 -0.002  2.659   1.00 64.01  ? 155 ASP A C   1 
ATOM   570  O O   . ASP A 1 80  ? -20.732 1.087   3.077   1.00 62.76  ? 155 ASP A O   1 
ATOM   571  C CB  . ASP A 1 80  ? -23.300 -0.561  3.758   1.00 69.75  ? 155 ASP A CB  1 
ATOM   572  C CG  . ASP A 1 80  ? -24.173 -1.653  4.370   1.00 82.84  ? 155 ASP A CG  1 
ATOM   573  O OD1 . ASP A 1 80  ? -23.686 -2.779  4.615   1.00 84.53  ? 155 ASP A OD1 1 
ATOM   574  O OD2 . ASP A 1 80  ? -25.366 -1.380  4.614   1.00 87.69  ? 155 ASP A OD2 1 
ATOM   575  N N   . GLY A 1 81  ? -21.012 -0.378  1.387   1.00 54.48  ? 156 GLY A N   1 
ATOM   576  C CA  . GLY A 1 81  ? -20.504 0.518   0.373   1.00 54.35  ? 156 GLY A CA  1 
ATOM   577  C C   . GLY A 1 81  ? -19.014 0.802   0.419   1.00 59.28  ? 156 GLY A C   1 
ATOM   578  O O   . GLY A 1 81  ? -18.553 1.704   -0.285  1.00 54.88  ? 156 GLY A O   1 
ATOM   579  N N   . VAL A 1 82  ? -18.242 0.071   1.216   1.00 55.35  ? 157 VAL A N   1 
ATOM   580  C CA  . VAL A 1 82  ? -16.809 0.321   1.317   1.00 56.08  ? 157 VAL A CA  1 
ATOM   581  C C   . VAL A 1 82  ? -16.101 -0.300  0.117   1.00 61.06  ? 157 VAL A C   1 
ATOM   582  O O   . VAL A 1 82  ? -16.310 -1.474  -0.203  1.00 63.00  ? 157 VAL A O   1 
ATOM   583  C CB  . VAL A 1 82  ? -16.250 -0.231  2.638   1.00 59.69  ? 157 VAL A CB  1 
ATOM   584  C CG1 . VAL A 1 82  ? -14.706 -0.229  2.598   1.00 62.64  ? 157 VAL A CG1 1 
ATOM   585  C CG2 . VAL A 1 82  ? -16.759 0.608   3.832   1.00 56.03  ? 157 VAL A CG2 1 
ATOM   586  N N   . ARG A 1 83  ? -15.250 0.484   -0.544  1.00 60.96  ? 158 ARG A N   1 
ATOM   587  C CA  . ARG A 1 83  ? -14.408 0.016   -1.643  1.00 59.98  ? 158 ARG A CA  1 
ATOM   588  C C   . ARG A 1 83  ? -12.947 0.283   -1.294  1.00 63.75  ? 158 ARG A C   1 
ATOM   589  O O   . ARG A 1 83  ? -12.606 1.377   -0.838  1.00 60.38  ? 158 ARG A O   1 
ATOM   590  C CB  . ARG A 1 83  ? -14.760 0.711   -2.966  1.00 58.40  ? 158 ARG A CB  1 
ATOM   591  C CG  . ARG A 1 83  ? -16.241 0.570   -3.396  1.00 71.53  ? 158 ARG A CG  1 
ATOM   592  C CD  . ARG A 1 83  ? -16.461 1.032   -4.855  1.00 70.04  ? 158 ARG A CD  1 
ATOM   593  N NE  . ARG A 1 83  ? -17.577 1.971   -4.967  1.00 76.05  ? 158 ARG A NE  1 
ATOM   594  C CZ  . ARG A 1 83  ? -18.796 1.657   -5.392  1.00 75.70  ? 158 ARG A CZ  1 
ATOM   595  N NH1 . ARG A 1 83  ? -19.079 0.445   -5.848  1.00 81.38  ? 158 ARG A NH1 1 
ATOM   596  N NH2 . ARG A 1 83  ? -19.755 2.584   -5.363  1.00 69.90  ? 158 ARG A NH2 1 
ATOM   597  N N   . VAL A 1 84  ? -12.086 -0.705  -1.524  1.00 58.33  ? 159 VAL A N   1 
ATOM   598  C CA  . VAL A 1 84  ? -10.672 -0.613  -1.210  1.00 60.07  ? 159 VAL A CA  1 
ATOM   599  C C   . VAL A 1 84  ? -9.860  -0.920  -2.466  1.00 64.61  ? 159 VAL A C   1 
ATOM   600  O O   . VAL A 1 84  ? -10.185 -1.850  -3.216  1.00 59.87  ? 159 VAL A O   1 
ATOM   601  C CB  . VAL A 1 84  ? -10.286 -1.571  -0.061  1.00 60.48  ? 159 VAL A CB  1 
ATOM   602  C CG1 . VAL A 1 84  ? -8.785  -1.469  0.249   1.00 55.78  ? 159 VAL A CG1 1 
ATOM   603  C CG2 . VAL A 1 84  ? -11.099 -1.259  1.176   1.00 57.89  ? 159 VAL A CG2 1 
ATOM   604  N N   . ALA A 1 85  ? -8.798  -0.132  -2.689  1.00 60.36  ? 160 ALA A N   1 
ATOM   605  C CA  . ALA A 1 85  ? -7.865  -0.344  -3.788  1.00 54.62  ? 160 ALA A CA  1 
ATOM   606  C C   . ALA A 1 85  ? -6.456  -0.171  -3.256  1.00 61.97  ? 160 ALA A C   1 
ATOM   607  O O   . ALA A 1 85  ? -6.222  0.614   -2.338  1.00 57.19  ? 160 ALA A O   1 
ATOM   608  C CB  . ALA A 1 85  ? -8.102  0.620   -4.958  1.00 54.34  ? 160 ALA A CB  1 
ATOM   609  N N   . VAL A 1 86  ? -5.517  -0.903  -3.841  1.00 62.46  ? 161 VAL A N   1 
ATOM   610  C CA  . VAL A 1 86  ? -4.163  -0.996  -3.318  1.00 59.75  ? 161 VAL A CA  1 
ATOM   611  C C   . VAL A 1 86  ? -3.183  -0.940  -4.476  1.00 64.00  ? 161 VAL A C   1 
ATOM   612  O O   . VAL A 1 86  ? -3.412  -1.561  -5.520  1.00 62.35  ? 161 VAL A O   1 
ATOM   613  C CB  . VAL A 1 86  ? -3.954  -2.298  -2.517  1.00 60.46  ? 161 VAL A CB  1 
ATOM   614  C CG1 . VAL A 1 86  ? -2.495  -2.414  -2.106  1.00 66.57  ? 161 VAL A CG1 1 
ATOM   615  C CG2 . VAL A 1 86  ? -4.849  -2.324  -1.289  1.00 57.46  ? 161 VAL A CG2 1 
ATOM   616  N N   . ALA A 1 87  ? -2.085  -0.204  -4.287  1.00 58.00  ? 162 ALA A N   1 
ATOM   617  C CA  . ALA A 1 87  ? -0.949  -0.239  -5.196  1.00 59.52  ? 162 ALA A CA  1 
ATOM   618  C C   . ALA A 1 87  ? 0.330   -0.258  -4.378  1.00 62.48  ? 162 ALA A C   1 
ATOM   619  O O   . ALA A 1 87  ? 0.487   0.552   -3.458  1.00 62.20  ? 162 ALA A O   1 
ATOM   620  C CB  . ALA A 1 87  ? -0.942  0.962   -6.141  1.00 57.14  ? 162 ALA A CB  1 
ATOM   621  N N   . HIS A 1 88  ? 1.239   -1.173  -4.716  1.00 57.01  ? 163 HIS A N   1 
ATOM   622  C CA  . HIS A 1 88  ? 2.555   -1.240  -4.101  1.00 56.61  ? 163 HIS A CA  1 
ATOM   623  C C   . HIS A 1 88  ? 3.618   -1.218  -5.192  1.00 60.70  ? 163 HIS A C   1 
ATOM   624  O O   . HIS A 1 88  ? 3.449   -1.831  -6.247  1.00 60.28  ? 163 HIS A O   1 
ATOM   625  C CB  . HIS A 1 88  ? 2.710   -2.499  -3.235  1.00 54.08  ? 163 HIS A CB  1 
ATOM   626  C CG  . HIS A 1 88  ? 3.741   -2.372  -2.154  1.00 60.38  ? 163 HIS A CG  1 
ATOM   627  N ND1 . HIS A 1 88  ? 5.089   -2.246  -2.421  1.00 62.38  ? 163 HIS A ND1 1 
ATOM   628  C CD2 . HIS A 1 88  ? 3.619   -2.349  -0.805  1.00 57.52  ? 163 HIS A CD2 1 
ATOM   629  C CE1 . HIS A 1 88  ? 5.754   -2.155  -1.282  1.00 65.75  ? 163 HIS A CE1 1 
ATOM   630  N NE2 . HIS A 1 88  ? 4.885   -2.204  -0.286  1.00 67.90  ? 163 HIS A NE2 1 
ATOM   631  N N   . ARG A 1 89  ? 4.713   -0.512  -4.946  1.00 61.48  ? 164 ARG A N   1 
ATOM   632  C CA  . ARG A 1 89  ? 5.788   -0.475  -5.920  1.00 62.77  ? 164 ARG A CA  1 
ATOM   633  C C   . ARG A 1 89  ? 6.744   -1.637  -5.680  1.00 63.14  ? 164 ARG A C   1 
ATOM   634  O O   . ARG A 1 89  ? 6.878   -2.131  -4.558  1.00 61.65  ? 164 ARG A O   1 
ATOM   635  C CB  . ARG A 1 89  ? 6.542   0.857   -5.866  1.00 65.93  ? 164 ARG A CB  1 
ATOM   636  C CG  . ARG A 1 89  ? 7.497   1.079   -7.042  1.00 69.54  ? 164 ARG A CG  1 
ATOM   637  C CD  . ARG A 1 89  ? 7.636   2.554   -7.359  1.00 69.98  ? 164 ARG A CD  1 
ATOM   638  N NE  . ARG A 1 89  ? 8.923   2.858   -7.972  1.00 69.28  ? 164 ARG A NE  1 
ATOM   639  C CZ  . ARG A 1 89  ? 9.367   4.091   -8.184  1.00 74.48  ? 164 ARG A CZ  1 
ATOM   640  N NH1 . ARG A 1 89  ? 8.642   5.151   -7.862  1.00 73.02  ? 164 ARG A NH1 1 
ATOM   641  N NH2 . ARG A 1 89  ? 10.571  4.267   -8.722  1.00 80.51  ? 164 ARG A NH2 1 
ATOM   642  N N   . THR A 1 90  ? 7.371   -2.099  -6.761  1.00 63.75  ? 165 THR A N   1 
ATOM   643  C CA  . THR A 1 90  ? 8.503   -3.015  -6.719  1.00 71.32  ? 165 THR A CA  1 
ATOM   644  C C   . THR A 1 90  ? 9.750   -2.310  -7.257  1.00 69.55  ? 165 THR A C   1 
ATOM   645  O O   . THR A 1 90  ? 9.700   -1.156  -7.693  1.00 70.28  ? 165 THR A O   1 
ATOM   646  C CB  . THR A 1 90  ? 8.198   -4.284  -7.516  1.00 68.92  ? 165 THR A CB  1 
ATOM   647  O OG1 . THR A 1 90  ? 7.858   -3.931  -8.859  1.00 67.76  ? 165 THR A OG1 1 
ATOM   648  C CG2 . THR A 1 90  ? 7.045   -5.031  -6.905  1.00 67.72  ? 165 THR A CG2 1 
ATOM   649  N N   . GLY A 1 91  ? 10.882  -3.013  -7.218  1.00 70.21  ? 166 GLY A N   1 
ATOM   650  C CA  . GLY A 1 91  ? 12.108  -2.469  -7.782  1.00 72.06  ? 166 GLY A CA  1 
ATOM   651  C C   . GLY A 1 91  ? 12.826  -1.516  -6.838  1.00 68.00  ? 166 GLY A C   1 
ATOM   652  O O   . GLY A 1 91  ? 12.667  -1.570  -5.616  1.00 72.50  ? 166 GLY A O   1 
ATOM   653  N N   . GLU A 1 92  ? 13.621  -0.617  -7.416  1.00 66.59  ? 167 GLU A N   1 
ATOM   654  C CA  . GLU A 1 92  ? 14.435  0.292   -6.617  1.00 68.22  ? 167 GLU A CA  1 
ATOM   655  C C   . GLU A 1 92  ? 13.685  1.581   -6.308  1.00 62.90  ? 167 GLU A C   1 
ATOM   656  O O   . GLU A 1 92  ? 13.154  2.232   -7.212  1.00 66.43  ? 167 GLU A O   1 
ATOM   657  C CB  . GLU A 1 92  ? 15.748  0.623   -7.330  1.00 73.56  ? 167 GLU A CB  1 
ATOM   658  C CG  . GLU A 1 92  ? 16.657  1.517   -6.493  1.00 79.01  ? 167 GLU A CG  1 
ATOM   659  C CD  . GLU A 1 92  ? 17.983  1.831   -7.169  1.00 86.72  ? 167 GLU A CD  1 
ATOM   660  O OE1 . GLU A 1 92  ? 18.607  0.903   -7.731  1.00 85.30  ? 167 GLU A OE1 1 
ATOM   661  O OE2 . GLU A 1 92  ? 18.395  3.009   -7.136  1.00 83.67  ? 167 GLU A OE2 1 
ATOM   662  N N   . LEU A 1 93  ? 13.675  1.967   -5.036  1.00 61.21  ? 168 LEU A N   1 
ATOM   663  C CA  . LEU A 1 93  ? 13.101  3.231   -4.609  1.00 64.02  ? 168 LEU A CA  1 
ATOM   664  C C   . LEU A 1 93  ? 14.166  4.090   -3.945  1.00 70.30  ? 168 LEU A C   1 
ATOM   665  O O   . LEU A 1 93  ? 15.099  3.583   -3.312  1.00 69.10  ? 168 LEU A O   1 
ATOM   666  C CB  . LEU A 1 93  ? 11.925  3.033   -3.641  1.00 63.95  ? 168 LEU A CB  1 
ATOM   667  C CG  . LEU A 1 93  ? 10.596  2.621   -4.295  1.00 68.39  ? 168 LEU A CG  1 
ATOM   668  C CD1 . LEU A 1 93  ? 10.612  1.175   -4.771  1.00 63.02  ? 168 LEU A CD1 1 
ATOM   669  C CD2 . LEU A 1 93  ? 9.432   2.869   -3.353  1.00 63.28  ? 168 LEU A CD2 1 
ATOM   670  N N   . ARG A 1 94  ? 14.015  5.398   -4.106  1.00 67.68  ? 169 ARG A N   1 
ATOM   671  C CA  . ARG A 1 94  ? 14.878  6.401   -3.510  1.00 64.29  ? 169 ARG A CA  1 
ATOM   672  C C   . ARG A 1 94  ? 14.093  7.177   -2.460  1.00 65.37  ? 169 ARG A C   1 
ATOM   673  O O   . ARG A 1 94  ? 12.878  7.022   -2.328  1.00 72.17  ? 169 ARG A O   1 
ATOM   674  C CB  . ARG A 1 94  ? 15.436  7.330   -4.597  1.00 70.76  ? 169 ARG A CB  1 
ATOM   675  C CG  . ARG A 1 94  ? 16.367  6.629   -5.587  1.00 68.91  ? 169 ARG A CG  1 
ATOM   676  C CD  . ARG A 1 94  ? 17.531  5.956   -4.845  1.00 84.27  ? 169 ARG A CD  1 
ATOM   677  N NE  . ARG A 1 94  ? 18.411  5.190   -5.726  1.00 87.95  ? 169 ARG A NE  1 
ATOM   678  C CZ  . ARG A 1 94  ? 19.734  5.293   -5.743  1.00 91.64  ? 169 ARG A CZ  1 
ATOM   679  N NH1 . ARG A 1 94  ? 20.379  6.105   -4.917  1.00 92.13  ? 169 ARG A NH1 1 
ATOM   680  N NH2 . ARG A 1 94  ? 20.432  4.546   -6.596  1.00 91.70  ? 169 ARG A NH2 1 
ATOM   681  N N   . ILE A 1 95  ? 14.804  8.009   -1.696  1.00 65.43  ? 170 ILE A N   1 
ATOM   682  C CA  . ILE A 1 95  ? 14.163  8.757   -0.621  1.00 64.67  ? 170 ILE A CA  1 
ATOM   683  C C   . ILE A 1 95  ? 13.032  9.594   -1.200  1.00 68.84  ? 170 ILE A C   1 
ATOM   684  O O   . ILE A 1 95  ? 13.159  10.192  -2.279  1.00 69.11  ? 170 ILE A O   1 
ATOM   685  C CB  . ILE A 1 95  ? 15.202  9.607   0.128   1.00 68.26  ? 170 ILE A CB  1 
ATOM   686  C CG1 . ILE A 1 95  ? 16.139  8.707   0.916   1.00 67.85  ? 170 ILE A CG1 1 
ATOM   687  C CG2 . ILE A 1 95  ? 14.544  10.577  1.102   1.00 61.89  ? 170 ILE A CG2 1 
ATOM   688  C CD1 . ILE A 1 95  ? 17.367  9.438   1.410   1.00 75.33  ? 170 ILE A CD1 1 
ATOM   689  N N   . GLY A 1 96  ? 11.889  9.591   -0.507  1.00 65.34  ? 171 GLY A N   1 
ATOM   690  C CA  . GLY A 1 96  ? 10.730  10.310  -0.957  1.00 63.05  ? 171 GLY A CA  1 
ATOM   691  C C   . GLY A 1 96  ? 9.799   9.547   -1.877  1.00 57.01  ? 171 GLY A C   1 
ATOM   692  O O   . GLY A 1 96  ? 8.645   9.956   -2.027  1.00 62.10  ? 171 GLY A O   1 
ATOM   693  N N   . ASP A 1 97  ? 10.256  8.467   -2.514  1.00 58.65  ? 172 ASP A N   1 
ATOM   694  C CA  . ASP A 1 97  ? 9.385   7.694   -3.400  1.00 62.72  ? 172 ASP A CA  1 
ATOM   695  C C   . ASP A 1 97  ? 8.237   7.044   -2.626  1.00 61.25  ? 172 ASP A C   1 
ATOM   696  O O   . ASP A 1 97  ? 8.416   6.543   -1.505  1.00 58.69  ? 172 ASP A O   1 
ATOM   697  C CB  . ASP A 1 97  ? 10.175  6.596   -4.125  1.00 70.11  ? 172 ASP A CB  1 
ATOM   698  C CG  . ASP A 1 97  ? 11.139  7.137   -5.181  1.00 67.28  ? 172 ASP A CG  1 
ATOM   699  O OD1 . ASP A 1 97  ? 11.016  8.320   -5.547  1.00 68.02  ? 172 ASP A OD1 1 
ATOM   700  O OD2 . ASP A 1 97  ? 12.017  6.370   -5.645  1.00 64.75  ? 172 ASP A OD2 1 
ATOM   701  N N   . ALA A 1 98  ? 7.057   7.038   -3.245  1.00 63.56  ? 173 ALA A N   1 
ATOM   702  C CA  . ALA A 1 98  ? 5.901   6.325   -2.713  1.00 59.91  ? 173 ALA A CA  1 
ATOM   703  C C   . ALA A 1 98  ? 6.063   4.818   -2.901  1.00 56.02  ? 173 ALA A C   1 
ATOM   704  O O   . ALA A 1 98  ? 6.057   4.322   -4.035  1.00 57.48  ? 173 ALA A O   1 
ATOM   705  C CB  . ALA A 1 98  ? 4.630   6.803   -3.408  1.00 51.50  ? 173 ALA A CB  1 
ATOM   706  N N   . ALA A 1 99  ? 6.174   4.090   -1.789  1.00 51.98  ? 174 ALA A N   1 
ATOM   707  C CA  . ALA A 1 99  ? 6.277   2.631   -1.798  1.00 56.06  ? 174 ALA A CA  1 
ATOM   708  C C   . ALA A 1 99  ? 4.920   1.931   -1.836  1.00 59.73  ? 174 ALA A C   1 
ATOM   709  O O   . ALA A 1 99  ? 4.805   0.821   -2.382  1.00 54.59  ? 174 ALA A O   1 
ATOM   710  C CB  . ALA A 1 99  ? 7.056   2.158   -0.563  1.00 56.07  ? 174 ALA A CB  1 
ATOM   711  N N   . VAL A 1 100 ? 3.903   2.549   -1.248  1.00 55.02  ? 175 VAL A N   1 
ATOM   712  C CA  . VAL A 1 100 ? 2.590   1.943   -1.139  1.00 56.09  ? 175 VAL A CA  1 
ATOM   713  C C   . VAL A 1 100 ? 1.571   3.063   -1.147  1.00 57.18  ? 175 VAL A C   1 
ATOM   714  O O   . VAL A 1 100 ? 1.799   4.132   -0.575  1.00 59.04  ? 175 VAL A O   1 
ATOM   715  C CB  . VAL A 1 100 ? 2.459   1.068   0.124   1.00 56.64  ? 175 VAL A CB  1 
ATOM   716  C CG1 . VAL A 1 100 ? 2.618   1.911   1.382   1.00 48.62  ? 175 VAL A CG1 1 
ATOM   717  C CG2 . VAL A 1 100 ? 1.099   0.313   0.118   1.00 56.96  ? 175 VAL A CG2 1 
ATOM   718  N N   . VAL A 1 101 ? 0.463   2.822   -1.838  1.00 56.49  ? 176 VAL A N   1 
ATOM   719  C CA  . VAL A 1 101 ? -0.676  3.726   -1.881  1.00 56.61  ? 176 VAL A CA  1 
ATOM   720  C C   . VAL A 1 101 ? -1.919  2.872   -1.711  1.00 60.08  ? 176 VAL A C   1 
ATOM   721  O O   . VAL A 1 101 ? -2.132  1.930   -2.481  1.00 61.10  ? 176 VAL A O   1 
ATOM   722  C CB  . VAL A 1 101 ? -0.749  4.509   -3.200  1.00 57.02  ? 176 VAL A CB  1 
ATOM   723  C CG1 . VAL A 1 101 ? -2.043  5.295   -3.277  1.00 57.73  ? 176 VAL A CG1 1 
ATOM   724  C CG2 . VAL A 1 101 ? 0.450   5.436   -3.321  1.00 60.08  ? 176 VAL A CG2 1 
ATOM   725  N N   . ILE A 1 102 ? -2.727  3.173   -0.701  1.00 56.19  ? 177 ILE A N   1 
ATOM   726  C CA  . ILE A 1 102 ? -3.984  2.476   -0.506  1.00 56.80  ? 177 ILE A CA  1 
ATOM   727  C C   . ILE A 1 102 ? -5.083  3.514   -0.367  1.00 59.53  ? 177 ILE A C   1 
ATOM   728  O O   . ILE A 1 102 ? -4.870  4.605   0.172   1.00 57.51  ? 177 ILE A O   1 
ATOM   729  C CB  . ILE A 1 102 ? -3.955  1.547   0.724   1.00 62.44  ? 177 ILE A CB  1 
ATOM   730  C CG1 . ILE A 1 102 ? -3.969  2.355   2.008   1.00 55.84  ? 177 ILE A CG1 1 
ATOM   731  C CG2 . ILE A 1 102 ? -2.743  0.648   0.710   1.00 60.47  ? 177 ILE A CG2 1 
ATOM   732  C CD1 . ILE A 1 102 ? -5.292  2.276   2.716   1.00 58.86  ? 177 ILE A CD1 1 
ATOM   733  N N   . GLY A 1 103 ? -6.257  3.173   -0.874  1.00 52.72  ? 178 GLY A N   1 
ATOM   734  C CA  . GLY A 1 103 ? -7.417  4.030   -0.738  1.00 50.89  ? 178 GLY A CA  1 
ATOM   735  C C   . GLY A 1 103 ? -8.621  3.205   -0.345  1.00 59.17  ? 178 GLY A C   1 
ATOM   736  O O   . GLY A 1 103 ? -8.720  2.013   -0.664  1.00 56.58  ? 178 GLY A O   1 
ATOM   737  N N   . ALA A 1 104 ? -9.536  3.850   0.377   1.00 57.45  ? 179 ALA A N   1 
ATOM   738  C CA  . ALA A 1 104 ? -10.801 3.244   0.773   1.00 54.88  ? 179 ALA A CA  1 
ATOM   739  C C   . ALA A 1 104 ? -11.862 4.324   0.742   1.00 56.22  ? 179 ALA A C   1 
ATOM   740  O O   . ALA A 1 104 ? -11.683 5.382   1.354   1.00 50.62  ? 179 ALA A O   1 
ATOM   741  C CB  . ALA A 1 104 ? -10.737 2.626   2.175   1.00 53.15  ? 179 ALA A CB  1 
ATOM   742  N N   . SER A 1 105 ? -12.961 4.063   0.035   1.00 54.78  ? 180 SER A N   1 
ATOM   743  C CA  . SER A 1 105 ? -14.063 5.005   -0.012  1.00 52.27  ? 180 SER A CA  1 
ATOM   744  C C   . SER A 1 105 ? -15.293 4.389   0.629   1.00 57.23  ? 180 SER A C   1 
ATOM   745  O O   . SER A 1 105 ? -15.424 3.167   0.757   1.00 57.32  ? 180 SER A O   1 
ATOM   746  C CB  . SER A 1 105 ? -14.387 5.444   -1.440  1.00 53.05  ? 180 SER A CB  1 
ATOM   747  O OG  . SER A 1 105 ? -14.819 4.344   -2.200  1.00 61.05  ? 180 SER A OG  1 
ATOM   748  N N   . ALA A 1 106 ? -16.199 5.261   1.037   1.00 58.08  ? 181 ALA A N   1 
ATOM   749  C CA  . ALA A 1 106 ? -17.419 4.830   1.693   1.00 52.45  ? 181 ALA A CA  1 
ATOM   750  C C   . ALA A 1 106 ? -18.460 5.907   1.479   1.00 54.44  ? 181 ALA A C   1 
ATOM   751  O O   . ALA A 1 106 ? -18.116 7.018   1.062   1.00 54.87  ? 181 ALA A O   1 
ATOM   752  C CB  . ALA A 1 106 ? -17.185 4.579   3.196   1.00 52.07  ? 181 ALA A CB  1 
ATOM   753  N N   . PRO A 1 107 ? -19.743 5.597   1.701   1.00 52.37  ? 182 PRO A N   1 
ATOM   754  C CA  . PRO A 1 107 ? -20.747 6.671   1.658   1.00 53.99  ? 182 PRO A CA  1 
ATOM   755  C C   . PRO A 1 107 ? -20.405 7.817   2.591   1.00 60.25  ? 182 PRO A C   1 
ATOM   756  O O   . PRO A 1 107 ? -20.610 8.986   2.238   1.00 64.19  ? 182 PRO A O   1 
ATOM   757  C CB  . PRO A 1 107 ? -22.047 5.955   2.067   1.00 52.22  ? 182 PRO A CB  1 
ATOM   758  C CG  . PRO A 1 107 ? -21.855 4.560   1.603   1.00 46.71  ? 182 PRO A CG  1 
ATOM   759  C CD  . PRO A 1 107 ? -20.360 4.258   1.768   1.00 53.73  ? 182 PRO A CD  1 
ATOM   760  N N   . HIS A 1 108 ? -19.845 7.516   3.765   1.00 57.05  ? 183 HIS A N   1 
ATOM   761  C CA  . HIS A 1 108 ? -19.522 8.540   4.746   1.00 66.16  ? 183 HIS A CA  1 
ATOM   762  C C   . HIS A 1 108 ? -18.095 8.362   5.250   1.00 58.46  ? 183 HIS A C   1 
ATOM   763  O O   . HIS A 1 108 ? -17.502 7.283   5.149   1.00 58.29  ? 183 HIS A O   1 
ATOM   764  C CB  . HIS A 1 108 ? -20.532 8.516   5.895   1.00 66.30  ? 183 HIS A CB  1 
ATOM   765  C CG  . HIS A 1 108 ? -21.892 8.968   5.482   1.00 63.15  ? 183 HIS A CG  1 
ATOM   766  N ND1 . HIS A 1 108 ? -22.223 10.300  5.371   1.00 67.80  ? 183 HIS A ND1 1 
ATOM   767  C CD2 . HIS A 1 108 ? -22.995 8.267   5.110   1.00 64.42  ? 183 HIS A CD2 1 
ATOM   768  C CE1 . HIS A 1 108 ? -23.483 10.403  4.972   1.00 73.40  ? 183 HIS A CE1 1 
ATOM   769  N NE2 . HIS A 1 108 ? -23.968 9.185   4.796   1.00 60.20  ? 183 HIS A NE2 1 
ATOM   770  N N   . ARG A 1 109 ? -17.540 9.447   5.799   1.00 68.65  ? 184 ARG A N   1 
ATOM   771  C CA  . ARG A 1 109 ? -16.091 9.492   6.026   1.00 63.58  ? 184 ARG A CA  1 
ATOM   772  C C   . ARG A 1 109 ? -15.641 8.492   7.088   1.00 61.35  ? 184 ARG A C   1 
ATOM   773  O O   . ARG A 1 109 ? -14.553 7.919   6.973   1.00 62.69  ? 184 ARG A O   1 
ATOM   774  C CB  . ARG A 1 109 ? -15.647 10.906  6.402   1.00 60.13  ? 184 ARG A CB  1 
ATOM   775  C CG  . ARG A 1 109 ? -15.901 11.274  7.838   1.00 66.14  ? 184 ARG A CG  1 
ATOM   776  C CD  . ARG A 1 109 ? -15.399 12.659  8.141   1.00 68.01  ? 184 ARG A CD  1 
ATOM   777  N NE  . ARG A 1 109 ? -16.482 13.620  8.001   1.00 76.19  ? 184 ARG A NE  1 
ATOM   778  C CZ  . ARG A 1 109 ? -17.251 14.022  9.002   1.00 78.33  ? 184 ARG A CZ  1 
ATOM   779  N NH1 . ARG A 1 109 ? -17.049 13.600  10.237  1.00 74.36  ? 184 ARG A NH1 1 
ATOM   780  N NH2 . ARG A 1 109 ? -18.249 14.864  8.753   1.00 82.12  ? 184 ARG A NH2 1 
ATOM   781  N N   . ALA A 1 110 ? -16.458 8.248   8.117   1.00 58.84  ? 185 ALA A N   1 
ATOM   782  C CA  . ALA A 1 110 ? -16.016 7.377   9.202   1.00 57.47  ? 185 ALA A CA  1 
ATOM   783  C C   . ALA A 1 110 ? -15.599 6.009   8.678   1.00 61.95  ? 185 ALA A C   1 
ATOM   784  O O   . ALA A 1 110 ? -14.514 5.515   8.998   1.00 64.76  ? 185 ALA A O   1 
ATOM   785  C CB  . ALA A 1 110 ? -17.120 7.238   10.250  1.00 56.07  ? 185 ALA A CB  1 
ATOM   786  N N   . ALA A 1 111 ? -16.436 5.393   7.839   1.00 64.58  ? 186 ALA A N   1 
ATOM   787  C CA  . ALA A 1 111 ? -16.118 4.067   7.311   1.00 62.77  ? 186 ALA A CA  1 
ATOM   788  C C   . ALA A 1 111 ? -14.912 4.095   6.376   1.00 54.21  ? 186 ALA A C   1 
ATOM   789  O O   . ALA A 1 111 ? -14.164 3.115   6.304   1.00 56.98  ? 186 ALA A O   1 
ATOM   790  C CB  . ALA A 1 111 ? -17.348 3.481   6.603   1.00 60.11  ? 186 ALA A CB  1 
ATOM   791  N N   . ALA A 1 112 ? -14.698 5.194   5.653   1.00 54.53  ? 187 ALA A N   1 
ATOM   792  C CA  . ALA A 1 112 ? -13.482 5.299   4.842   1.00 58.26  ? 187 ALA A CA  1 
ATOM   793  C C   . ALA A 1 112 ? -12.227 5.288   5.714   1.00 54.19  ? 187 ALA A C   1 
ATOM   794  O O   . ALA A 1 112 ? -11.253 4.591   5.402   1.00 57.29  ? 187 ALA A O   1 
ATOM   795  C CB  . ALA A 1 112 ? -13.520 6.561   3.981   1.00 54.54  ? 187 ALA A CB  1 
ATOM   796  N N   . PHE A 1 113 ? -12.228 6.055   6.806   1.00 53.10  ? 188 PHE A N   1 
ATOM   797  C CA  . PHE A 1 113 ? -11.072 6.060   7.707   1.00 57.55  ? 188 PHE A CA  1 
ATOM   798  C C   . PHE A 1 113 ? -10.837 4.681   8.315   1.00 56.84  ? 188 PHE A C   1 
ATOM   799  O O   . PHE A 1 113 ? -9.702  4.187   8.334   1.00 56.10  ? 188 PHE A O   1 
ATOM   800  C CB  . PHE A 1 113 ? -11.268 7.102   8.810   1.00 55.77  ? 188 PHE A CB  1 
ATOM   801  C CG  . PHE A 1 113 ? -10.760 8.465   8.460   1.00 53.34  ? 188 PHE A CG  1 
ATOM   802  C CD1 . PHE A 1 113 ? -9.421  8.792   8.667   1.00 60.75  ? 188 PHE A CD1 1 
ATOM   803  C CD2 . PHE A 1 113 ? -11.607 9.430   7.934   1.00 55.83  ? 188 PHE A CD2 1 
ATOM   804  C CE1 . PHE A 1 113 ? -8.941  10.045  8.352   1.00 53.19  ? 188 PHE A CE1 1 
ATOM   805  C CE2 . PHE A 1 113 ? -11.126 10.700  7.616   1.00 53.15  ? 188 PHE A CE2 1 
ATOM   806  C CZ  . PHE A 1 113 ? -9.799  11.009  7.821   1.00 52.66  ? 188 PHE A CZ  1 
ATOM   807  N N   . ASP A 1 114 ? -11.906 4.046   8.809   1.00 58.16  ? 189 ASP A N   1 
ATOM   808  C CA  . ASP A 1 114 ? -11.814 2.696   9.372   1.00 61.85  ? 189 ASP A CA  1 
ATOM   809  C C   . ASP A 1 114 ? -11.155 1.724   8.399   1.00 54.15  ? 189 ASP A C   1 
ATOM   810  O O   . ASP A 1 114 ? -10.232 0.990   8.762   1.00 58.02  ? 189 ASP A O   1 
ATOM   811  C CB  . ASP A 1 114 ? -13.220 2.179   9.735   1.00 56.69  ? 189 ASP A CB  1 
ATOM   812  C CG  . ASP A 1 114 ? -13.927 3.029   10.787  1.00 61.65  ? 189 ASP A CG  1 
ATOM   813  O OD1 . ASP A 1 114 ? -13.321 3.955   11.353  1.00 69.76  ? 189 ASP A OD1 1 
ATOM   814  O OD2 . ASP A 1 114 ? -15.119 2.770   11.050  1.00 73.28  ? 189 ASP A OD2 1 
ATOM   815  N N   . ALA A 1 115 ? -11.644 1.684   7.157   1.00 53.12  ? 190 ALA A N   1 
ATOM   816  C CA  . ALA A 1 115 ? -11.142 0.712   6.190   1.00 52.43  ? 190 ALA A CA  1 
ATOM   817  C C   . ALA A 1 115 ? -9.711  1.022   5.768   1.00 58.31  ? 190 ALA A C   1 
ATOM   818  O O   . ALA A 1 115 ? -8.874  0.112   5.667   1.00 57.76  ? 190 ALA A O   1 
ATOM   819  C CB  . ALA A 1 115 ? -12.051 0.683   4.973   1.00 50.59  ? 190 ALA A CB  1 
ATOM   820  N N   . ALA A 1 116 ? -9.410  2.296   5.500   1.00 56.45  ? 191 ALA A N   1 
ATOM   821  C CA  . ALA A 1 116 ? -8.056  2.651   5.088   1.00 54.95  ? 191 ALA A CA  1 
ATOM   822  C C   . ALA A 1 116 ? -7.038  2.251   6.149   1.00 52.88  ? 191 ALA A C   1 
ATOM   823  O O   . ALA A 1 116 ? -6.013  1.634   5.833   1.00 49.13  ? 191 ALA A O   1 
ATOM   824  C CB  . ALA A 1 116 ? -7.984  4.143   4.778   1.00 51.32  ? 191 ALA A CB  1 
ATOM   825  N N   . ARG A 1 117 ? -7.325  2.544   7.421   1.00 59.47  ? 192 ARG A N   1 
ATOM   826  C CA  . ARG A 1 117 ? -6.402  2.167   8.491   1.00 58.51  ? 192 ARG A CA  1 
ATOM   827  C C   . ARG A 1 117 ? -6.220  0.657   8.545   1.00 59.33  ? 192 ARG A C   1 
ATOM   828  O O   . ARG A 1 117 ? -5.090  0.162   8.606   1.00 63.13  ? 192 ARG A O   1 
ATOM   829  C CB  . ARG A 1 117 ? -6.902  2.697   9.838   1.00 58.51  ? 192 ARG A CB  1 
ATOM   830  C CG  . ARG A 1 117 ? -5.872  2.535   10.978  1.00 61.75  ? 192 ARG A CG  1 
ATOM   831  C CD  . ARG A 1 117 ? -4.599  3.312   10.676  1.00 60.46  ? 192 ARG A CD  1 
ATOM   832  N NE  . ARG A 1 117 ? -3.516  3.017   11.608  1.00 59.45  ? 192 ARG A NE  1 
ATOM   833  C CZ  . ARG A 1 117 ? -3.354  3.644   12.766  1.00 61.47  ? 192 ARG A CZ  1 
ATOM   834  N NH1 . ARG A 1 117 ? -4.187  4.596   13.153  1.00 61.47  ? 192 ARG A NH1 1 
ATOM   835  N NH2 . ARG A 1 117 ? -2.333  3.311   13.553  1.00 56.13  ? 192 ARG A NH2 1 
ATOM   836  N N   . MET A 1 118 ? -7.329  -0.093  8.512   1.00 57.45  ? 193 MET A N   1 
ATOM   837  C CA  . MET A 1 118 ? -7.252  -1.548  8.598   1.00 59.30  ? 193 MET A CA  1 
ATOM   838  C C   . MET A 1 118 ? -6.428  -2.105  7.448   1.00 59.06  ? 193 MET A C   1 
ATOM   839  O O   . MET A 1 118 ? -5.554  -2.962  7.646   1.00 59.79  ? 193 MET A O   1 
ATOM   840  C CB  . MET A 1 118 ? -8.668  -2.158  8.603   1.00 58.49  ? 193 MET A CB  1 
ATOM   841  C CG  . MET A 1 118 ? -8.672  -3.704  8.634   1.00 59.97  ? 193 MET A CG  1 
ATOM   842  S SD  . MET A 1 118 ? -10.342 -4.464  8.612   1.00 83.12  ? 193 MET A SD  1 
ATOM   843  C CE  . MET A 1 118 ? -10.946 -3.998  10.236  1.00 83.22  ? 193 MET A CE  1 
ATOM   844  N N   . CYS A 1 119 ? -6.675  -1.599  6.239   1.00 54.73  ? 194 CYS A N   1 
ATOM   845  C CA  . CYS A 1 119 ? -5.973  -2.090  5.054   1.00 58.42  ? 194 CYS A CA  1 
ATOM   846  C C   . CYS A 1 119 ? -4.451  -1.990  5.203   1.00 59.18  ? 194 CYS A C   1 
ATOM   847  O O   . CYS A 1 119 ? -3.733  -2.971  4.955   1.00 61.04  ? 194 CYS A O   1 
ATOM   848  C CB  . CYS A 1 119 ? -6.467  -1.329  3.819   1.00 56.72  ? 194 CYS A CB  1 
ATOM   849  S SG  . CYS A 1 119 ? -5.614  -1.749  2.278   1.00 59.94  ? 194 CYS A SG  1 
ATOM   850  N N   . ILE A 1 120 ? -3.931  -0.827  5.632   1.00 59.25  ? 195 ILE A N   1 
ATOM   851  C CA  . ILE A 1 120 ? -2.464  -0.689  5.721   1.00 55.62  ? 195 ILE A CA  1 
ATOM   852  C C   . ILE A 1 120 ? -1.897  -1.498  6.889   1.00 56.95  ? 195 ILE A C   1 
ATOM   853  O O   . ILE A 1 120 ? -0.786  -2.040  6.790   1.00 54.53  ? 195 ILE A O   1 
ATOM   854  C CB  . ILE A 1 120 ? -2.035  0.793   5.812   1.00 56.56  ? 195 ILE A CB  1 
ATOM   855  C CG1 . ILE A 1 120 ? -0.510  0.940   5.712   1.00 58.74  ? 195 ILE A CG1 1 
ATOM   856  C CG2 . ILE A 1 120 ? -2.534  1.419   7.104   1.00 53.90  ? 195 ILE A CG2 1 
ATOM   857  C CD1 . ILE A 1 120 ? 0.070   0.484   4.356   1.00 55.20  ? 195 ILE A CD1 1 
ATOM   858  N N   . GLU A 1 121 ? -2.630  -1.606  8.005   1.00 59.53  ? 196 GLU A N   1 
ATOM   859  C CA  . GLU A 1 121 ? -2.138  -2.405  9.126   1.00 57.79  ? 196 GLU A CA  1 
ATOM   860  C C   . GLU A 1 121 ? -2.000  -3.871  8.731   1.00 56.58  ? 196 GLU A C   1 
ATOM   861  O O   . GLU A 1 121 ? -0.951  -4.482  8.953   1.00 65.40  ? 196 GLU A O   1 
ATOM   862  C CB  . GLU A 1 121 ? -3.055  -2.243  10.342  1.00 52.40  ? 196 GLU A CB  1 
ATOM   863  C CG  . GLU A 1 121 ? -3.088  -0.832  10.946  1.00 58.85  ? 196 GLU A CG  1 
ATOM   864  C CD  . GLU A 1 121 ? -1.708  -0.321  11.390  1.00 64.19  ? 196 GLU A CD  1 
ATOM   865  O OE1 . GLU A 1 121 ? -1.539  0.920   11.471  1.00 68.57  ? 196 GLU A OE1 1 
ATOM   866  O OE2 . GLU A 1 121 ? -0.783  -1.133  11.651  1.00 64.30  ? 196 GLU A OE2 1 
ATOM   867  N N   . ARG A 1 122 ? -3.027  -4.440  8.104   1.00 59.51  ? 197 ARG A N   1 
ATOM   868  C CA  . ARG A 1 122 ? -2.938  -5.817  7.623   1.00 60.67  ? 197 ARG A CA  1 
ATOM   869  C C   . ARG A 1 122 ? -1.882  -5.969  6.549   1.00 56.14  ? 197 ARG A C   1 
ATOM   870  O O   . ARG A 1 122 ? -1.219  -7.007  6.483   1.00 60.50  ? 197 ARG A O   1 
ATOM   871  C CB  . ARG A 1 122 ? -4.286  -6.291  7.063   1.00 52.92  ? 197 ARG A CB  1 
ATOM   872  C CG  . ARG A 1 122 ? -5.402  -6.301  8.061   1.00 57.56  ? 197 ARG A CG  1 
ATOM   873  C CD  . ARG A 1 122 ? -5.354  -7.512  8.988   1.00 62.28  ? 197 ARG A CD  1 
ATOM   874  N NE  . ARG A 1 122 ? -6.591  -7.572  9.755   1.00 69.73  ? 197 ARG A NE  1 
ATOM   875  C CZ  . ARG A 1 122 ? -6.847  -6.860  10.845  1.00 74.34  ? 197 ARG A CZ  1 
ATOM   876  N NH1 . ARG A 1 122 ? -5.925  -6.076  11.394  1.00 76.38  ? 197 ARG A NH1 1 
ATOM   877  N NH2 . ARG A 1 122 ? -8.058  -6.935  11.398  1.00 74.03  ? 197 ARG A NH2 1 
ATOM   878  N N   . LEU A 1 123 ? -1.755  -4.989  5.659   1.00 54.91  ? 198 LEU A N   1 
ATOM   879  C CA  . LEU A 1 123 ? -0.723  -5.084  4.636   1.00 57.29  ? 198 LEU A CA  1 
ATOM   880  C C   . LEU A 1 123 ? 0.669   -5.143  5.268   1.00 61.92  ? 198 LEU A C   1 
ATOM   881  O O   . LEU A 1 123 ? 1.511   -5.960  4.862   1.00 59.63  ? 198 LEU A O   1 
ATOM   882  C CB  . LEU A 1 123 ? -0.854  -3.904  3.669   1.00 53.26  ? 198 LEU A CB  1 
ATOM   883  C CG  . LEU A 1 123 ? 0.047   -3.896  2.427   1.00 59.43  ? 198 LEU A CG  1 
ATOM   884  C CD1 . LEU A 1 123 ? -0.616  -3.080  1.349   1.00 55.77  ? 198 LEU A CD1 1 
ATOM   885  C CD2 . LEU A 1 123 ? 1.470   -3.338  2.744   1.00 57.28  ? 198 LEU A CD2 1 
ATOM   886  N N   . LYS A 1 124 ? 0.929   -4.303  6.276   1.00 55.20  ? 199 LYS A N   1 
ATOM   887  C CA  . LYS A 1 124 ? 2.248   -4.358  6.909   1.00 60.97  ? 199 LYS A CA  1 
ATOM   888  C C   . LYS A 1 124 ? 2.444   -5.674  7.652   1.00 64.39  ? 199 LYS A C   1 
ATOM   889  O O   . LYS A 1 124 ? 3.531   -6.258  7.608   1.00 60.32  ? 199 LYS A O   1 
ATOM   890  C CB  . LYS A 1 124 ? 2.451   -3.194  7.873   1.00 56.07  ? 199 LYS A CB  1 
ATOM   891  C CG  . LYS A 1 124 ? 2.236   -1.819  7.284   1.00 66.18  ? 199 LYS A CG  1 
ATOM   892  C CD  . LYS A 1 124 ? 3.228   -1.501  6.208   1.00 65.57  ? 199 LYS A CD  1 
ATOM   893  C CE  . LYS A 1 124 ? 4.190   -0.446  6.713   1.00 79.62  ? 199 LYS A CE  1 
ATOM   894  N NZ  . LYS A 1 124 ? 5.096   -0.029  5.621   1.00 84.58  ? 199 LYS A NZ  1 
ATOM   895  N N   . GLN A 1 125 ? 1.391   -6.161  8.330   1.00 65.55  ? 200 GLN A N   1 
ATOM   896  C CA  . GLN A 1 125 ? 1.490   -7.399  9.102   1.00 60.59  ? 200 GLN A CA  1 
ATOM   897  C C   . GLN A 1 125 ? 1.734   -8.609  8.206   1.00 63.39  ? 200 GLN A C   1 
ATOM   898  O O   . GLN A 1 125 ? 2.568   -9.460  8.530   1.00 66.17  ? 200 GLN A O   1 
ATOM   899  C CB  . GLN A 1 125 ? 0.208   -7.614  9.916   1.00 71.14  ? 200 GLN A CB  1 
ATOM   900  C CG  . GLN A 1 125 ? 0.115   -6.835  11.211  1.00 75.44  ? 200 GLN A CG  1 
ATOM   901  C CD  . GLN A 1 125 ? 1.046   -7.396  12.284  1.00 88.83  ? 200 GLN A CD  1 
ATOM   902  O OE1 . GLN A 1 125 ? 0.884   -8.539  12.717  1.00 92.86  ? 200 GLN A OE1 1 
ATOM   903  N NE2 . GLN A 1 125 ? 2.028   -6.599  12.706  1.00 78.57  ? 200 GLN A NE2 1 
ATOM   904  N N   . ASP A 1 126 ? 1.026   -8.701  7.073   1.00 59.22  ? 201 ASP A N   1 
ATOM   905  C CA  . ASP A 1 126 ? 0.787   -9.986  6.418   1.00 65.22  ? 201 ASP A CA  1 
ATOM   906  C C   . ASP A 1 126 ? 1.308   -10.131 4.995   1.00 63.53  ? 201 ASP A C   1 
ATOM   907  O O   . ASP A 1 126 ? 1.369   -11.263 4.507   1.00 66.64  ? 201 ASP A O   1 
ATOM   908  C CB  . ASP A 1 126 ? -0.723  -10.302 6.360   1.00 58.97  ? 201 ASP A CB  1 
ATOM   909  C CG  . ASP A 1 126 ? -1.376  -10.354 7.726   1.00 63.92  ? 201 ASP A CG  1 
ATOM   910  O OD1 . ASP A 1 126 ? -0.696  -10.694 8.716   1.00 61.62  ? 201 ASP A OD1 1 
ATOM   911  O OD2 . ASP A 1 126 ? -2.598  -10.068 7.803   1.00 69.01  ? 201 ASP A OD2 1 
ATOM   912  N N   . VAL A 1 127 ? 1.622   -9.052  4.287   1.00 64.89  ? 202 VAL A N   1 
ATOM   913  C CA  . VAL A 1 127 ? 1.805   -9.220  2.843   1.00 65.28  ? 202 VAL A CA  1 
ATOM   914  C C   . VAL A 1 127 ? 3.237   -9.628  2.523   1.00 67.87  ? 202 VAL A C   1 
ATOM   915  O O   . VAL A 1 127 ? 4.183   -8.928  2.905   1.00 70.62  ? 202 VAL A O   1 
ATOM   916  C CB  . VAL A 1 127 ? 1.400   -7.953  2.072   1.00 67.38  ? 202 VAL A CB  1 
ATOM   917  C CG1 . VAL A 1 127 ? 1.766   -8.093  0.605   1.00 63.96  ? 202 VAL A CG1 1 
ATOM   918  C CG2 . VAL A 1 127 ? -0.105  -7.712  2.224   1.00 66.26  ? 202 VAL A CG2 1 
ATOM   919  N N   . PRO A 1 128 ? 3.441   -10.737 1.805   1.00 70.58  ? 203 PRO A N   1 
ATOM   920  C CA  . PRO A 1 128 ? 4.789   -11.290 1.524   1.00 63.10  ? 203 PRO A CA  1 
ATOM   921  C C   . PRO A 1 128 ? 5.550   -10.535 0.440   1.00 70.05  ? 203 PRO A C   1 
ATOM   922  O O   . PRO A 1 128 ? 5.803   -11.024 -0.680  1.00 71.62  ? 203 PRO A O   1 
ATOM   923  C CB  . PRO A 1 128 ? 4.464   -12.724 1.097   1.00 64.02  ? 203 PRO A CB  1 
ATOM   924  C CG  . PRO A 1 128 ? 3.136   -12.582 0.396   1.00 66.66  ? 203 PRO A CG  1 
ATOM   925  C CD  . PRO A 1 128 ? 2.374   -11.563 1.208   1.00 68.51  ? 203 PRO A CD  1 
ATOM   926  N N   . ILE A 1 129 ? 5.937   -9.302  0.744   1.00 67.75  ? 204 ILE A N   1 
ATOM   927  C CA  . ILE A 1 129 ? 6.782   -8.509  -0.139  1.00 68.24  ? 204 ILE A CA  1 
ATOM   928  C C   . ILE A 1 129 ? 8.123   -8.323  0.559   1.00 70.70  ? 204 ILE A C   1 
ATOM   929  O O   . ILE A 1 129 ? 8.178   -7.895  1.717   1.00 70.04  ? 204 ILE A O   1 
ATOM   930  C CB  . ILE A 1 129 ? 6.130   -7.162  -0.510  1.00 66.79  ? 204 ILE A CB  1 
ATOM   931  C CG1 . ILE A 1 129 ? 4.920   -7.398  -1.431  1.00 70.12  ? 204 ILE A CG1 1 
ATOM   932  C CG2 . ILE A 1 129 ? 7.129   -6.250  -1.206  1.00 65.94  ? 204 ILE A CG2 1 
ATOM   933  C CD1 . ILE A 1 129 ? 4.103   -6.142  -1.757  1.00 63.21  ? 204 ILE A CD1 1 
ATOM   934  N N   . TRP A 1 130 ? 9.191   -8.705  -0.120  1.00 68.96  ? 205 TRP A N   1 
ATOM   935  C CA  . TRP A 1 130 ? 10.516  -8.605  0.461   1.00 75.17  ? 205 TRP A CA  1 
ATOM   936  C C   . TRP A 1 130 ? 11.027  -7.175  0.378   1.00 73.89  ? 205 TRP A C   1 
ATOM   937  O O   . TRP A 1 130 ? 10.822  -6.484  -0.631  1.00 66.80  ? 205 TRP A O   1 
ATOM   938  C CB  . TRP A 1 130 ? 11.478  -9.558  -0.242  1.00 74.18  ? 205 TRP A CB  1 
ATOM   939  C CG  . TRP A 1 130 ? 11.554  -10.896 0.433   1.00 82.50  ? 205 TRP A CG  1 
ATOM   940  C CD1 . TRP A 1 130 ? 12.356  -11.247 1.500   1.00 78.07  ? 205 TRP A CD1 1 
ATOM   941  C CD2 . TRP A 1 130 ? 10.795  -12.065 0.099   1.00 78.48  ? 205 TRP A CD2 1 
ATOM   942  N NE1 . TRP A 1 130 ? 12.138  -12.562 1.836   1.00 87.95  ? 205 TRP A NE1 1 
ATOM   943  C CE2 . TRP A 1 130 ? 11.188  -13.087 0.993   1.00 83.63  ? 205 TRP A CE2 1 
ATOM   944  C CE3 . TRP A 1 130 ? 9.827   -12.349 -0.868  1.00 85.81  ? 205 TRP A CE3 1 
ATOM   945  C CZ2 . TRP A 1 130 ? 10.648  -14.370 0.942   1.00 88.05  ? 205 TRP A CZ2 1 
ATOM   946  C CZ3 . TRP A 1 130 ? 9.282   -13.626 -0.914  1.00 97.77  ? 205 TRP A CZ3 1 
ATOM   947  C CH2 . TRP A 1 130 ? 9.696   -14.621 -0.015  1.00 100.81 ? 205 TRP A CH2 1 
ATOM   948  N N   . LYS A 1 131 ? 11.672  -6.730  1.459   1.00 66.81  ? 206 LYS A N   1 
ATOM   949  C CA  . LYS A 1 131 ? 12.296  -5.418  1.538   1.00 69.79  ? 206 LYS A CA  1 
ATOM   950  C C   . LYS A 1 131 ? 13.800  -5.612  1.682   1.00 76.85  ? 206 LYS A C   1 
ATOM   951  O O   . LYS A 1 131 ? 14.256  -6.468  2.455   1.00 74.72  ? 206 LYS A O   1 
ATOM   952  C CB  . LYS A 1 131 ? 11.743  -4.593  2.713   1.00 66.86  ? 206 LYS A CB  1 
ATOM   953  C CG  . LYS A 1 131 ? 12.819  -4.266  3.770   1.00 81.03  ? 206 LYS A CG  1 
ATOM   954  C CD  . LYS A 1 131 ? 12.376  -3.397  4.956   1.00 84.94  ? 206 LYS A CD  1 
ATOM   955  C CE  . LYS A 1 131 ? 13.489  -3.424  6.022   1.00 76.83  ? 206 LYS A CE  1 
ATOM   956  N NZ  . LYS A 1 131 ? 13.378  -2.431  7.149   1.00 87.97  ? 206 LYS A NZ  1 
ATOM   957  N N   . LYS A 1 132 ? 14.564  -4.848  0.913   1.00 78.77  ? 207 LYS A N   1 
ATOM   958  C CA  . LYS A 1 132 ? 16.011  -4.771  1.090   1.00 74.79  ? 207 LYS A CA  1 
ATOM   959  C C   . LYS A 1 132 ? 16.356  -3.294  1.202   1.00 75.33  ? 207 LYS A C   1 
ATOM   960  O O   . LYS A 1 132 ? 16.178  -2.541  0.241   1.00 74.04  ? 207 LYS A O   1 
ATOM   961  C CB  . LYS A 1 132 ? 16.761  -5.457  -0.056  1.00 76.09  ? 207 LYS A CB  1 
ATOM   962  C CG  . LYS A 1 132 ? 16.447  -6.953  -0.170  1.00 80.19  ? 207 LYS A CG  1 
ATOM   963  C CD  . LYS A 1 132 ? 17.421  -7.709  -1.079  1.00 83.57  ? 207 LYS A CD  1 
ATOM   964  C CE  . LYS A 1 132 ? 16.853  -9.090  -1.456  1.00 90.22  ? 207 LYS A CE  1 
ATOM   965  N NZ  . LYS A 1 132 ? 17.777  -9.883  -2.326  1.00 95.60  ? 207 LYS A NZ  1 
ATOM   966  N N   . GLU A 1 133 ? 16.742  -2.876  2.410   1.00 76.84  ? 208 GLU A N   1 
ATOM   967  C CA  . GLU A 1 133 ? 17.014  -1.443  2.671   1.00 73.66  ? 208 GLU A CA  1 
ATOM   968  C C   . GLU A 1 133 ? 18.503  -1.235  2.936   1.00 77.11  ? 208 GLU A C   1 
ATOM   969  O O   . GLU A 1 133 ? 19.084  -2.019  3.704   1.00 75.44  ? 208 GLU A O   1 
ATOM   970  C CB  . GLU A 1 133 ? 16.198  -0.969  3.869   1.00 70.51  ? 208 GLU A CB  1 
ATOM   971  C CG  . GLU A 1 133 ? 16.359  0.516   4.171   1.00 74.57  ? 208 GLU A CG  1 
ATOM   972  C CD  . GLU A 1 133 ? 15.350  1.010   5.190   1.00 85.39  ? 208 GLU A CD  1 
ATOM   973  O OE1 . GLU A 1 133 ? 15.320  0.456   6.306   1.00 85.52  ? 208 GLU A OE1 1 
ATOM   974  O OE2 . GLU A 1 133 ? 14.597  1.949   4.865   1.00 90.96  ? 208 GLU A OE2 1 
ATOM   975  N N   . PHE A 1 134 ? 19.081  -0.210  2.327   1.00 75.99  ? 209 PHE A N   1 
ATOM   976  C CA  . PHE A 1 134 ? 20.495  0.100   2.473   1.00 69.34  ? 209 PHE A CA  1 
ATOM   977  C C   . PHE A 1 134 ? 20.686  1.450   3.148   1.00 73.80  ? 209 PHE A C   1 
ATOM   978  O O   . PHE A 1 134 ? 19.948  2.406   2.883   1.00 74.44  ? 209 PHE A O   1 
ATOM   979  C CB  . PHE A 1 134 ? 21.197  0.088   1.116   1.00 71.07  ? 209 PHE A CB  1 
ATOM   980  C CG  . PHE A 1 134 ? 21.231  -1.264  0.473   1.00 78.55  ? 209 PHE A CG  1 
ATOM   981  C CD1 . PHE A 1 134 ? 20.204  -1.676  -0.373  1.00 82.24  ? 209 PHE A CD1 1 
ATOM   982  C CD2 . PHE A 1 134 ? 22.278  -2.133  0.723   1.00 72.38  ? 209 PHE A CD2 1 
ATOM   983  C CE1 . PHE A 1 134 ? 20.233  -2.931  -0.966  1.00 79.77  ? 209 PHE A CE1 1 
ATOM   984  C CE2 . PHE A 1 134 ? 22.315  -3.385  0.134   1.00 81.02  ? 209 PHE A CE2 1 
ATOM   985  C CZ  . PHE A 1 134 ? 21.293  -3.783  -0.713  1.00 78.40  ? 209 PHE A CZ  1 
ATOM   986  N N   . ALA A 1 135 ? 21.667  1.510   4.040   1.00 71.06  ? 210 ALA A N   1 
ATOM   987  C CA  . ALA A 1 135 ? 22.111  2.755   4.640   1.00 73.75  ? 210 ALA A CA  1 
ATOM   988  C C   . ALA A 1 135 ? 23.462  3.131   4.046   1.00 74.72  ? 210 ALA A C   1 
ATOM   989  O O   . ALA A 1 135 ? 24.164  2.290   3.477   1.00 77.95  ? 210 ALA A O   1 
ATOM   990  C CB  . ALA A 1 135 ? 22.191  2.635   6.165   1.00 67.79  ? 210 ALA A CB  1 
ATOM   991  N N   . LEU A 1 136 ? 23.807  4.418   4.164   1.00 82.42  ? 211 LEU A N   1 
ATOM   992  C CA  . LEU A 1 136 ? 25.055  4.928   3.593   1.00 82.35  ? 211 LEU A CA  1 
ATOM   993  C C   . LEU A 1 136 ? 26.284  4.378   4.307   1.00 78.23  ? 211 LEU A C   1 
ATOM   994  O O   . LEU A 1 136 ? 27.361  4.308   3.708   1.00 83.76  ? 211 LEU A O   1 
ATOM   995  C CB  . LEU A 1 136 ? 25.073  6.462   3.636   1.00 83.75  ? 211 LEU A CB  1 
ATOM   996  C CG  . LEU A 1 136 ? 26.213  7.220   2.934   1.00 85.70  ? 211 LEU A CG  1 
ATOM   997  C CD1 . LEU A 1 136 ? 26.212  6.937   1.428   1.00 79.38  ? 211 LEU A CD1 1 
ATOM   998  C CD2 . LEU A 1 136 ? 26.119  8.722   3.204   1.00 73.86  ? 211 LEU A CD2 1 
ATOM   999  N N   . ASP A 1 137 ? 26.162  3.999   5.577   1.00 74.60  ? 212 ASP A N   1 
ATOM   1000 C CA  . ASP A 1 137 ? 27.304  3.511   6.337   1.00 77.28  ? 212 ASP A CA  1 
ATOM   1001 C C   . ASP A 1 137 ? 27.489  1.994   6.246   1.00 78.00  ? 212 ASP A C   1 
ATOM   1002 O O   . ASP A 1 137 ? 28.170  1.411   7.099   1.00 76.96  ? 212 ASP A O   1 
ATOM   1003 C CB  . ASP A 1 137 ? 27.191  3.942   7.802   1.00 76.68  ? 212 ASP A CB  1 
ATOM   1004 C CG  . ASP A 1 137 ? 25.949  3.405   8.475   1.00 83.91  ? 212 ASP A CG  1 
ATOM   1005 O OD1 . ASP A 1 137 ? 25.131  2.744   7.800   1.00 80.15  ? 212 ASP A OD1 1 
ATOM   1006 O OD2 . ASP A 1 137 ? 25.783  3.646   9.689   1.00 91.17  ? 212 ASP A OD2 1 
ATOM   1007 N N   . GLY A 1 138 ? 26.898  1.343   5.244   1.00 76.13  ? 213 GLY A N   1 
ATOM   1008 C CA  . GLY A 1 138 ? 27.123  -0.061  4.975   1.00 72.64  ? 213 GLY A CA  1 
ATOM   1009 C C   . GLY A 1 138 ? 26.033  -0.996  5.479   1.00 68.65  ? 213 GLY A C   1 
ATOM   1010 O O   . GLY A 1 138 ? 25.871  -2.093  4.928   1.00 69.74  ? 213 GLY A O   1 
ATOM   1011 N N   . VAL A 1 139 ? 25.280  -0.596  6.499   1.00 61.95  ? 214 VAL A N   1 
ATOM   1012 C CA  . VAL A 1 139 ? 24.296  -1.513  7.058   1.00 69.84  ? 214 VAL A CA  1 
ATOM   1013 C C   . VAL A 1 139 ? 23.172  -1.776  6.051   1.00 68.35  ? 214 VAL A C   1 
ATOM   1014 O O   . VAL A 1 139 ? 22.841  -0.938  5.199   1.00 64.83  ? 214 VAL A O   1 
ATOM   1015 C CB  . VAL A 1 139 ? 23.741  -0.989  8.397   1.00 69.01  ? 214 VAL A CB  1 
ATOM   1016 C CG1 . VAL A 1 139 ? 24.763  -0.110  9.121   1.00 68.43  ? 214 VAL A CG1 1 
ATOM   1017 C CG2 . VAL A 1 139 ? 22.470  -0.257  8.195   1.00 70.19  ? 214 VAL A CG2 1 
ATOM   1018 N N   . GLU A 1 140 ? 22.612  -2.979  6.115   1.00 64.92  ? 215 GLU A N   1 
ATOM   1019 C CA  . GLU A 1 140 ? 21.486  -3.355  5.271   1.00 76.08  ? 215 GLU A CA  1 
ATOM   1020 C C   . GLU A 1 140 ? 20.484  -4.162  6.089   1.00 69.95  ? 215 GLU A C   1 
ATOM   1021 O O   . GLU A 1 140 ? 20.867  -4.927  6.980   1.00 64.07  ? 215 GLU A O   1 
ATOM   1022 C CB  . GLU A 1 140 ? 21.947  -4.143  4.035   1.00 75.39  ? 215 GLU A CB  1 
ATOM   1023 C CG  . GLU A 1 140 ? 22.998  -5.213  4.314   1.00 83.84  ? 215 GLU A CG  1 
ATOM   1024 C CD  . GLU A 1 140 ? 23.909  -5.489  3.109   1.00 91.48  ? 215 GLU A CD  1 
ATOM   1025 O OE1 . GLU A 1 140 ? 24.495  -4.521  2.570   1.00 90.46  ? 215 GLU A OE1 1 
ATOM   1026 O OE2 . GLU A 1 140 ? 24.036  -6.670  2.699   1.00 95.21  ? 215 GLU A OE2 1 
ATOM   1027 N N   . TRP A 1 141 ? 19.198  -3.961  5.806   1.00 67.25  ? 216 TRP A N   1 
ATOM   1028 C CA  . TRP A 1 141 ? 18.118  -4.702  6.450   1.00 68.57  ? 216 TRP A CA  1 
ATOM   1029 C C   . TRP A 1 141 ? 17.320  -5.464  5.407   1.00 70.44  ? 216 TRP A C   1 
ATOM   1030 O O   . TRP A 1 141 ? 16.987  -4.916  4.349   1.00 68.45  ? 216 TRP A O   1 
ATOM   1031 C CB  . TRP A 1 141 ? 17.159  -3.787  7.198   1.00 63.77  ? 216 TRP A CB  1 
ATOM   1032 C CG  . TRP A 1 141 ? 17.765  -2.936  8.257   1.00 71.30  ? 216 TRP A CG  1 
ATOM   1033 C CD1 . TRP A 1 141 ? 17.892  -3.238  9.581   1.00 66.95  ? 216 TRP A CD1 1 
ATOM   1034 C CD2 . TRP A 1 141 ? 18.288  -1.612  8.093   1.00 69.99  ? 216 TRP A CD2 1 
ATOM   1035 N NE1 . TRP A 1 141 ? 18.468  -2.184  10.249  1.00 74.69  ? 216 TRP A NE1 1 
ATOM   1036 C CE2 . TRP A 1 141 ? 18.716  -1.173  9.356   1.00 68.18  ? 216 TRP A CE2 1 
ATOM   1037 C CE3 . TRP A 1 141 ? 18.433  -0.756  6.997   1.00 74.30  ? 216 TRP A CE3 1 
ATOM   1038 C CZ2 . TRP A 1 141 ? 19.276  0.081   9.556   1.00 71.42  ? 216 TRP A CZ2 1 
ATOM   1039 C CZ3 . TRP A 1 141 ? 18.992  0.488   7.196   1.00 70.10  ? 216 TRP A CZ3 1 
ATOM   1040 C CH2 . TRP A 1 141 ? 19.397  0.898   8.467   1.00 67.05  ? 216 TRP A CH2 1 
ATOM   1041 N N   . VAL A 1 142 ? 16.988  -6.712  5.718   1.00 69.79  ? 217 VAL A N   1 
ATOM   1042 C CA  . VAL A 1 142 ? 16.138  -7.526  4.864   1.00 67.12  ? 217 VAL A CA  1 
ATOM   1043 C C   . VAL A 1 142 ? 14.986  -8.058  5.703   1.00 74.48  ? 217 VAL A C   1 
ATOM   1044 O O   . VAL A 1 142 ? 15.164  -8.408  6.877   1.00 67.24  ? 217 VAL A O   1 
ATOM   1045 C CB  . VAL A 1 142 ? 16.900  -8.682  4.183   1.00 69.84  ? 217 VAL A CB  1 
ATOM   1046 C CG1 . VAL A 1 142 ? 15.975  -9.409  3.212   1.00 71.65  ? 217 VAL A CG1 1 
ATOM   1047 C CG2 . VAL A 1 142 ? 18.101  -8.155  3.438   1.00 67.07  ? 217 VAL A CG2 1 
ATOM   1048 N N   . ALA A 1 143 ? 13.801  -8.099  5.097   1.00 67.42  ? 218 ALA A N   1 
ATOM   1049 C CA  . ALA A 1 143 ? 12.611  -8.599  5.758   1.00 68.72  ? 218 ALA A CA  1 
ATOM   1050 C C   . ALA A 1 143 ? 11.600  -8.975  4.685   1.00 74.77  ? 218 ALA A C   1 
ATOM   1051 O O   . ALA A 1 143 ? 11.570  -8.372  3.607   1.00 69.77  ? 218 ALA A O   1 
ATOM   1052 C CB  . ALA A 1 143 ? 12.032  -7.563  6.725   1.00 65.26  ? 218 ALA A CB  1 
ATOM   1053 N N   . ASN A 1 144 ? 10.793  -9.996  4.984   1.00 74.25  ? 219 ASN A N   1 
ATOM   1054 C CA  . ASN A 1 144 ? 9.806   -10.522 4.049   1.00 69.51  ? 219 ASN A CA  1 
ATOM   1055 C C   . ASN A 1 144 ? 8.425   -9.927  4.292   1.00 68.88  ? 219 ASN A C   1 
ATOM   1056 O O   . ASN A 1 144 ? 7.405   -10.593 4.107   1.00 75.15  ? 219 ASN A O   1 
ATOM   1057 C CB  . ASN A 1 144 ? 9.769   -12.048 4.122   1.00 71.49  ? 219 ASN A CB  1 
ATOM   1058 C CG  . ASN A 1 144 ? 9.204   -12.554 5.431   1.00 70.51  ? 219 ASN A CG  1 
ATOM   1059 O OD1 . ASN A 1 144 ? 9.063   -11.802 6.396   1.00 66.30  ? 219 ASN A OD1 1 
ATOM   1060 N ND2 . ASN A 1 144 ? 8.871   -13.838 5.470   1.00 70.82  ? 219 ASN A ND2 1 
ATOM   1061 N N   . ARG A 1 145 ? 8.386   -8.703  4.749   1.00 72.28  ? 220 ARG A N   1 
ATOM   1062 C CA  . ARG A 1 145 ? 7.196   -7.898  4.933   1.00 70.33  ? 220 ARG A CA  1 
ATOM   1063 C C   . ARG A 1 145 ? 7.630   -6.496  4.538   1.00 71.52  ? 220 ARG A C   1 
ATOM   1064 O O   . ARG A 1 145 ? 8.827   -6.259  4.363   1.00 71.56  ? 220 ARG A O   1 
ATOM   1065 C CB  . ARG A 1 145 ? 6.691   -7.952  6.378   1.00 63.67  ? 220 ARG A CB  1 
ATOM   1066 C CG  . ARG A 1 145 ? 6.135   -9.297  6.809   1.00 71.26  ? 220 ARG A CG  1 
ATOM   1067 C CD  . ARG A 1 145 ? 4.706   -9.525  6.249   1.00 69.12  ? 220 ARG A CD  1 
ATOM   1068 N NE  . ARG A 1 145 ? 4.083   -10.739 6.773   1.00 64.03  ? 220 ARG A NE  1 
ATOM   1069 C CZ  . ARG A 1 145 ? 4.249   -11.949 6.247   1.00 72.42  ? 220 ARG A CZ  1 
ATOM   1070 N NH1 . ARG A 1 145 ? 5.011   -12.139 5.179   1.00 70.01  ? 220 ARG A NH1 1 
ATOM   1071 N NH2 . ARG A 1 145 ? 3.642   -12.995 6.812   1.00 63.34  ? 220 ARG A NH2 1 
ATOM   1072 N N   . PRO A 1 146 ? 6.713   -5.553  4.338   1.00 81.82  ? 221 PRO A N   1 
ATOM   1073 C CA  . PRO A 1 146 ? 7.300   -4.243  4.059   1.00 75.01  ? 221 PRO A CA  1 
ATOM   1074 C C   . PRO A 1 146 ? 7.090   -3.278  5.225   1.00 76.93  ? 221 PRO A C   1 
ATOM   1075 O O   . PRO A 1 146 ? 6.647   -2.148  5.003   1.00 84.47  ? 221 PRO A O   1 
ATOM   1076 C CB  . PRO A 1 146 ? 6.540   -3.802  2.809   1.00 74.14  ? 221 PRO A CB  1 
ATOM   1077 C CG  . PRO A 1 146 ? 5.181   -4.398  3.006   1.00 60.98  ? 221 PRO A CG  1 
ATOM   1078 C CD  . PRO A 1 146 ? 5.333   -5.656  3.835   1.00 60.76  ? 221 PRO A CD  1 
HETATM 1079 O O1  . MES B 2 .   ? -19.458 16.855  1.472   1.00 83.25  ? 301 MES A O1  1 
HETATM 1080 C C2  . MES B 2 .   ? -18.108 17.018  1.896   1.00 79.41  ? 301 MES A C2  1 
HETATM 1081 C C3  . MES B 2 .   ? -17.436 15.799  2.529   1.00 70.22  ? 301 MES A C3  1 
HETATM 1082 N N4  . MES B 2 .   ? -18.359 14.998  3.418   1.00 93.26  ? 301 MES A N4  1 
HETATM 1083 C C5  . MES B 2 .   ? -19.736 14.879  2.818   1.00 86.82  ? 301 MES A C5  1 
HETATM 1084 C C6  . MES B 2 .   ? -20.258 16.265  2.475   1.00 81.76  ? 301 MES A C6  1 
HETATM 1085 C C7  . MES B 2 .   ? -17.769 13.676  3.809   1.00 76.96  ? 301 MES A C7  1 
HETATM 1086 C C8  . MES B 2 .   ? -18.002 13.409  5.283   1.00 86.12  ? 301 MES A C8  1 
HETATM 1087 S S   . MES B 2 .   ? -19.628 12.675  5.591   1.00 85.39  ? 301 MES A S   1 
HETATM 1088 O O1S . MES B 2 .   ? -20.605 13.784  5.590   1.00 89.05  ? 301 MES A O1S 1 
HETATM 1089 O O2S . MES B 2 .   ? -19.566 11.957  6.876   1.00 83.12  ? 301 MES A O2S 1 
HETATM 1090 O O3S . MES B 2 .   ? -19.806 11.768  4.445   1.00 92.63  ? 301 MES A O3S 1 
HETATM 1091 C C1  . GOL C 3 .   ? -22.531 17.171  -0.034  1.00 80.50  ? 302 GOL A C1  1 
HETATM 1092 O O1  . GOL C 3 .   ? -21.159 17.553  -0.097  1.00 87.07  ? 302 GOL A O1  1 
HETATM 1093 C C2  . GOL C 3 .   ? -22.685 15.741  -0.529  1.00 81.80  ? 302 GOL A C2  1 
HETATM 1094 O O2  . GOL C 3 .   ? -22.470 14.818  0.521   1.00 88.31  ? 302 GOL A O2  1 
HETATM 1095 C C3  . GOL C 3 .   ? -24.021 15.521  -1.226  1.00 82.49  ? 302 GOL A C3  1 
HETATM 1096 O O3  . GOL C 3 .   ? -24.944 15.002  -0.292  1.00 85.05  ? 302 GOL A O3  1 
HETATM 1097 C C1  . GOL D 3 .   ? -12.429 -1.247  -6.726  1.00 77.74  ? 303 GOL A C1  1 
HETATM 1098 O O1  . GOL D 3 .   ? -11.261 -1.253  -5.914  1.00 76.84  ? 303 GOL A O1  1 
HETATM 1099 C C2  . GOL D 3 .   ? -13.746 -1.312  -5.949  1.00 81.88  ? 303 GOL A C2  1 
HETATM 1100 O O2  . GOL D 3 .   ? -14.795 -0.877  -6.806  1.00 83.13  ? 303 GOL A O2  1 
HETATM 1101 C C3  . GOL D 3 .   ? -14.058 -2.699  -5.380  1.00 79.44  ? 303 GOL A C3  1 
HETATM 1102 O O3  . GOL D 3 .   ? -15.474 -2.897  -5.373  1.00 78.37  ? 303 GOL A O3  1 
HETATM 1103 O O   . HOH E 4 .   ? 19.424  12.303  6.700   1.00 89.57  ? 401 HOH A O   1 
HETATM 1104 O O   . HOH E 4 .   ? -16.647 -11.435 2.891   1.00 87.78  ? 402 HOH A O   1 
HETATM 1105 O O   . HOH E 4 .   ? -7.065  -10.057 6.425   1.00 68.56  ? 403 HOH A O   1 
HETATM 1106 O O   . HOH E 4 .   ? -16.458 4.484   12.470  1.00 80.82  ? 404 HOH A O   1 
HETATM 1107 O O   . HOH E 4 .   ? -6.685  5.127   12.675  1.00 66.68  ? 405 HOH A O   1 
HETATM 1108 O O   . HOH E 4 .   ? 6.385   5.566   -6.573  1.00 58.32  ? 406 HOH A O   1 
HETATM 1109 O O   . HOH E 4 .   ? -8.526  -5.845  -12.025 1.00 65.33  ? 407 HOH A O   1 
HETATM 1110 O O   . HOH E 4 .   ? 7.654   12.109  -0.702  1.00 57.34  ? 408 HOH A O   1 
HETATM 1111 O O   . HOH E 4 .   ? -3.355  5.759   15.513  1.00 71.24  ? 409 HOH A O   1 
HETATM 1112 O O   . HOH E 4 .   ? -15.621 2.666   -7.542  1.00 64.11  ? 410 HOH A O   1 
HETATM 1113 O O   . HOH E 4 .   ? 0.694   9.886   -7.384  1.00 71.26  ? 411 HOH A O   1 
HETATM 1114 O O   . HOH E 4 .   ? -19.189 11.386  -5.106  1.00 55.19  ? 412 HOH A O   1 
HETATM 1115 O O   . HOH E 4 .   ? 15.360  11.201  -3.719  1.00 66.60  ? 413 HOH A O   1 
HETATM 1116 O O   . HOH E 4 .   ? -24.483 7.161   -0.782  1.00 65.31  ? 414 HOH A O   1 
HETATM 1117 O O   . HOH E 4 .   ? -16.490 9.627   -5.432  1.00 57.04  ? 415 HOH A O   1 
HETATM 1118 O O   . HOH E 4 .   ? 6.755   8.273   -5.878  1.00 70.47  ? 416 HOH A O   1 
HETATM 1119 O O   . HOH E 4 .   ? -10.470 -11.909 9.385   1.00 82.47  ? 417 HOH A O   1 
HETATM 1120 O O   . HOH E 4 .   ? -10.997 -11.963 4.093   1.00 75.21  ? 418 HOH A O   1 
HETATM 1121 O O   . HOH E 4 .   ? -21.286 -3.226  0.467   1.00 59.69  ? 419 HOH A O   1 
HETATM 1122 O O   . HOH E 4 .   ? -17.328 -2.832  -2.984  1.00 69.56  ? 420 HOH A O   1 
HETATM 1123 O O   . HOH E 4 .   ? -16.070 0.968   8.757   1.00 69.20  ? 421 HOH A O   1 
HETATM 1124 O O   . HOH E 4 .   ? 5.603   -0.622  2.280   1.00 67.33  ? 422 HOH A O   1 
HETATM 1125 O O   . HOH E 4 .   ? 17.290  13.709  2.620   1.00 67.20  ? 423 HOH A O   1 
HETATM 1126 O O   . HOH E 4 .   ? -19.204 9.487   9.058   1.00 67.27  ? 424 HOH A O   1 
HETATM 1127 O O   . HOH E 4 .   ? -1.529  10.406  -12.465 1.00 82.78  ? 425 HOH A O   1 
HETATM 1128 O O   . HOH E 4 .   ? -19.624 5.696   8.309   1.00 61.56  ? 426 HOH A O   1 
HETATM 1129 O O   . HOH E 4 .   ? -19.327 -1.642  -3.206  1.00 77.94  ? 427 HOH A O   1 
HETATM 1130 O O   . HOH E 4 .   ? 5.623   -15.471 4.824   1.00 73.88  ? 428 HOH A O   1 
# 
